data_8CBL
#
_entry.id   8CBL
#
_cell.length_a   1.00
_cell.length_b   1.00
_cell.length_c   1.00
_cell.angle_alpha   90.00
_cell.angle_beta   90.00
_cell.angle_gamma   90.00
#
_symmetry.space_group_name_H-M   'P 1'
#
loop_
_entity.id
_entity.type
_entity.pdbx_description
1 polymer '3-hydroxyacyl-CoA dehydrogenase type-2'
2 polymer 'Zinc phosphodiesterase ELAC protein 2'
3 polymer 'tRNA methyltransferase 10 homolog C'
4 polymer 'Mitochondrial Precursor tRNA-His(0,Ser)'
5 non-polymer NICOTINAMIDE-ADENINE-DINUCLEOTIDE
6 non-polymer 'ZINC ION'
7 non-polymer S-ADENOSYL-L-HOMOCYSTEINE
#
loop_
_entity_poly.entity_id
_entity_poly.type
_entity_poly.pdbx_seq_one_letter_code
_entity_poly.pdbx_strand_id
1 'polypeptide(L)'
;MAAACRSVKGLVAVITGGASGLGLATAERLVGQGASAVLLDLPNSGGEAQAKKLGNNCVFAPADVTSEKDVQTALALAKG
KFGRVDVAVNCAGIAVASKTYNLKKGQTHTLEDFQRVLDVNLMGTFNVIRLVAGEMGQNEPDQGGQRGVIINTASVAAFE
GQVGQAAYSASKGGIVGMTLPIARDLAPIGIRVMTIAPGLFGTPLLTSLPEKVCNFLASQVPFPSRLGDPAEYAHLVQAI
IENPFLNGEVIRLDGAIRMQP
;
A,B,C,D
2 'polypeptide(L)'
;MWALCSLLRSAAGRTMSQGRTISQAPARRERPRKDPLRHLRTREKRGPSGCSGGPNTVYLQVVAAGSRDSGAALYVFSEF
NRYLFNCGEGVQRLMQEHKLKVARLDNIFLTRMHWSNVGGLSGMILTLKETGLPKCVLSGPPQLEKYLEAIKIFSGPLKG
IELAVRPHSAPEYEDETMTVYQIPIHSEQRRGKHQPWQSPERPLSRLSPERSSDSESNENEPHLPHGVSQRRGVRDSSLV
VAFICKLHLKRGNFLVLKAKEMGLPVGTAAIAPIIAAVKDGKSITHEGREILAEELCTPPDPGAAFVVVECPDESFIQPI
CENATFQRYQGKADAPVALVVHMAPASVLVDSRYQQWMERFGPDTQHLVLNENCASVHNLRSHKIQTQLNLIHPDIFPLL
TSFRCKKEGPTLSVPMVQGECLLKYQLRPRREWQRDAIITCNPEEFIVEALQLPNFQQSVQEYRRSAQDGPAPAEKRSQY
PEIIFLGTGSAIPMKIRNVSATLVNISPDTSLLLDCGEGTFGQLCRHYGDQVDRVLGTLAAVFVSHLAADHHTGLPSILL
QRERALASLGKPLHPLLVVAPNQLKAWLQQYHNQCQEVLHHISMIPAKCLQEGAEISSPAVERLISSLLRTCDLEEFQTC
LVRHCKHAFGCALVHTSGWKVVYSGDTMPCEALVRMGKDATLLIHEATLEDGLEEEAVEKTHSTTSQAISVGMRMNAEFI
MLNHFSQRYAKVPLFSPNFSEKVGVAFDHMKVCFGDFPTMPKLIPPLKALFAGDIEEMEERREKRELRQVRAALLSRELA
GGLEDGEPQQKRAHTEEPQAKKVRAQ
;
E
3 'polypeptide(L)'
;MHHHHHHSSGVDLGTENLYFQSMSSKIPAVTYPKNESTPPSEELELDKWKTTMKSSVQEECVSTISSSKDEDPLAATREF
IEMWRLLGREVPEHITEEELKTLMECVSNTAKKKYLKYLYTKEKVKKARQIKKEMKAAAREEAKNIKLLETTEEDKQKNF
LFLRLWDRNMDIAMGWKGAQAMQFGQPLVFDMAYENYMKRKELQNTVSQLLESEGWNRRNVDPFHIYFCNLKIDGALHRE
LVKRYQEKWDKLLLTSTEKSHVDLFPKDSIIYLTADSPNVMTTFRHDKVYVIGSFVDKSMQPGTSLAKAKRLNLATECLP
LDKYLQWEIGNKNLTLDQMIRILLCLKNNGNWQEALQFVPKRKHTGFLEISQHSQEFINRLKKAKTAENLYFQSHHHHHH
DYKDDDDK
;
F
4 'polyribonucleotide'
;GUAAAUAUAGUUUAACCAAAACAUCAGAUUGUGAAUCUGACAACAGAGGCUUACGACCCCUUAUUUACCGAGAAAGCUCA
CAAGAACUGCUAACUCAUGCCCCCAUGUCUAACAACAUGGCUUUCUCA
;
T
#
loop_
_chem_comp.id
_chem_comp.type
_chem_comp.name
_chem_comp.formula
A RNA linking ADENOSINE-5'-MONOPHOSPHATE 'C10 H14 N5 O7 P'
C RNA linking CYTIDINE-5'-MONOPHOSPHATE 'C9 H14 N3 O8 P'
G RNA linking GUANOSINE-5'-MONOPHOSPHATE 'C10 H14 N5 O8 P'
NAD non-polymer NICOTINAMIDE-ADENINE-DINUCLEOTIDE 'C21 H27 N7 O14 P2'
SAH non-polymer S-ADENOSYL-L-HOMOCYSTEINE 'C14 H20 N6 O5 S'
U RNA linking URIDINE-5'-MONOPHOSPHATE 'C9 H13 N2 O9 P'
ZN non-polymer 'ZINC ION' 'Zn 2'
#
# COMPACT_ATOMS: atom_id res chain seq x y z
N SER A 7 45.85 23.80 27.19
CA SER A 7 45.45 23.70 25.79
C SER A 7 45.83 22.35 25.21
N VAL A 8 45.68 22.21 23.89
CA VAL A 8 46.02 20.98 23.17
C VAL A 8 47.15 21.21 22.18
N LYS A 9 47.85 22.33 22.30
CA LYS A 9 48.96 22.63 21.40
C LYS A 9 50.10 21.65 21.62
N GLY A 10 50.60 21.06 20.54
CA GLY A 10 51.68 20.11 20.59
C GLY A 10 51.26 18.66 20.75
N LEU A 11 50.00 18.40 21.11
CA LEU A 11 49.52 17.03 21.22
C LEU A 11 49.51 16.37 19.84
N VAL A 12 49.70 15.06 19.83
CA VAL A 12 49.65 14.25 18.61
C VAL A 12 48.46 13.32 18.74
N ALA A 13 47.54 13.39 17.77
CA ALA A 13 46.33 12.61 17.78
C ALA A 13 46.28 11.69 16.57
N VAL A 14 46.07 10.40 16.81
CA VAL A 14 45.83 9.42 15.77
C VAL A 14 44.33 9.25 15.65
N ILE A 15 43.76 9.68 14.54
CA ILE A 15 42.32 9.66 14.32
C ILE A 15 42.03 8.60 13.26
N THR A 16 41.36 7.53 13.67
CA THR A 16 40.94 6.51 12.73
C THR A 16 39.66 6.96 12.03
N GLY A 17 39.56 6.66 10.74
CA GLY A 17 38.46 7.19 9.96
C GLY A 17 38.46 8.71 9.89
N GLY A 18 39.65 9.32 9.87
CA GLY A 18 39.82 10.75 9.94
C GLY A 18 39.72 11.48 8.62
N ALA A 19 39.33 10.79 7.55
CA ALA A 19 39.19 11.42 6.25
C ALA A 19 37.77 11.93 5.98
N SER A 20 36.82 11.63 6.86
CA SER A 20 35.43 11.97 6.59
C SER A 20 34.64 12.06 7.89
N GLY A 21 33.64 12.93 7.88
CA GLY A 21 32.66 12.94 8.97
C GLY A 21 33.26 13.35 10.30
N LEU A 22 32.93 12.57 11.33
CA LEU A 22 33.33 12.92 12.69
C LEU A 22 34.85 12.95 12.83
N GLY A 23 35.54 11.97 12.25
CA GLY A 23 36.99 11.96 12.34
C GLY A 23 37.62 13.17 11.67
N LEU A 24 37.10 13.55 10.49
CA LEU A 24 37.62 14.72 9.81
C LEU A 24 37.36 15.98 10.61
N ALA A 25 36.17 16.10 11.22
CA ALA A 25 35.88 17.27 12.04
C ALA A 25 36.81 17.33 13.25
N THR A 26 37.05 16.19 13.89
CA THR A 26 37.97 16.17 15.02
C THR A 26 39.37 16.57 14.59
N ALA A 27 39.84 16.05 13.46
CA ALA A 27 41.16 16.43 12.96
C ALA A 27 41.23 17.92 12.67
N GLU A 28 40.19 18.47 12.03
CA GLU A 28 40.17 19.90 11.74
C GLU A 28 40.27 20.71 13.01
N ARG A 29 39.44 20.39 14.01
CA ARG A 29 39.44 21.16 15.24
C ARG A 29 40.79 21.06 15.94
N LEU A 30 41.32 19.85 16.08
CA LEU A 30 42.56 19.68 16.82
C LEU A 30 43.72 20.38 16.12
N VAL A 31 43.80 20.26 14.79
CA VAL A 31 44.91 20.89 14.08
C VAL A 31 44.77 22.41 14.12
N GLY A 32 43.55 22.93 14.03
CA GLY A 32 43.36 24.36 14.16
C GLY A 32 43.74 24.87 15.53
N GLN A 33 43.49 24.07 16.56
CA GLN A 33 43.90 24.43 17.92
C GLN A 33 45.40 24.38 18.11
N GLY A 34 46.15 23.81 17.17
CA GLY A 34 47.59 23.71 17.27
C GLY A 34 48.15 22.32 17.50
N ALA A 35 47.34 21.28 17.33
CA ALA A 35 47.79 19.91 17.55
C ALA A 35 48.28 19.29 16.25
N SER A 36 48.80 18.08 16.36
CA SER A 36 49.28 17.30 15.21
C SER A 36 48.36 16.10 15.01
N ALA A 37 48.09 15.77 13.76
CA ALA A 37 47.09 14.77 13.43
C ALA A 37 47.64 13.74 12.46
N VAL A 38 47.24 12.49 12.67
CA VAL A 38 47.51 11.40 11.74
C VAL A 38 46.18 10.77 11.40
N LEU A 39 45.71 10.99 10.18
CA LEU A 39 44.43 10.47 9.73
C LEU A 39 44.64 9.03 9.28
N LEU A 40 44.32 8.09 10.17
CA LEU A 40 44.46 6.66 9.88
C LEU A 40 43.19 6.21 9.16
N ASP A 41 43.27 5.99 7.86
CA ASP A 41 42.08 5.71 7.07
C ASP A 41 42.44 4.76 5.93
N LEU A 42 41.41 4.35 5.18
CA LEU A 42 41.60 3.45 4.08
C LEU A 42 42.33 4.15 2.93
N PRO A 43 43.13 3.42 2.15
CA PRO A 43 43.91 4.06 1.08
C PRO A 43 43.05 4.71 0.00
N ASN A 44 41.79 4.31 -0.16
CA ASN A 44 40.93 4.81 -1.21
C ASN A 44 39.88 5.78 -0.69
N SER A 45 40.10 6.33 0.50
CA SER A 45 39.10 7.14 1.20
C SER A 45 39.30 8.63 1.00
N GLY A 46 40.28 9.04 0.19
CA GLY A 46 40.54 10.46 0.04
C GLY A 46 41.22 11.10 1.22
N GLY A 47 41.92 10.31 2.05
CA GLY A 47 42.57 10.87 3.22
C GLY A 47 43.71 11.80 2.88
N GLU A 48 44.46 11.49 1.83
CA GLU A 48 45.63 12.30 1.49
C GLU A 48 45.22 13.72 1.14
N ALA A 49 44.12 13.88 0.40
CA ALA A 49 43.66 15.22 0.05
C ALA A 49 43.26 16.01 1.30
N GLN A 50 42.58 15.35 2.24
CA GLN A 50 42.21 16.03 3.48
C GLN A 50 43.45 16.44 4.27
N ALA A 51 44.45 15.55 4.33
CA ALA A 51 45.68 15.88 5.04
C ALA A 51 46.38 17.06 4.39
N LYS A 52 46.41 17.10 3.06
CA LYS A 52 46.99 18.24 2.37
C LYS A 52 46.23 19.53 2.67
N LYS A 53 44.90 19.45 2.65
CA LYS A 53 44.09 20.64 2.91
C LYS A 53 44.25 21.13 4.34
N LEU A 54 44.53 20.22 5.28
CA LEU A 54 44.60 20.62 6.69
C LEU A 54 45.88 21.38 6.99
N GLY A 55 47.01 20.96 6.41
CA GLY A 55 48.25 21.66 6.57
C GLY A 55 49.40 20.70 6.81
N ASN A 56 50.51 21.24 7.30
CA ASN A 56 51.71 20.46 7.54
C ASN A 56 51.73 19.80 8.91
N ASN A 57 50.76 20.09 9.77
CA ASN A 57 50.63 19.42 11.06
C ASN A 57 49.76 18.18 10.98
N CYS A 58 49.28 17.82 9.79
CA CYS A 58 48.46 16.63 9.59
C CYS A 58 49.05 15.78 8.50
N VAL A 59 49.05 14.46 8.71
CA VAL A 59 49.53 13.50 7.73
C VAL A 59 48.46 12.42 7.59
N PHE A 60 48.55 11.66 6.49
CA PHE A 60 47.60 10.60 6.18
C PHE A 60 48.29 9.25 6.25
N ALA A 61 47.70 8.33 7.00
CA ALA A 61 48.19 6.97 7.12
C ALA A 61 47.20 6.01 6.47
N PRO A 62 47.51 5.44 5.30
CA PRO A 62 46.59 4.47 4.70
C PRO A 62 46.61 3.16 5.46
N ALA A 63 45.53 2.85 6.17
CA ALA A 63 45.49 1.64 6.98
C ALA A 63 44.05 1.16 7.09
N ASP A 64 43.91 -0.13 7.37
CA ASP A 64 42.63 -0.75 7.69
C ASP A 64 42.66 -1.18 9.14
N VAL A 65 41.75 -0.64 9.95
CA VAL A 65 41.77 -0.93 11.38
C VAL A 65 41.57 -2.41 11.66
N THR A 66 40.99 -3.14 10.70
CA THR A 66 40.81 -4.57 10.87
C THR A 66 42.10 -5.37 10.71
N SER A 67 43.19 -4.72 10.32
CA SER A 67 44.46 -5.38 10.08
C SER A 67 45.49 -4.89 11.10
N GLU A 68 46.18 -5.83 11.74
CA GLU A 68 47.21 -5.46 12.70
C GLU A 68 48.41 -4.81 12.01
N LYS A 69 48.81 -5.35 10.86
CA LYS A 69 49.99 -4.83 10.17
C LYS A 69 49.77 -3.41 9.67
N ASP A 70 48.58 -3.13 9.12
CA ASP A 70 48.31 -1.79 8.63
C ASP A 70 48.32 -0.77 9.77
N VAL A 71 47.71 -1.10 10.89
CA VAL A 71 47.69 -0.19 12.02
C VAL A 71 49.10 -0.02 12.59
N GLN A 72 49.89 -1.09 12.61
CA GLN A 72 51.27 -0.97 13.06
C GLN A 72 52.07 -0.05 12.16
N THR A 73 51.88 -0.15 10.84
CA THR A 73 52.55 0.74 9.92
C THR A 73 52.11 2.18 10.12
N ALA A 74 50.81 2.40 10.36
CA ALA A 74 50.32 3.75 10.60
C ALA A 74 50.92 4.34 11.87
N LEU A 75 50.99 3.55 12.93
CA LEU A 75 51.57 4.04 14.18
C LEU A 75 53.06 4.30 14.03
N ALA A 76 53.76 3.46 13.26
CA ALA A 76 55.17 3.72 12.99
C ALA A 76 55.34 5.03 12.23
N LEU A 77 54.47 5.28 11.24
CA LEU A 77 54.52 6.55 10.52
C LEU A 77 54.27 7.72 11.45
N ALA A 78 53.28 7.60 12.33
CA ALA A 78 52.97 8.67 13.27
C ALA A 78 54.15 8.95 14.18
N LYS A 79 54.79 7.91 14.71
CA LYS A 79 55.95 8.11 15.56
C LYS A 79 57.10 8.75 14.79
N GLY A 80 57.31 8.31 13.55
CA GLY A 80 58.39 8.88 12.76
C GLY A 80 58.19 10.36 12.49
N LYS A 81 56.98 10.74 12.09
CA LYS A 81 56.72 12.13 11.73
C LYS A 81 56.77 13.03 12.97
N PHE A 82 56.08 12.63 14.04
CA PHE A 82 55.88 13.52 15.19
C PHE A 82 56.63 13.07 16.44
N GLY A 83 56.92 11.79 16.59
CA GLY A 83 57.73 11.30 17.68
C GLY A 83 56.96 10.68 18.83
N ARG A 84 55.65 10.93 18.93
CA ARG A 84 54.88 10.39 20.04
C ARG A 84 53.41 10.38 19.66
N VAL A 85 52.65 9.59 20.41
CA VAL A 85 51.19 9.54 20.29
C VAL A 85 50.61 9.87 21.66
N ASP A 86 49.74 10.88 21.70
CA ASP A 86 49.11 11.33 22.93
C ASP A 86 47.62 11.06 22.97
N VAL A 87 46.93 11.19 21.84
CA VAL A 87 45.49 10.98 21.77
C VAL A 87 45.21 9.98 20.66
N ALA A 88 44.17 9.19 20.86
CA ALA A 88 43.71 8.24 19.84
C ALA A 88 42.19 8.29 19.77
N VAL A 89 41.67 8.80 18.66
CA VAL A 89 40.22 8.92 18.47
C VAL A 89 39.80 7.85 17.48
N ASN A 90 39.06 6.86 17.96
CA ASN A 90 38.53 5.78 17.12
C ASN A 90 37.18 6.23 16.57
N CYS A 91 37.20 6.72 15.33
CA CYS A 91 35.98 7.16 14.64
C CYS A 91 35.77 6.42 13.33
N ALA A 92 36.38 5.24 13.17
CA ALA A 92 36.21 4.44 11.97
C ALA A 92 35.11 3.41 12.20
N GLY A 93 34.14 3.38 11.30
CA GLY A 93 33.05 2.43 11.44
C GLY A 93 32.12 2.53 10.26
N ILE A 94 31.27 1.49 10.14
CA ILE A 94 30.31 1.39 9.06
C ILE A 94 28.96 1.01 9.65
N ALA A 95 27.91 1.26 8.87
CA ALA A 95 26.54 0.96 9.26
C ALA A 95 25.92 -0.03 8.30
N VAL A 96 25.03 -0.86 8.81
CA VAL A 96 24.30 -1.84 8.03
C VAL A 96 22.84 -1.80 8.45
N ALA A 97 21.93 -1.74 7.48
CA ALA A 97 20.50 -1.73 7.73
C ALA A 97 19.93 -3.06 7.22
N SER A 98 19.83 -4.02 8.12
CA SER A 98 19.33 -5.34 7.79
C SER A 98 18.58 -5.90 8.98
N LYS A 99 17.38 -6.41 8.73
CA LYS A 99 16.56 -6.99 9.79
C LYS A 99 17.03 -8.41 10.10
N THR A 100 16.92 -8.78 11.38
CA THR A 100 17.34 -10.11 11.80
C THR A 100 16.62 -11.19 10.98
N TYR A 101 15.30 -11.08 10.88
CA TYR A 101 14.52 -12.02 10.08
C TYR A 101 13.24 -11.33 9.66
N ASN A 102 12.82 -11.59 8.43
CA ASN A 102 11.60 -11.02 7.86
C ASN A 102 10.68 -12.19 7.49
N LEU A 103 9.65 -12.42 8.30
CA LEU A 103 8.77 -13.55 8.07
C LEU A 103 8.02 -13.40 6.75
N LYS A 104 7.51 -12.20 6.45
CA LYS A 104 6.74 -12.00 5.24
C LYS A 104 7.59 -12.24 3.99
N LYS A 105 8.82 -11.73 4.00
CA LYS A 105 9.72 -11.86 2.87
C LYS A 105 10.58 -13.12 2.94
N GLY A 106 10.54 -13.85 4.05
CA GLY A 106 11.40 -15.01 4.21
C GLY A 106 12.87 -14.71 4.22
N GLN A 107 13.23 -13.45 4.42
CA GLN A 107 14.62 -13.02 4.34
C GLN A 107 15.27 -13.09 5.72
N THR A 108 16.49 -13.62 5.75
CA THR A 108 17.25 -13.80 6.98
C THR A 108 18.52 -12.95 6.92
N HIS A 109 18.87 -12.35 8.05
CA HIS A 109 20.10 -11.58 8.12
C HIS A 109 21.29 -12.46 7.73
N THR A 110 22.16 -11.91 6.88
CA THR A 110 23.33 -12.64 6.42
C THR A 110 24.43 -12.58 7.47
N LEU A 111 24.99 -13.74 7.80
CA LEU A 111 26.06 -13.79 8.79
C LEU A 111 27.26 -12.96 8.35
N GLU A 112 27.46 -12.83 7.04
CA GLU A 112 28.59 -12.05 6.54
C GLU A 112 28.44 -10.58 6.90
N ASP A 113 27.24 -10.02 6.80
CA ASP A 113 27.04 -8.62 7.16
C ASP A 113 27.33 -8.39 8.63
N PHE A 114 26.81 -9.27 9.49
CA PHE A 114 27.07 -9.16 10.92
C PHE A 114 28.57 -9.23 11.20
N GLN A 115 29.25 -10.20 10.56
CA GLN A 115 30.68 -10.36 10.79
C GLN A 115 31.45 -9.13 10.31
N ARG A 116 31.08 -8.58 9.17
CA ARG A 116 31.77 -7.41 8.64
C ARG A 116 31.59 -6.20 9.56
N VAL A 117 30.37 -5.96 10.02
CA VAL A 117 30.12 -4.84 10.91
C VAL A 117 30.89 -5.02 12.22
N LEU A 118 30.88 -6.24 12.76
CA LEU A 118 31.63 -6.48 13.98
C LEU A 118 33.12 -6.28 13.77
N ASP A 119 33.65 -6.74 12.63
CA ASP A 119 35.08 -6.64 12.38
C ASP A 119 35.52 -5.18 12.27
N VAL A 120 34.73 -4.36 11.59
CA VAL A 120 35.14 -2.97 11.42
C VAL A 120 34.86 -2.15 12.68
N ASN A 121 33.62 -2.20 13.18
CA ASN A 121 33.24 -1.31 14.27
C ASN A 121 33.87 -1.72 15.59
N LEU A 122 33.84 -3.01 15.92
CA LEU A 122 34.24 -3.48 17.23
C LEU A 122 35.65 -4.06 17.25
N MET A 123 35.96 -5.00 16.37
CA MET A 123 37.28 -5.60 16.35
C MET A 123 38.35 -4.58 15.97
N GLY A 124 38.04 -3.72 14.98
CA GLY A 124 39.02 -2.72 14.57
C GLY A 124 39.31 -1.72 15.67
N THR A 125 38.28 -1.31 16.40
CA THR A 125 38.47 -0.37 17.50
C THR A 125 39.40 -0.95 18.56
N PHE A 126 39.16 -2.20 18.95
CA PHE A 126 40.03 -2.82 19.94
C PHE A 126 41.44 -3.03 19.41
N ASN A 127 41.56 -3.38 18.13
CA ASN A 127 42.89 -3.51 17.53
C ASN A 127 43.66 -2.20 17.66
N VAL A 128 43.03 -1.10 17.27
CA VAL A 128 43.68 0.20 17.36
C VAL A 128 44.01 0.54 18.81
N ILE A 129 43.07 0.27 19.73
CA ILE A 129 43.29 0.61 21.13
C ILE A 129 44.50 -0.14 21.67
N ARG A 130 44.54 -1.46 21.47
CA ARG A 130 45.62 -2.25 22.03
C ARG A 130 46.95 -1.88 21.40
N LEU A 131 46.97 -1.59 20.09
CA LEU A 131 48.24 -1.24 19.47
C LEU A 131 48.72 0.13 19.89
N VAL A 132 47.83 1.12 19.97
CA VAL A 132 48.24 2.48 20.31
C VAL A 132 48.57 2.63 21.79
N ALA A 133 48.01 1.78 22.65
CA ALA A 133 48.41 1.79 24.04
C ALA A 133 49.90 1.47 24.18
N GLY A 134 50.43 0.62 23.31
CA GLY A 134 51.85 0.32 23.38
C GLY A 134 52.72 1.54 23.15
N GLU A 135 52.38 2.36 22.16
CA GLU A 135 53.16 3.57 21.92
C GLU A 135 52.92 4.61 23.01
N MET A 136 51.67 4.77 23.46
CA MET A 136 51.42 5.74 24.52
C MET A 136 52.04 5.32 25.85
N GLY A 137 52.37 4.03 26.02
CA GLY A 137 53.10 3.61 27.19
C GLY A 137 54.55 4.05 27.21
N GLN A 138 55.13 4.31 26.04
CA GLN A 138 56.49 4.83 25.98
C GLN A 138 56.57 6.31 26.32
N ASN A 139 55.43 6.98 26.45
CA ASN A 139 55.43 8.40 26.78
C ASN A 139 55.86 8.61 28.23
N GLU A 140 56.59 9.69 28.46
CA GLU A 140 56.89 10.09 29.82
C GLU A 140 55.61 10.53 30.50
N PRO A 141 55.29 10.02 31.69
CA PRO A 141 54.03 10.41 32.34
C PRO A 141 53.98 11.91 32.61
N ASP A 142 52.78 12.45 32.52
CA ASP A 142 52.55 13.87 32.76
C ASP A 142 52.72 14.18 34.25
N GLN A 143 52.49 15.44 34.61
CA GLN A 143 52.54 15.82 36.02
C GLN A 143 51.49 15.06 36.82
N GLY A 144 50.35 14.77 36.23
CA GLY A 144 49.33 13.95 36.84
C GLY A 144 49.48 12.47 36.59
N GLY A 145 50.55 12.05 35.91
CA GLY A 145 50.75 10.66 35.58
C GLY A 145 50.06 10.19 34.32
N GLN A 146 49.49 11.11 33.54
CA GLN A 146 48.75 10.73 32.34
C GLN A 146 49.70 10.53 31.17
N ARG A 147 49.55 9.40 30.48
CA ARG A 147 50.35 9.10 29.31
C ARG A 147 49.58 9.28 28.00
N GLY A 148 48.27 9.37 28.05
CA GLY A 148 47.50 9.62 26.85
C GLY A 148 46.02 9.34 27.08
N VAL A 149 45.24 9.64 26.05
CA VAL A 149 43.79 9.50 26.09
C VAL A 149 43.33 8.74 24.85
N ILE A 150 42.38 7.84 25.04
CA ILE A 150 41.74 7.12 23.95
C ILE A 150 40.25 7.41 24.03
N ILE A 151 39.68 7.92 22.93
CA ILE A 151 38.26 8.23 22.84
C ILE A 151 37.67 7.37 21.73
N ASN A 152 36.79 6.44 22.10
CA ASN A 152 36.09 5.62 21.13
C ASN A 152 34.80 6.30 20.71
N THR A 153 34.32 5.91 19.53
CA THR A 153 33.00 6.34 19.06
C THR A 153 32.04 5.17 19.09
N ALA A 154 30.92 5.36 19.77
CA ALA A 154 29.82 4.41 19.85
C ALA A 154 28.59 5.09 19.25
N SER A 155 27.42 4.48 19.44
CA SER A 155 26.18 5.08 19.02
C SER A 155 25.13 4.88 20.10
N VAL A 156 24.08 5.69 20.05
CA VAL A 156 22.92 5.48 20.90
C VAL A 156 22.21 4.17 20.56
N ALA A 157 22.56 3.55 19.43
CA ALA A 157 22.09 2.21 19.12
C ALA A 157 22.57 1.20 20.15
N ALA A 158 23.69 1.47 20.82
CA ALA A 158 24.16 0.57 21.88
C ALA A 158 23.13 0.45 22.99
N PHE A 159 22.27 1.45 23.16
CA PHE A 159 21.29 1.46 24.22
C PHE A 159 19.86 1.39 23.72
N GLU A 160 19.57 1.99 22.56
CA GLU A 160 18.24 1.95 21.95
C GLU A 160 18.45 1.82 20.45
N GLY A 161 18.48 0.58 19.97
CA GLY A 161 18.63 0.31 18.54
C GLY A 161 17.28 0.03 17.92
N GLN A 162 17.07 0.59 16.74
CA GLN A 162 15.80 0.46 16.04
C GLN A 162 15.85 -0.71 15.07
N VAL A 163 14.73 -0.94 14.38
CA VAL A 163 14.62 -2.10 13.51
C VAL A 163 15.69 -2.06 12.44
N GLY A 164 16.22 -3.23 12.11
CA GLY A 164 17.29 -3.34 11.14
C GLY A 164 18.59 -2.74 11.60
N GLN A 165 18.94 -2.91 12.88
CA GLN A 165 20.18 -2.35 13.42
C GLN A 165 20.85 -3.33 14.37
N ALA A 166 20.59 -4.63 14.21
CA ALA A 166 21.09 -5.62 15.17
C ALA A 166 22.61 -5.68 15.17
N ALA A 167 23.23 -5.71 13.98
CA ALA A 167 24.69 -5.83 13.92
C ALA A 167 25.36 -4.55 14.39
N TYR A 168 24.87 -3.40 13.92
CA TYR A 168 25.41 -2.12 14.37
C TYR A 168 25.26 -1.97 15.88
N SER A 169 24.08 -2.32 16.41
CA SER A 169 23.87 -2.24 17.84
C SER A 169 24.80 -3.19 18.58
N ALA A 170 25.02 -4.39 18.04
CA ALA A 170 25.93 -5.33 18.69
C ALA A 170 27.34 -4.76 18.77
N SER A 171 27.82 -4.17 17.67
CA SER A 171 29.17 -3.62 17.69
C SER A 171 29.29 -2.44 18.65
N LYS A 172 28.31 -1.53 18.64
CA LYS A 172 28.39 -0.36 19.52
C LYS A 172 28.21 -0.76 20.97
N GLY A 173 27.35 -1.73 21.25
CA GLY A 173 27.23 -2.24 22.60
C GLY A 173 28.48 -2.95 23.07
N GLY A 174 29.18 -3.61 22.15
CA GLY A 174 30.47 -4.19 22.52
C GLY A 174 31.49 -3.13 22.90
N ILE A 175 31.53 -2.04 22.13
CA ILE A 175 32.40 -0.92 22.50
C ILE A 175 32.03 -0.40 23.88
N VAL A 176 30.72 -0.20 24.12
CA VAL A 176 30.27 0.32 25.41
C VAL A 176 30.68 -0.63 26.53
N GLY A 177 30.48 -1.93 26.34
CA GLY A 177 30.79 -2.88 27.38
C GLY A 177 32.28 -2.98 27.67
N MET A 178 33.10 -2.87 26.64
CA MET A 178 34.54 -2.98 26.83
C MET A 178 35.20 -1.66 27.22
N THR A 179 34.47 -0.54 27.20
CA THR A 179 35.06 0.73 27.61
C THR A 179 35.64 0.64 29.01
N LEU A 180 34.84 0.22 30.00
CA LEU A 180 35.30 0.22 31.37
C LEU A 180 36.43 -0.78 31.61
N PRO A 181 36.35 -2.03 31.16
CA PRO A 181 37.48 -2.95 31.39
C PRO A 181 38.80 -2.42 30.86
N ILE A 182 38.80 -1.79 29.69
CA ILE A 182 40.04 -1.26 29.14
C ILE A 182 40.53 -0.08 29.97
N ALA A 183 39.61 0.75 30.45
CA ALA A 183 40.00 1.86 31.32
C ALA A 183 40.69 1.34 32.57
N ARG A 184 40.13 0.28 33.17
CA ARG A 184 40.77 -0.32 34.34
C ARG A 184 42.11 -0.95 33.97
N ASP A 185 42.20 -1.57 32.79
CA ASP A 185 43.44 -2.19 32.35
C ASP A 185 44.55 -1.17 32.23
N LEU A 186 44.24 -0.01 31.64
CA LEU A 186 45.25 1.00 31.33
C LEU A 186 45.39 2.06 32.41
N ALA A 187 44.57 2.01 33.47
CA ALA A 187 44.76 2.93 34.59
C ALA A 187 46.17 2.90 35.17
N PRO A 188 46.81 1.74 35.36
CA PRO A 188 48.16 1.75 35.95
C PRO A 188 49.17 2.57 35.16
N ILE A 189 49.06 2.61 33.85
CA ILE A 189 50.00 3.35 33.01
C ILE A 189 49.48 4.74 32.67
N GLY A 190 48.43 5.19 33.32
CA GLY A 190 47.95 6.55 33.14
C GLY A 190 47.40 6.86 31.76
N ILE A 191 46.60 5.96 31.20
CA ILE A 191 45.90 6.20 29.94
C ILE A 191 44.40 6.19 30.24
N ARG A 192 43.71 7.24 29.80
CA ARG A 192 42.28 7.38 30.02
C ARG A 192 41.54 6.90 28.78
N VAL A 193 40.49 6.10 29.00
CA VAL A 193 39.69 5.54 27.92
C VAL A 193 38.26 6.06 28.08
N MET A 194 37.76 6.74 27.07
CA MET A 194 36.44 7.34 27.08
C MET A 194 35.70 6.96 25.81
N THR A 195 34.37 7.05 25.86
CA THR A 195 33.52 6.72 24.73
C THR A 195 32.47 7.80 24.55
N ILE A 196 32.23 8.18 23.30
CA ILE A 196 31.17 9.10 22.94
C ILE A 196 30.13 8.32 22.16
N ALA A 197 28.87 8.46 22.55
CA ALA A 197 27.76 7.82 21.86
C ALA A 197 26.94 8.86 21.13
N PRO A 198 27.37 9.33 19.96
CA PRO A 198 26.61 10.34 19.24
C PRO A 198 25.24 9.83 18.83
N GLY A 199 24.36 10.79 18.52
CA GLY A 199 23.01 10.48 18.10
C GLY A 199 22.90 10.45 16.60
N LEU A 200 22.33 11.50 16.00
CA LEU A 200 22.25 11.64 14.56
C LEU A 200 23.04 12.87 14.14
N PHE A 201 24.06 12.67 13.32
CA PHE A 201 24.91 13.75 12.82
C PHE A 201 24.87 13.76 11.31
N GLY A 202 25.11 14.93 10.73
CA GLY A 202 25.12 15.04 9.29
C GLY A 202 26.47 14.69 8.72
N THR A 203 26.62 13.46 8.28
CA THR A 203 27.88 12.93 7.77
C THR A 203 27.55 11.96 6.64
N PRO A 204 28.54 11.62 5.81
CA PRO A 204 28.27 10.66 4.73
C PRO A 204 27.74 9.32 5.21
N LEU A 205 27.74 9.05 6.51
CA LEU A 205 27.17 7.81 7.01
C LEU A 205 25.66 7.75 6.74
N LEU A 206 24.97 8.87 6.90
CA LEU A 206 23.52 8.91 6.73
C LEU A 206 23.10 9.04 5.27
N THR A 207 24.06 9.11 4.33
CA THR A 207 23.70 9.18 2.92
C THR A 207 22.86 7.99 2.49
N SER A 208 23.01 6.84 3.16
CA SER A 208 22.25 5.66 2.77
C SER A 208 20.75 5.86 2.98
N LEU A 209 20.37 6.50 4.08
CA LEU A 209 18.95 6.67 4.37
C LEU A 209 18.29 7.59 3.34
N PRO A 210 17.00 7.41 3.08
CA PRO A 210 16.28 8.39 2.26
C PRO A 210 16.29 9.76 2.94
N GLU A 211 16.27 10.80 2.12
CA GLU A 211 16.33 12.16 2.65
C GLU A 211 15.19 12.42 3.61
N LYS A 212 13.99 11.91 3.32
CA LYS A 212 12.84 12.19 4.16
C LYS A 212 12.97 11.49 5.51
N VAL A 213 13.55 10.30 5.55
CA VAL A 213 13.81 9.64 6.82
C VAL A 213 14.74 10.49 7.67
N CYS A 214 15.81 11.02 7.07
CA CYS A 214 16.73 11.88 7.80
C CYS A 214 16.03 13.14 8.30
N ASN A 215 15.18 13.73 7.46
CA ASN A 215 14.46 14.94 7.88
C ASN A 215 13.56 14.65 9.06
N PHE A 216 12.81 13.55 9.01
CA PHE A 216 11.95 13.20 10.13
C PHE A 216 12.75 12.95 11.39
N LEU A 217 13.85 12.21 11.28
CA LEU A 217 14.68 11.93 12.45
C LEU A 217 15.24 13.21 13.04
N ALA A 218 15.69 14.13 12.18
CA ALA A 218 16.16 15.43 12.67
C ALA A 218 15.05 16.17 13.39
N SER A 219 13.84 16.17 12.82
CA SER A 219 12.72 16.82 13.48
C SER A 219 12.36 16.17 14.80
N GLN A 220 12.76 14.91 15.00
CA GLN A 220 12.44 14.19 16.22
C GLN A 220 13.46 14.37 17.33
N VAL A 221 14.50 15.19 17.11
CA VAL A 221 15.44 15.53 18.17
C VAL A 221 14.78 16.60 19.03
N PRO A 222 14.63 16.40 20.35
CA PRO A 222 13.91 17.38 21.17
C PRO A 222 14.50 18.79 21.04
N PHE A 223 15.78 18.96 21.37
CA PHE A 223 16.43 20.24 21.15
C PHE A 223 17.94 20.09 21.20
N PRO A 224 18.68 20.67 20.25
CA PRO A 224 18.20 21.41 19.07
C PRO A 224 17.58 20.45 18.06
N SER A 225 16.47 20.83 17.43
CA SER A 225 15.73 19.93 16.56
C SER A 225 16.35 19.94 15.16
N ARG A 226 17.51 19.30 15.07
CA ARG A 226 18.25 19.22 13.83
C ARG A 226 19.24 18.08 13.94
N LEU A 227 19.97 17.82 12.86
CA LEU A 227 21.03 16.83 12.89
C LEU A 227 22.27 17.40 13.57
N GLY A 228 23.04 16.52 14.18
CA GLY A 228 24.24 16.95 14.87
C GLY A 228 25.27 17.51 13.90
N ASP A 229 25.96 18.55 14.33
CA ASP A 229 27.06 19.14 13.58
C ASP A 229 28.37 18.51 14.00
N PRO A 230 29.17 17.96 13.08
CA PRO A 230 30.42 17.31 13.50
C PRO A 230 31.32 18.21 14.33
N ALA A 231 31.20 19.53 14.18
CA ALA A 231 31.95 20.43 15.05
C ALA A 231 31.61 20.21 16.51
N GLU A 232 30.36 19.83 16.82
CA GLU A 232 29.99 19.54 18.19
C GLU A 232 30.67 18.28 18.70
N TYR A 233 30.77 17.26 17.86
CA TYR A 233 31.51 16.06 18.24
C TYR A 233 32.98 16.39 18.49
N ALA A 234 33.58 17.20 17.64
CA ALA A 234 34.97 17.60 17.84
C ALA A 234 35.13 18.38 19.14
N HIS A 235 34.18 19.27 19.43
CA HIS A 235 34.24 20.03 20.68
C HIS A 235 34.17 19.10 21.89
N LEU A 236 33.28 18.11 21.85
CA LEU A 236 33.20 17.16 22.96
C LEU A 236 34.48 16.36 23.08
N VAL A 237 35.08 15.98 21.95
CA VAL A 237 36.34 15.24 21.99
C VAL A 237 37.42 16.08 22.65
N GLN A 238 37.52 17.35 22.29
CA GLN A 238 38.53 18.22 22.90
C GLN A 238 38.26 18.40 24.39
N ALA A 239 36.98 18.52 24.77
CA ALA A 239 36.64 18.64 26.18
C ALA A 239 37.08 17.41 26.95
N ILE A 240 36.87 16.22 26.39
CA ILE A 240 37.31 15.00 27.04
C ILE A 240 38.84 14.98 27.13
N ILE A 241 39.52 15.47 26.10
CA ILE A 241 40.96 15.50 26.11
C ILE A 241 41.47 16.40 27.24
N GLU A 242 40.76 17.51 27.49
CA GLU A 242 41.22 18.51 28.44
C GLU A 242 40.76 18.28 29.87
N ASN A 243 39.93 17.26 30.13
CA ASN A 243 39.43 17.00 31.46
C ASN A 243 40.12 15.77 32.04
N PRO A 244 41.06 15.92 32.98
CA PRO A 244 41.82 14.75 33.46
C PRO A 244 41.00 13.73 34.25
N PHE A 245 39.78 14.06 34.67
CA PHE A 245 39.02 13.17 35.52
C PHE A 245 37.91 12.41 34.80
N LEU A 246 37.77 12.59 33.49
CA LEU A 246 36.80 11.84 32.70
C LEU A 246 37.45 10.53 32.27
N ASN A 247 36.94 9.41 32.76
CA ASN A 247 37.53 8.11 32.47
C ASN A 247 36.49 7.02 32.65
N GLY A 248 36.47 6.08 31.71
CA GLY A 248 35.63 4.90 31.84
C GLY A 248 34.16 5.13 31.60
N GLU A 249 33.78 6.27 31.03
CA GLU A 249 32.39 6.68 30.93
C GLU A 249 31.96 6.75 29.47
N VAL A 250 30.65 6.64 29.25
CA VAL A 250 30.04 6.81 27.94
C VAL A 250 29.20 8.08 28.00
N ILE A 251 29.39 8.97 27.01
CA ILE A 251 28.68 10.24 26.95
C ILE A 251 27.78 10.22 25.72
N ARG A 252 26.48 10.40 25.94
CA ARG A 252 25.51 10.42 24.85
C ARG A 252 25.43 11.84 24.29
N LEU A 253 25.95 12.04 23.09
CA LEU A 253 25.87 13.32 22.40
C LEU A 253 24.77 13.21 21.35
N ASP A 254 23.52 13.38 21.80
CA ASP A 254 22.37 13.07 20.97
C ASP A 254 21.25 14.11 21.04
N GLY A 255 21.42 15.21 21.73
CA GLY A 255 20.37 16.22 21.79
C GLY A 255 19.10 15.74 22.45
N ALA A 256 19.18 14.70 23.29
CA ALA A 256 18.07 14.14 24.06
C ALA A 256 17.14 13.28 23.22
N ILE A 257 17.53 12.87 22.02
CA ILE A 257 16.68 12.01 21.20
C ILE A 257 16.73 10.58 21.72
N ARG A 258 15.59 9.91 21.67
CA ARG A 258 15.50 8.49 21.99
C ARG A 258 14.86 7.78 20.82
N MET A 259 15.48 6.69 20.37
CA MET A 259 15.05 6.01 19.16
C MET A 259 13.89 5.08 19.44
N GLN A 260 12.90 5.11 18.55
CA GLN A 260 11.75 4.23 18.57
C GLN A 260 11.91 3.13 17.53
N PRO A 261 11.13 2.04 17.64
CA PRO A 261 11.26 0.94 16.68
C PRO A 261 11.22 1.39 15.23
N SER B 7 2.92 -22.98 32.04
CA SER B 7 3.67 -24.23 32.14
C SER B 7 4.64 -24.37 30.98
N VAL B 8 5.39 -25.48 30.96
CA VAL B 8 6.35 -25.75 29.90
C VAL B 8 6.11 -27.13 29.32
N LYS B 9 4.99 -27.76 29.68
CA LYS B 9 4.68 -29.08 29.15
C LYS B 9 4.46 -29.00 27.64
N GLY B 10 5.18 -29.82 26.89
CA GLY B 10 5.07 -29.85 25.45
C GLY B 10 5.94 -28.86 24.72
N LEU B 11 6.62 -27.96 25.43
CA LEU B 11 7.50 -27.01 24.77
C LEU B 11 8.77 -27.70 24.30
N VAL B 12 9.36 -27.17 23.22
CA VAL B 12 10.61 -27.65 22.68
C VAL B 12 11.63 -26.54 22.80
N ALA B 13 12.73 -26.82 23.51
CA ALA B 13 13.76 -25.84 23.78
C ALA B 13 15.07 -26.27 23.14
N VAL B 14 15.69 -25.35 22.42
CA VAL B 14 17.01 -25.55 21.84
C VAL B 14 18.00 -24.78 22.72
N ILE B 15 18.86 -25.51 23.41
CA ILE B 15 19.77 -24.92 24.41
C ILE B 15 21.18 -25.07 23.88
N THR B 16 21.78 -23.96 23.46
CA THR B 16 23.16 -23.98 22.99
C THR B 16 24.10 -24.02 24.19
N GLY B 17 25.14 -24.84 24.08
CA GLY B 17 26.01 -25.07 25.23
C GLY B 17 25.28 -25.76 26.35
N GLY B 18 24.39 -26.69 26.03
CA GLY B 18 23.54 -27.35 26.99
C GLY B 18 24.11 -28.60 27.61
N ALA B 19 25.37 -28.94 27.33
CA ALA B 19 25.99 -30.12 27.90
C ALA B 19 26.78 -29.83 29.17
N SER B 20 26.80 -28.57 29.63
CA SER B 20 27.61 -28.23 30.79
C SER B 20 27.13 -26.91 31.37
N GLY B 21 27.15 -26.82 32.69
CA GLY B 21 26.96 -25.52 33.35
C GLY B 21 25.52 -25.03 33.25
N LEU B 22 25.40 -23.74 32.91
CA LEU B 22 24.09 -23.10 32.93
C LEU B 22 23.13 -23.73 31.92
N GLY B 23 23.62 -24.03 30.72
CA GLY B 23 22.78 -24.68 29.74
C GLY B 23 22.31 -26.05 30.18
N LEU B 24 23.21 -26.82 30.81
CA LEU B 24 22.83 -28.12 31.32
C LEU B 24 21.79 -28.01 32.42
N ALA B 25 21.94 -27.02 33.30
CA ALA B 25 20.95 -26.81 34.35
C ALA B 25 19.59 -26.44 33.76
N THR B 26 19.60 -25.56 32.76
CA THR B 26 18.35 -25.19 32.10
C THR B 26 17.70 -26.40 31.45
N ALA B 27 18.49 -27.22 30.75
CA ALA B 27 17.93 -28.41 30.12
C ALA B 27 17.36 -29.36 31.15
N GLU B 28 18.07 -29.56 32.27
CA GLU B 28 17.57 -30.44 33.31
C GLU B 28 16.25 -29.94 33.87
N ARG B 29 16.16 -28.65 34.18
CA ARG B 29 14.93 -28.11 34.72
C ARG B 29 13.78 -28.25 33.73
N LEU B 30 14.02 -27.92 32.45
CA LEU B 30 12.94 -27.95 31.48
C LEU B 30 12.49 -29.37 31.19
N VAL B 31 13.43 -30.30 31.00
CA VAL B 31 13.05 -31.67 30.69
C VAL B 31 12.38 -32.33 31.88
N GLY B 32 12.82 -32.00 33.09
CA GLY B 32 12.16 -32.53 34.27
C GLY B 32 10.73 -32.04 34.45
N GLN B 33 10.32 -31.04 33.69
CA GLN B 33 8.96 -30.50 33.76
C GLN B 33 8.23 -30.71 32.44
N GLY B 34 8.45 -31.87 31.81
CA GLY B 34 7.65 -32.27 30.67
C GLY B 34 7.99 -31.60 29.36
N ALA B 35 9.05 -30.81 29.30
CA ALA B 35 9.45 -30.18 28.05
C ALA B 35 10.47 -31.03 27.31
N SER B 36 10.75 -30.65 26.07
CA SER B 36 11.70 -31.34 25.22
C SER B 36 12.91 -30.44 24.98
N ALA B 37 14.10 -31.04 24.98
CA ALA B 37 15.35 -30.29 24.92
C ALA B 37 16.22 -30.80 23.80
N VAL B 38 16.89 -29.87 23.12
CA VAL B 38 17.87 -30.17 22.08
C VAL B 38 19.16 -29.50 22.53
N LEU B 39 20.09 -30.29 23.07
CA LEU B 39 21.38 -29.77 23.53
C LEU B 39 22.25 -29.53 22.30
N LEU B 40 22.35 -28.27 21.89
CA LEU B 40 23.18 -27.89 20.74
C LEU B 40 24.57 -27.60 21.27
N ASP B 41 25.49 -28.55 21.12
CA ASP B 41 26.80 -28.40 21.74
C ASP B 41 27.87 -29.00 20.85
N LEU B 42 29.13 -28.74 21.22
CA LEU B 42 30.25 -29.18 20.40
C LEU B 42 30.33 -30.70 20.39
N PRO B 43 30.88 -31.28 19.32
CA PRO B 43 30.90 -32.75 19.22
C PRO B 43 31.67 -33.42 20.35
N ASN B 44 32.71 -32.77 20.89
CA ASN B 44 33.54 -33.36 21.92
C ASN B 44 33.23 -32.82 23.32
N SER B 45 32.06 -32.20 23.49
CA SER B 45 31.69 -31.61 24.77
C SER B 45 31.09 -32.61 25.74
N GLY B 46 30.95 -33.88 25.34
CA GLY B 46 30.30 -34.85 26.20
C GLY B 46 28.83 -34.59 26.40
N GLY B 47 28.15 -34.03 25.40
CA GLY B 47 26.72 -33.80 25.49
C GLY B 47 25.88 -35.01 25.17
N GLU B 48 26.45 -36.01 24.50
CA GLU B 48 25.71 -37.23 24.22
C GLU B 48 25.36 -37.96 25.52
N ALA B 49 26.30 -38.01 26.45
CA ALA B 49 26.04 -38.65 27.73
C ALA B 49 24.96 -37.89 28.50
N GLN B 50 25.02 -36.55 28.49
CA GLN B 50 24.01 -35.77 29.18
C GLN B 50 22.63 -35.99 28.57
N ALA B 51 22.54 -35.99 27.24
CA ALA B 51 21.26 -36.21 26.58
C ALA B 51 20.72 -37.60 26.88
N LYS B 52 21.59 -38.60 26.89
CA LYS B 52 21.15 -39.95 27.23
C LYS B 52 20.66 -40.01 28.67
N LYS B 53 21.36 -39.34 29.59
CA LYS B 53 20.97 -39.38 30.99
C LYS B 53 19.63 -38.68 31.22
N LEU B 54 19.40 -37.56 30.53
CA LEU B 54 18.18 -36.80 30.77
C LEU B 54 16.94 -37.60 30.43
N GLY B 55 16.95 -38.30 29.30
CA GLY B 55 15.84 -39.13 28.91
C GLY B 55 15.54 -38.98 27.43
N ASN B 56 14.34 -39.42 27.04
CA ASN B 56 13.96 -39.38 25.63
C ASN B 56 13.60 -37.98 25.17
N ASN B 57 13.04 -37.16 26.06
CA ASN B 57 12.69 -35.79 25.70
C ASN B 57 13.92 -34.92 25.46
N CYS B 58 15.12 -35.46 25.62
CA CYS B 58 16.35 -34.73 25.38
C CYS B 58 17.13 -35.42 24.26
N VAL B 59 17.56 -34.64 23.27
CA VAL B 59 18.40 -35.13 22.19
C VAL B 59 19.62 -34.22 22.09
N PHE B 60 20.70 -34.75 21.54
CA PHE B 60 21.97 -34.04 21.45
C PHE B 60 22.28 -33.73 19.99
N ALA B 61 22.59 -32.47 19.70
CA ALA B 61 22.97 -32.02 18.37
C ALA B 61 24.42 -31.54 18.40
N PRO B 62 25.36 -32.28 17.83
CA PRO B 62 26.75 -31.80 17.78
C PRO B 62 26.91 -30.66 16.79
N ALA B 63 27.07 -29.44 17.28
CA ALA B 63 27.11 -28.27 16.42
C ALA B 63 28.05 -27.24 16.98
N ASP B 64 28.54 -26.38 16.10
CA ASP B 64 29.34 -25.20 16.45
C ASP B 64 28.50 -23.98 16.14
N VAL B 65 28.18 -23.19 17.17
CA VAL B 65 27.31 -22.04 16.99
C VAL B 65 27.91 -21.02 16.05
N THR B 66 29.23 -21.05 15.85
CA THR B 66 29.89 -20.14 14.93
C THR B 66 29.75 -20.57 13.47
N SER B 67 29.24 -21.77 13.22
CA SER B 67 29.07 -22.28 11.87
C SER B 67 27.59 -22.29 11.50
N GLU B 68 27.27 -21.72 10.35
CA GLU B 68 25.88 -21.74 9.88
C GLU B 68 25.42 -23.15 9.57
N LYS B 69 26.28 -23.94 8.92
CA LYS B 69 25.90 -25.30 8.54
C LYS B 69 25.57 -26.15 9.76
N ASP B 70 26.39 -26.06 10.80
CA ASP B 70 26.17 -26.86 12.00
C ASP B 70 24.87 -26.48 12.69
N VAL B 71 24.62 -25.18 12.84
CA VAL B 71 23.39 -24.74 13.50
C VAL B 71 22.18 -25.15 12.68
N GLN B 72 22.27 -25.03 11.36
CA GLN B 72 21.16 -25.46 10.50
C GLN B 72 20.91 -26.95 10.63
N THR B 73 21.97 -27.75 10.69
CA THR B 73 21.79 -29.19 10.87
C THR B 73 21.16 -29.49 12.22
N ALA B 74 21.59 -28.81 13.27
CA ALA B 74 21.01 -29.03 14.59
C ALA B 74 19.54 -28.65 14.62
N LEU B 75 19.18 -27.53 13.99
CA LEU B 75 17.77 -27.13 13.96
C LEU B 75 16.94 -28.09 13.13
N ALA B 76 17.50 -28.60 12.03
CA ALA B 76 16.79 -29.61 11.24
C ALA B 76 16.56 -30.87 12.06
N LEU B 77 17.57 -31.31 12.82
CA LEU B 77 17.39 -32.47 13.68
C LEU B 77 16.32 -32.21 14.73
N ALA B 78 16.33 -31.01 15.32
CA ALA B 78 15.32 -30.67 16.32
C ALA B 78 13.92 -30.73 15.73
N LYS B 79 13.75 -30.16 14.54
CA LYS B 79 12.44 -30.19 13.89
C LYS B 79 12.03 -31.61 13.56
N GLY B 80 12.97 -32.42 13.06
CA GLY B 80 12.63 -33.79 12.73
C GLY B 80 12.21 -34.60 13.95
N LYS B 81 12.92 -34.42 15.06
CA LYS B 81 12.61 -35.20 16.26
C LYS B 81 11.34 -34.73 16.93
N PHE B 82 11.14 -33.42 17.03
CA PHE B 82 10.03 -32.85 17.78
C PHE B 82 9.03 -32.08 16.95
N GLY B 83 9.41 -31.60 15.77
CA GLY B 83 8.48 -30.89 14.91
C GLY B 83 8.29 -29.43 15.23
N ARG B 84 8.94 -28.91 16.27
CA ARG B 84 8.76 -27.53 16.67
C ARG B 84 10.01 -27.03 17.37
N VAL B 85 10.13 -25.71 17.44
CA VAL B 85 11.11 -25.03 18.28
C VAL B 85 10.37 -23.89 18.95
N ASP B 86 10.08 -24.04 20.25
CA ASP B 86 9.35 -23.03 20.99
C ASP B 86 10.27 -22.05 21.70
N VAL B 87 11.36 -22.55 22.27
CA VAL B 87 12.27 -21.72 23.06
C VAL B 87 13.69 -21.93 22.56
N ALA B 88 14.49 -20.88 22.67
CA ALA B 88 15.92 -20.96 22.41
C ALA B 88 16.66 -20.32 23.57
N VAL B 89 17.71 -20.98 24.04
CA VAL B 89 18.48 -20.51 25.19
C VAL B 89 19.96 -20.52 24.78
N ASN B 90 20.52 -19.32 24.58
CA ASN B 90 21.90 -19.16 24.18
C ASN B 90 22.77 -19.15 25.43
N CYS B 91 23.36 -20.30 25.74
CA CYS B 91 24.27 -20.47 26.88
C CYS B 91 25.66 -20.89 26.45
N ALA B 92 25.91 -21.02 25.15
CA ALA B 92 27.24 -21.37 24.67
C ALA B 92 28.14 -20.15 24.74
N GLY B 93 29.33 -20.32 25.29
CA GLY B 93 30.26 -19.22 25.39
C GLY B 93 31.56 -19.68 26.02
N ILE B 94 32.60 -18.87 25.82
CA ILE B 94 33.91 -19.13 26.36
C ILE B 94 34.42 -17.85 27.01
N ALA B 95 35.42 -18.01 27.87
CA ALA B 95 36.00 -16.90 28.61
C ALA B 95 37.49 -16.81 28.31
N VAL B 96 37.97 -15.58 28.15
CA VAL B 96 39.38 -15.28 27.97
C VAL B 96 39.76 -14.20 28.95
N ALA B 97 40.87 -14.39 29.66
CA ALA B 97 41.39 -13.42 30.60
C ALA B 97 42.74 -12.94 30.08
N SER B 98 42.81 -11.67 29.70
CA SER B 98 44.04 -11.11 29.14
C SER B 98 43.96 -9.60 29.19
N LYS B 99 44.99 -8.97 29.72
CA LYS B 99 45.02 -7.52 29.82
C LYS B 99 45.25 -6.91 28.43
N THR B 100 44.61 -5.77 28.19
CA THR B 100 44.77 -5.09 26.90
C THR B 100 46.24 -4.80 26.63
N TYR B 101 46.94 -4.26 27.62
CA TYR B 101 48.36 -3.98 27.49
C TYR B 101 49.01 -4.17 28.85
N ASN B 102 50.31 -4.45 28.84
CA ASN B 102 51.08 -4.68 30.05
C ASN B 102 52.45 -4.01 29.87
N LEU B 103 52.56 -2.77 30.35
CA LEU B 103 53.82 -2.04 30.22
C LEU B 103 54.92 -2.71 31.02
N LYS B 104 54.57 -3.27 32.19
CA LYS B 104 55.56 -3.97 33.00
C LYS B 104 56.16 -5.15 32.24
N LYS B 105 55.31 -5.93 31.56
CA LYS B 105 55.77 -7.08 30.79
C LYS B 105 56.00 -6.76 29.32
N GLY B 106 55.46 -5.65 28.82
CA GLY B 106 55.49 -5.37 27.40
C GLY B 106 54.62 -6.30 26.58
N GLN B 107 53.61 -6.91 27.20
CA GLN B 107 52.74 -7.88 26.56
C GLN B 107 51.47 -7.21 26.09
N THR B 108 51.03 -7.56 24.88
CA THR B 108 49.85 -6.97 24.26
C THR B 108 48.81 -8.04 23.98
N HIS B 109 47.55 -7.69 24.16
CA HIS B 109 46.46 -8.59 23.81
C HIS B 109 46.58 -9.01 22.35
N THR B 110 46.44 -10.31 22.09
CA THR B 110 46.50 -10.80 20.73
C THR B 110 45.13 -10.67 20.07
N LEU B 111 45.12 -10.18 18.83
CA LEU B 111 43.85 -10.01 18.13
C LEU B 111 43.12 -11.32 17.99
N GLU B 112 43.84 -12.44 17.97
CA GLU B 112 43.19 -13.74 17.82
C GLU B 112 42.32 -14.07 19.02
N ASP B 113 42.76 -13.68 20.20
CA ASP B 113 41.97 -14.03 21.38
C ASP B 113 40.68 -13.22 21.32
N PHE B 114 40.78 -11.93 21.10
CA PHE B 114 39.60 -11.09 21.00
C PHE B 114 38.64 -11.60 19.94
N GLN B 115 39.16 -11.97 18.78
CA GLN B 115 38.31 -12.41 17.69
C GLN B 115 37.63 -13.74 18.02
N ARG B 116 38.35 -14.65 18.66
CA ARG B 116 37.76 -15.93 19.05
C ARG B 116 36.65 -15.72 20.06
N VAL B 117 36.87 -14.86 21.06
CA VAL B 117 35.84 -14.60 22.05
C VAL B 117 34.61 -14.00 21.38
N LEU B 118 34.82 -13.02 20.50
CA LEU B 118 33.69 -12.41 19.81
C LEU B 118 32.94 -13.41 18.95
N ASP B 119 33.68 -14.29 18.27
CA ASP B 119 33.05 -15.28 17.40
C ASP B 119 32.16 -16.22 18.20
N VAL B 120 32.71 -16.80 19.28
CA VAL B 120 31.93 -17.80 20.02
C VAL B 120 30.79 -17.14 20.78
N ASN B 121 31.04 -15.99 21.40
CA ASN B 121 30.07 -15.39 22.31
C ASN B 121 29.05 -14.51 21.59
N LEU B 122 29.52 -13.64 20.69
CA LEU B 122 28.65 -12.65 20.06
C LEU B 122 28.19 -13.07 18.67
N MET B 123 29.10 -13.58 17.83
CA MET B 123 28.70 -14.00 16.49
C MET B 123 27.92 -15.30 16.53
N GLY B 124 28.29 -16.23 17.41
CA GLY B 124 27.55 -17.46 17.52
C GLY B 124 26.15 -17.25 18.07
N THR B 125 26.00 -16.35 19.04
CA THR B 125 24.69 -16.06 19.59
C THR B 125 23.77 -15.48 18.52
N PHE B 126 24.27 -14.53 17.73
CA PHE B 126 23.46 -13.97 16.66
C PHE B 126 23.17 -15.00 15.59
N ASN B 127 24.13 -15.86 15.28
CA ASN B 127 23.90 -16.93 14.33
C ASN B 127 22.72 -17.78 14.76
N VAL B 128 22.74 -18.23 16.01
CA VAL B 128 21.66 -19.07 16.53
C VAL B 128 20.35 -18.31 16.53
N ILE B 129 20.37 -17.04 16.94
CA ILE B 129 19.13 -16.26 17.01
C ILE B 129 18.52 -16.13 15.63
N ARG B 130 19.32 -15.71 14.66
CA ARG B 130 18.81 -15.47 13.32
C ARG B 130 18.34 -16.75 12.66
N LEU B 131 19.02 -17.88 12.92
CA LEU B 131 18.58 -19.13 12.30
C LEU B 131 17.34 -19.69 12.99
N VAL B 132 17.24 -19.59 14.32
CA VAL B 132 16.08 -20.14 15.01
C VAL B 132 14.85 -19.26 14.87
N ALA B 133 15.01 -17.98 14.56
CA ALA B 133 13.85 -17.18 14.21
C ALA B 133 13.14 -17.72 12.98
N GLY B 134 13.88 -18.39 12.10
CA GLY B 134 13.26 -19.01 10.95
C GLY B 134 12.33 -20.16 11.31
N GLU B 135 12.78 -21.05 12.21
CA GLU B 135 11.95 -22.17 12.61
C GLU B 135 10.81 -21.72 13.52
N MET B 136 11.08 -20.75 14.40
CA MET B 136 10.01 -20.22 15.23
C MET B 136 9.02 -19.39 14.43
N GLY B 137 9.41 -18.92 13.24
CA GLY B 137 8.47 -18.22 12.38
C GLY B 137 7.49 -19.14 11.69
N GLN B 138 7.83 -20.42 11.54
CA GLN B 138 6.90 -21.40 11.00
C GLN B 138 5.84 -21.83 12.01
N ASN B 139 6.03 -21.51 13.29
CA ASN B 139 5.04 -21.85 14.30
C ASN B 139 3.76 -21.05 14.06
N GLU B 140 2.63 -21.68 14.35
CA GLU B 140 1.36 -20.99 14.31
C GLU B 140 1.19 -20.19 15.60
N PRO B 141 0.98 -18.87 15.53
CA PRO B 141 0.91 -18.08 16.76
C PRO B 141 -0.21 -18.58 17.67
N ASP B 142 0.08 -18.63 18.96
CA ASP B 142 -0.86 -19.15 19.94
C ASP B 142 -1.70 -18.01 20.49
N GLN B 143 -2.48 -18.29 21.54
CA GLN B 143 -3.26 -17.26 22.20
C GLN B 143 -2.33 -16.16 22.71
N GLY B 144 -2.47 -14.96 22.15
CA GLY B 144 -1.57 -13.88 22.42
C GLY B 144 -0.62 -13.55 21.29
N GLY B 145 -0.51 -14.42 20.29
CA GLY B 145 0.29 -14.12 19.12
C GLY B 145 1.75 -14.44 19.25
N GLN B 146 2.14 -15.26 20.22
CA GLN B 146 3.55 -15.56 20.47
C GLN B 146 3.92 -16.88 19.79
N ARG B 147 5.05 -16.88 19.08
CA ARG B 147 5.55 -18.06 18.41
C ARG B 147 6.79 -18.65 19.07
N GLY B 148 7.44 -17.91 19.95
CA GLY B 148 8.61 -18.45 20.63
C GLY B 148 9.25 -17.41 21.51
N VAL B 149 10.24 -17.86 22.27
CA VAL B 149 11.01 -17.03 23.19
C VAL B 149 12.48 -17.32 22.98
N ILE B 150 13.29 -16.26 22.99
CA ILE B 150 14.74 -16.38 22.85
C ILE B 150 15.38 -15.71 24.07
N ILE B 151 16.11 -16.51 24.86
CA ILE B 151 16.82 -16.03 26.03
C ILE B 151 18.31 -16.12 25.74
N ASN B 152 19.05 -15.05 26.04
CA ASN B 152 20.49 -14.99 25.82
C ASN B 152 21.20 -14.91 27.15
N THR B 153 22.44 -15.40 27.19
CA THR B 153 23.28 -15.31 28.38
C THR B 153 24.36 -14.25 28.15
N ALA B 154 24.15 -13.08 28.73
CA ALA B 154 25.17 -12.03 28.81
C ALA B 154 25.94 -12.22 30.11
N SER B 155 26.69 -11.20 30.52
CA SER B 155 27.34 -11.20 31.81
C SER B 155 27.27 -9.81 32.42
N VAL B 156 27.44 -9.75 33.74
CA VAL B 156 27.58 -8.45 34.40
C VAL B 156 28.83 -7.74 33.93
N ALA B 157 29.77 -8.48 33.32
CA ALA B 157 30.94 -7.85 32.72
C ALA B 157 30.56 -6.91 31.59
N ALA B 158 29.35 -7.04 31.04
CA ALA B 158 28.86 -6.07 30.08
C ALA B 158 28.70 -4.69 30.70
N PHE B 159 28.48 -4.64 32.01
CA PHE B 159 28.28 -3.39 32.74
C PHE B 159 29.47 -3.02 33.61
N GLU B 160 29.97 -3.96 34.43
CA GLU B 160 31.14 -3.74 35.28
C GLU B 160 32.15 -4.84 34.98
N GLY B 161 33.00 -4.60 33.99
CA GLY B 161 34.03 -5.56 33.64
C GLY B 161 35.32 -5.32 34.40
N GLN B 162 36.03 -6.41 34.67
CA GLN B 162 37.23 -6.36 35.49
C GLN B 162 38.48 -6.29 34.63
N VAL B 163 39.63 -6.20 35.30
CA VAL B 163 40.91 -6.15 34.59
C VAL B 163 41.12 -7.44 33.82
N GLY B 164 41.71 -7.33 32.64
CA GLY B 164 41.94 -8.47 31.79
C GLY B 164 40.67 -9.17 31.34
N GLN B 165 39.62 -8.40 31.06
CA GLN B 165 38.34 -8.97 30.67
C GLN B 165 37.70 -8.15 29.55
N ALA B 166 38.53 -7.54 28.71
CA ALA B 166 38.03 -6.60 27.71
C ALA B 166 37.30 -7.32 26.58
N ALA B 167 37.81 -8.47 26.13
CA ALA B 167 37.16 -9.18 25.03
C ALA B 167 35.85 -9.81 25.48
N TYR B 168 35.85 -10.45 26.64
CA TYR B 168 34.62 -10.99 27.21
C TYR B 168 33.60 -9.88 27.42
N SER B 169 34.04 -8.75 27.98
CA SER B 169 33.14 -7.62 28.18
C SER B 169 32.61 -7.11 26.85
N ALA B 170 33.44 -7.09 25.82
CA ALA B 170 32.98 -6.64 24.51
C ALA B 170 31.89 -7.55 23.97
N SER B 171 32.10 -8.86 24.06
CA SER B 171 31.08 -9.79 23.55
C SER B 171 29.78 -9.67 24.32
N LYS B 172 29.86 -9.62 25.65
CA LYS B 172 28.64 -9.55 26.45
C LYS B 172 27.95 -8.20 26.29
N GLY B 173 28.72 -7.13 26.13
CA GLY B 173 28.11 -5.84 25.86
C GLY B 173 27.44 -5.80 24.51
N GLY B 174 28.02 -6.50 23.52
CA GLY B 174 27.34 -6.61 22.24
C GLY B 174 26.03 -7.34 22.35
N ILE B 175 26.01 -8.42 23.13
CA ILE B 175 24.74 -9.14 23.36
C ILE B 175 23.72 -8.22 24.00
N VAL B 176 24.14 -7.49 25.05
CA VAL B 176 23.22 -6.58 25.73
C VAL B 176 22.72 -5.51 24.77
N GLY B 177 23.61 -4.97 23.93
CA GLY B 177 23.22 -3.91 23.02
C GLY B 177 22.25 -4.37 21.96
N MET B 178 22.47 -5.57 21.43
CA MET B 178 21.59 -6.09 20.38
C MET B 178 20.36 -6.80 20.92
N THR B 179 20.22 -6.92 22.25
CA THR B 179 19.01 -7.53 22.79
C THR B 179 17.75 -6.77 22.36
N LEU B 180 17.78 -5.43 22.42
CA LEU B 180 16.58 -4.65 22.14
C LEU B 180 16.30 -4.53 20.65
N PRO B 181 17.30 -4.24 19.81
CA PRO B 181 17.02 -4.21 18.36
C PRO B 181 16.40 -5.47 17.83
N ILE B 182 16.85 -6.64 18.31
CA ILE B 182 16.30 -7.90 17.84
C ILE B 182 14.88 -8.08 18.36
N ALA B 183 14.62 -7.65 19.59
CA ALA B 183 13.26 -7.71 20.11
C ALA B 183 12.32 -6.83 19.30
N ARG B 184 12.82 -5.69 18.81
CA ARG B 184 12.01 -4.85 17.94
C ARG B 184 11.88 -5.45 16.54
N ASP B 185 12.87 -6.24 16.11
CA ASP B 185 12.81 -6.85 14.79
C ASP B 185 11.74 -7.94 14.74
N LEU B 186 11.69 -8.79 15.77
CA LEU B 186 10.83 -9.96 15.78
C LEU B 186 9.48 -9.70 16.44
N ALA B 187 9.21 -8.47 16.87
CA ALA B 187 7.90 -8.18 17.47
C ALA B 187 6.76 -8.49 16.51
N PRO B 188 6.81 -8.10 15.23
CA PRO B 188 5.73 -8.50 14.32
C PRO B 188 5.58 -10.01 14.20
N ILE B 189 6.69 -10.75 14.25
CA ILE B 189 6.62 -12.21 14.16
C ILE B 189 5.96 -12.78 15.40
N GLY B 190 6.23 -12.19 16.56
CA GLY B 190 5.74 -12.69 17.82
C GLY B 190 6.76 -13.45 18.63
N ILE B 191 8.04 -13.10 18.53
CA ILE B 191 9.11 -13.77 19.26
C ILE B 191 9.67 -12.79 20.27
N ARG B 192 9.70 -13.19 21.55
CA ARG B 192 10.25 -12.38 22.61
C ARG B 192 11.74 -12.67 22.75
N VAL B 193 12.53 -11.61 22.92
CA VAL B 193 13.98 -11.71 23.04
C VAL B 193 14.37 -11.13 24.39
N MET B 194 14.96 -11.98 25.23
CA MET B 194 15.34 -11.60 26.58
C MET B 194 16.81 -11.97 26.80
N THR B 195 17.43 -11.28 27.76
CA THR B 195 18.82 -11.51 28.11
C THR B 195 18.94 -11.65 29.62
N ILE B 196 19.76 -12.60 30.05
CA ILE B 196 20.08 -12.80 31.46
C ILE B 196 21.55 -12.50 31.65
N ALA B 197 21.85 -11.63 32.61
CA ALA B 197 23.24 -11.28 32.91
C ALA B 197 23.64 -11.89 34.24
N PRO B 198 24.00 -13.17 34.28
CA PRO B 198 24.39 -13.79 35.54
C PRO B 198 25.70 -13.22 36.06
N GLY B 199 25.88 -13.35 37.37
CA GLY B 199 27.10 -12.89 38.02
C GLY B 199 28.12 -13.99 38.13
N LEU B 200 28.37 -14.46 39.35
CA LEU B 200 29.34 -15.53 39.61
C LEU B 200 28.56 -16.78 39.96
N PHE B 201 28.74 -17.84 39.17
CA PHE B 201 27.98 -19.06 39.32
C PHE B 201 28.91 -20.25 39.47
N GLY B 202 28.46 -21.25 40.23
CA GLY B 202 29.23 -22.44 40.46
C GLY B 202 29.18 -23.42 39.31
N THR B 203 29.77 -23.05 38.19
CA THR B 203 29.86 -23.86 36.99
C THR B 203 31.32 -24.20 36.71
N PRO B 204 31.58 -25.18 35.83
CA PRO B 204 32.97 -25.54 35.54
C PRO B 204 33.82 -24.36 35.11
N LEU B 205 33.20 -23.27 34.65
CA LEU B 205 33.97 -22.10 34.24
C LEU B 205 34.71 -21.49 35.42
N LEU B 206 34.10 -21.48 36.61
CA LEU B 206 34.68 -20.81 37.76
C LEU B 206 35.61 -21.71 38.56
N THR B 207 35.28 -23.00 38.72
CA THR B 207 36.13 -23.87 39.52
C THR B 207 37.54 -23.96 38.95
N SER B 208 37.72 -23.65 37.66
CA SER B 208 39.07 -23.59 37.10
C SER B 208 39.96 -22.62 37.88
N LEU B 209 39.37 -21.56 38.44
CA LEU B 209 40.13 -20.63 39.24
C LEU B 209 40.56 -21.30 40.55
N PRO B 210 41.61 -20.79 41.18
CA PRO B 210 42.09 -21.42 42.42
C PRO B 210 41.01 -21.44 43.49
N GLU B 211 41.02 -22.51 44.29
CA GLU B 211 39.98 -22.68 45.30
C GLU B 211 39.97 -21.51 46.29
N LYS B 212 41.16 -21.02 46.66
CA LYS B 212 41.22 -19.83 47.51
C LYS B 212 40.39 -18.69 46.93
N VAL B 213 40.46 -18.51 45.60
CA VAL B 213 39.71 -17.44 44.97
C VAL B 213 38.22 -17.76 44.94
N CYS B 214 37.86 -19.05 44.96
CA CYS B 214 36.44 -19.41 44.98
C CYS B 214 35.76 -18.88 46.25
N ASN B 215 36.42 -19.07 47.40
CA ASN B 215 35.87 -18.58 48.65
C ASN B 215 35.77 -17.06 48.65
N PHE B 216 36.79 -16.38 48.13
CA PHE B 216 36.77 -14.93 48.09
C PHE B 216 35.63 -14.42 47.20
N LEU B 217 35.45 -15.04 46.03
CA LEU B 217 34.36 -14.65 45.15
C LEU B 217 33.01 -14.92 45.80
N ALA B 218 32.88 -16.04 46.49
CA ALA B 218 31.63 -16.33 47.20
C ALA B 218 31.36 -15.26 48.25
N SER B 219 32.39 -14.83 48.98
CA SER B 219 32.20 -13.82 50.00
C SER B 219 31.90 -12.45 49.39
N GLN B 220 32.36 -12.21 48.16
CA GLN B 220 32.17 -10.91 47.53
C GLN B 220 30.73 -10.63 47.15
N VAL B 221 29.86 -11.64 47.16
CA VAL B 221 28.45 -11.47 46.84
C VAL B 221 27.73 -10.91 48.07
N PRO B 222 27.03 -9.77 47.97
CA PRO B 222 26.32 -9.23 49.14
C PRO B 222 25.38 -10.25 49.80
N PHE B 223 24.43 -10.76 49.04
CA PHE B 223 23.55 -11.81 49.55
C PHE B 223 22.80 -12.50 48.41
N PRO B 224 22.78 -13.85 48.38
CA PRO B 224 23.48 -14.79 49.27
C PRO B 224 24.98 -14.75 49.04
N SER B 225 25.78 -14.89 50.11
CA SER B 225 27.24 -14.81 50.00
C SER B 225 27.76 -16.16 49.54
N ARG B 226 27.44 -16.49 48.29
CA ARG B 226 27.88 -17.73 47.68
C ARG B 226 27.81 -17.58 46.18
N LEU B 227 28.49 -18.48 45.48
CA LEU B 227 28.39 -18.54 44.03
C LEU B 227 27.00 -19.02 43.63
N GLY B 228 26.46 -18.42 42.57
CA GLY B 228 25.11 -18.76 42.17
C GLY B 228 24.98 -20.23 41.80
N ASP B 229 23.83 -20.80 42.11
CA ASP B 229 23.52 -22.16 41.70
C ASP B 229 22.94 -22.14 40.29
N PRO B 230 23.42 -22.99 39.37
CA PRO B 230 22.84 -23.00 38.03
C PRO B 230 21.34 -23.26 38.03
N ALA B 231 20.83 -23.96 39.05
CA ALA B 231 19.39 -24.16 39.15
C ALA B 231 18.64 -22.83 39.22
N GLU B 232 19.27 -21.80 39.81
CA GLU B 232 18.62 -20.50 39.88
C GLU B 232 18.58 -19.84 38.50
N TYR B 233 19.63 -20.03 37.70
CA TYR B 233 19.58 -19.58 36.31
C TYR B 233 18.47 -20.30 35.55
N ALA B 234 18.32 -21.60 35.76
CA ALA B 234 17.25 -22.34 35.10
C ALA B 234 15.88 -21.83 35.55
N HIS B 235 15.74 -21.52 36.84
CA HIS B 235 14.48 -20.99 37.35
C HIS B 235 14.15 -19.65 36.70
N LEU B 236 15.14 -18.77 36.58
CA LEU B 236 14.89 -17.49 35.92
C LEU B 236 14.54 -17.70 34.44
N VAL B 237 15.18 -18.67 33.79
CA VAL B 237 14.86 -18.96 32.39
C VAL B 237 13.40 -19.39 32.27
N GLN B 238 12.97 -20.29 33.15
CA GLN B 238 11.58 -20.74 33.10
C GLN B 238 10.62 -19.60 33.40
N ALA B 239 10.99 -18.73 34.33
CA ALA B 239 10.14 -17.57 34.64
C ALA B 239 10.00 -16.67 33.42
N ILE B 240 11.09 -16.44 32.69
CA ILE B 240 11.02 -15.63 31.48
C ILE B 240 10.14 -16.31 30.44
N ILE B 241 10.26 -17.63 30.31
CA ILE B 241 9.42 -18.36 29.37
C ILE B 241 7.94 -18.19 29.73
N GLU B 242 7.62 -18.29 31.02
CA GLU B 242 6.22 -18.29 31.44
C GLU B 242 5.60 -16.90 31.34
N ASN B 243 6.35 -15.87 31.69
CA ASN B 243 5.80 -14.52 31.66
C ASN B 243 5.69 -14.04 30.22
N PRO B 244 4.50 -13.75 29.71
CA PRO B 244 4.36 -13.32 28.31
C PRO B 244 4.57 -11.83 28.08
N PHE B 245 5.07 -11.09 29.07
CA PHE B 245 5.21 -9.65 28.94
C PHE B 245 6.64 -9.17 29.13
N LEU B 246 7.59 -10.07 29.39
CA LEU B 246 9.00 -9.71 29.45
C LEU B 246 9.58 -9.72 28.05
N ASN B 247 10.16 -8.61 27.62
CA ASN B 247 10.68 -8.50 26.27
C ASN B 247 11.71 -7.39 26.19
N GLY B 248 12.80 -7.66 25.48
CA GLY B 248 13.81 -6.63 25.23
C GLY B 248 14.46 -6.10 26.48
N GLU B 249 14.71 -6.96 27.46
CA GLU B 249 15.19 -6.54 28.77
C GLU B 249 16.37 -7.43 29.18
N VAL B 250 17.24 -6.86 30.01
CA VAL B 250 18.38 -7.57 30.58
C VAL B 250 18.16 -7.67 32.09
N ILE B 251 18.16 -8.90 32.60
CA ILE B 251 17.98 -9.16 34.03
C ILE B 251 19.33 -9.59 34.59
N ARG B 252 19.78 -8.91 35.64
CA ARG B 252 21.02 -9.25 36.31
C ARG B 252 20.72 -10.25 37.41
N LEU B 253 21.10 -11.51 37.19
CA LEU B 253 20.97 -12.56 38.20
C LEU B 253 22.33 -12.71 38.87
N ASP B 254 22.64 -11.75 39.74
CA ASP B 254 23.97 -11.63 40.31
C ASP B 254 24.00 -11.48 41.82
N GLY B 255 22.85 -11.48 42.49
CA GLY B 255 22.83 -11.37 43.94
C GLY B 255 23.37 -10.06 44.46
N ALA B 256 23.10 -8.97 43.74
CA ALA B 256 23.46 -7.60 44.13
C ALA B 256 24.96 -7.34 44.04
N ILE B 257 25.74 -8.26 43.48
CA ILE B 257 27.18 -8.06 43.40
C ILE B 257 27.50 -6.99 42.37
N ARG B 258 28.56 -6.23 42.64
CA ARG B 258 29.13 -5.30 41.68
C ARG B 258 30.62 -5.60 41.57
N MET B 259 31.09 -5.85 40.36
CA MET B 259 32.47 -6.27 40.16
C MET B 259 33.43 -5.10 40.36
N GLN B 260 34.46 -5.31 41.16
CA GLN B 260 35.51 -4.33 41.38
C GLN B 260 36.65 -4.56 40.40
N PRO B 261 37.53 -3.56 40.21
CA PRO B 261 38.62 -3.69 39.23
C PRO B 261 39.46 -4.95 39.43
N SER C 7 6.68 -23.09 45.54
CA SER C 7 5.46 -22.67 46.21
C SER C 7 5.72 -21.50 47.13
N VAL C 8 4.65 -20.81 47.54
CA VAL C 8 4.74 -19.70 48.48
C VAL C 8 3.76 -19.93 49.61
N LYS C 9 3.37 -21.18 49.83
CA LYS C 9 2.44 -21.50 50.90
C LYS C 9 3.08 -21.20 52.26
N GLY C 10 2.31 -20.55 53.13
CA GLY C 10 2.78 -20.19 54.45
C GLY C 10 3.45 -18.85 54.54
N LEU C 11 3.86 -18.27 53.41
CA LEU C 11 4.46 -16.95 53.43
C LEU C 11 3.40 -15.89 53.78
N VAL C 12 3.85 -14.83 54.43
CA VAL C 12 3.00 -13.69 54.76
C VAL C 12 3.50 -12.49 53.98
N ALA C 13 2.61 -11.87 53.22
CA ALA C 13 2.96 -10.77 52.33
C ALA C 13 2.22 -9.51 52.76
N VAL C 14 2.97 -8.42 52.95
CA VAL C 14 2.42 -7.11 53.20
C VAL C 14 2.45 -6.36 51.88
N ILE C 15 1.28 -6.15 51.28
CA ILE C 15 1.17 -5.55 49.96
C ILE C 15 0.57 -4.16 50.14
N THR C 16 1.40 -3.13 50.01
CA THR C 16 0.89 -1.77 50.07
C THR C 16 0.21 -1.40 48.77
N GLY C 17 -0.87 -0.66 48.86
CA GLY C 17 -1.70 -0.42 47.69
C GLY C 17 -2.31 -1.70 47.15
N GLY C 18 -2.69 -2.61 48.05
CA GLY C 18 -3.18 -3.92 47.69
C GLY C 18 -4.66 -4.02 47.45
N ALA C 19 -5.38 -2.90 47.46
CA ALA C 19 -6.81 -2.91 47.23
C ALA C 19 -7.17 -2.72 45.76
N SER C 20 -6.19 -2.44 44.89
CA SER C 20 -6.50 -2.15 43.50
C SER C 20 -5.27 -2.42 42.64
N GLY C 21 -5.52 -2.67 41.36
CA GLY C 21 -4.45 -2.70 40.38
C GLY C 21 -3.40 -3.76 40.65
N LEU C 22 -2.14 -3.36 40.55
CA LEU C 22 -1.05 -4.32 40.65
C LEU C 22 -0.99 -4.96 42.03
N GLY C 23 -1.20 -4.17 43.08
CA GLY C 23 -1.20 -4.73 44.41
C GLY C 23 -2.32 -5.74 44.60
N LEU C 24 -3.50 -5.45 44.07
CA LEU C 24 -4.60 -6.39 44.16
C LEU C 24 -4.30 -7.67 43.39
N ALA C 25 -3.71 -7.56 42.21
CA ALA C 25 -3.36 -8.74 41.44
C ALA C 25 -2.33 -9.58 42.17
N THR C 26 -1.32 -8.94 42.76
CA THR C 26 -0.32 -9.67 43.54
C THR C 26 -0.96 -10.38 44.71
N ALA C 27 -1.85 -9.70 45.43
CA ALA C 27 -2.52 -10.33 46.56
C ALA C 27 -3.35 -11.52 46.10
N GLU C 28 -4.09 -11.37 45.02
CA GLU C 28 -4.91 -12.46 44.51
C GLU C 28 -4.05 -13.66 44.17
N ARG C 29 -2.96 -13.45 43.43
CA ARG C 29 -2.11 -14.57 43.05
C ARG C 29 -1.49 -15.24 44.27
N LEU C 30 -0.92 -14.44 45.17
CA LEU C 30 -0.22 -15.03 46.31
C LEU C 30 -1.17 -15.78 47.23
N VAL C 31 -2.35 -15.22 47.51
CA VAL C 31 -3.31 -15.92 48.36
C VAL C 31 -3.82 -17.18 47.65
N GLY C 32 -3.98 -17.11 46.33
CA GLY C 32 -4.40 -18.29 45.59
C GLY C 32 -3.41 -19.43 45.70
N GLN C 33 -2.12 -19.13 45.80
CA GLN C 33 -1.09 -20.14 45.95
C GLN C 33 -0.96 -20.65 47.38
N GLY C 34 -1.70 -20.08 48.32
CA GLY C 34 -1.68 -20.52 49.70
C GLY C 34 -1.01 -19.59 50.69
N ALA C 35 -0.59 -18.40 50.28
CA ALA C 35 0.06 -17.46 51.17
C ALA C 35 -0.97 -16.63 51.92
N SER C 36 -0.49 -15.83 52.86
CA SER C 36 -1.31 -14.90 53.63
C SER C 36 -0.94 -13.48 53.26
N ALA C 37 -1.94 -12.63 53.07
CA ALA C 37 -1.73 -11.29 52.55
C ALA C 37 -2.34 -10.25 53.48
N VAL C 38 -1.65 -9.12 53.59
CA VAL C 38 -2.13 -7.96 54.31
C VAL C 38 -2.17 -6.80 53.32
N LEU C 39 -3.38 -6.36 52.97
CA LEU C 39 -3.55 -5.26 52.04
C LEU C 39 -3.44 -3.96 52.83
N LEU C 40 -2.28 -3.33 52.77
CA LEU C 40 -2.04 -2.06 53.44
C LEU C 40 -2.44 -0.94 52.49
N ASP C 41 -3.56 -0.29 52.77
CA ASP C 41 -4.11 0.70 51.84
C ASP C 41 -4.83 1.79 52.61
N LEU C 42 -5.32 2.78 51.87
CA LEU C 42 -6.01 3.91 52.48
C LEU C 42 -7.37 3.48 53.02
N PRO C 43 -7.87 4.13 54.07
CA PRO C 43 -9.14 3.68 54.67
C PRO C 43 -10.32 3.69 53.70
N ASN C 44 -10.37 4.65 52.78
CA ASN C 44 -11.50 4.81 51.87
C ASN C 44 -11.17 4.33 50.46
N SER C 45 -10.39 3.26 50.36
CA SER C 45 -10.03 2.67 49.07
C SER C 45 -10.81 1.41 48.77
N GLY C 46 -11.78 1.05 49.61
CA GLY C 46 -12.53 -0.18 49.40
C GLY C 46 -11.68 -1.42 49.49
N GLY C 47 -10.66 -1.43 50.36
CA GLY C 47 -9.83 -2.60 50.53
C GLY C 47 -10.43 -3.65 51.43
N GLU C 48 -11.38 -3.27 52.29
CA GLU C 48 -12.04 -4.27 53.13
C GLU C 48 -12.86 -5.23 52.28
N ALA C 49 -13.53 -4.72 51.25
CA ALA C 49 -14.30 -5.60 50.37
C ALA C 49 -13.37 -6.60 49.67
N GLN C 50 -12.24 -6.12 49.16
CA GLN C 50 -11.29 -7.02 48.51
C GLN C 50 -10.74 -8.05 49.51
N ALA C 51 -10.42 -7.61 50.72
CA ALA C 51 -9.89 -8.54 51.71
C ALA C 51 -10.91 -9.62 52.05
N LYS C 52 -12.18 -9.24 52.22
CA LYS C 52 -13.20 -10.25 52.47
C LYS C 52 -13.37 -11.17 51.28
N LYS C 53 -13.31 -10.63 50.06
CA LYS C 53 -13.46 -11.45 48.87
C LYS C 53 -12.31 -12.44 48.73
N LEU C 54 -11.12 -12.10 49.24
CA LEU C 54 -9.98 -12.98 49.10
C LEU C 54 -9.96 -14.12 50.12
N GLY C 55 -10.76 -14.02 51.18
CA GLY C 55 -10.91 -15.10 52.13
C GLY C 55 -10.26 -14.79 53.47
N ASN C 56 -10.08 -15.86 54.25
CA ASN C 56 -9.54 -15.71 55.60
C ASN C 56 -8.06 -15.34 55.57
N ASN C 57 -7.30 -15.89 54.63
CA ASN C 57 -5.87 -15.63 54.57
C ASN C 57 -5.53 -14.23 54.10
N CYS C 58 -6.51 -13.34 53.90
CA CYS C 58 -6.25 -11.96 53.53
C CYS C 58 -6.90 -11.05 54.55
N VAL C 59 -6.15 -10.04 55.00
CA VAL C 59 -6.65 -9.06 55.96
C VAL C 59 -6.36 -7.67 55.40
N PHE C 60 -7.09 -6.68 55.91
CA PHE C 60 -6.97 -5.31 55.45
C PHE C 60 -6.38 -4.45 56.56
N ALA C 61 -5.38 -3.63 56.19
CA ALA C 61 -4.76 -2.67 57.10
C ALA C 61 -4.96 -1.27 56.55
N PRO C 62 -5.89 -0.48 57.10
CA PRO C 62 -6.02 0.90 56.66
C PRO C 62 -4.85 1.74 57.13
N ALA C 63 -4.00 2.17 56.20
CA ALA C 63 -2.79 2.90 56.57
C ALA C 63 -2.36 3.79 55.41
N ASP C 64 -1.72 4.89 55.76
CA ASP C 64 -1.08 5.78 54.79
C ASP C 64 0.42 5.49 54.82
N VAL C 65 0.96 5.06 53.68
CA VAL C 65 2.37 4.72 53.62
C VAL C 65 3.25 5.91 53.96
N THR C 66 2.73 7.13 53.84
CA THR C 66 3.50 8.32 54.16
C THR C 66 3.50 8.64 55.65
N SER C 67 2.74 7.90 56.45
CA SER C 67 2.66 8.13 57.89
C SER C 67 3.35 6.98 58.61
N GLU C 68 4.31 7.32 59.46
CA GLU C 68 5.03 6.29 60.21
C GLU C 68 4.11 5.53 61.15
N LYS C 69 3.22 6.25 61.84
CA LYS C 69 2.33 5.62 62.81
C LYS C 69 1.36 4.66 62.12
N ASP C 70 0.82 5.05 60.97
CA ASP C 70 -0.12 4.19 60.26
C ASP C 70 0.54 2.89 59.81
N VAL C 71 1.75 2.99 59.25
CA VAL C 71 2.45 1.78 58.79
C VAL C 71 2.84 0.92 59.99
N GLN C 72 3.24 1.56 61.10
CA GLN C 72 3.56 0.79 62.29
C GLN C 72 2.35 0.00 62.78
N THR C 73 1.18 0.64 62.81
CA THR C 73 -0.04 -0.06 63.23
C THR C 73 -0.40 -1.16 62.25
N ALA C 74 -0.23 -0.91 60.95
CA ALA C 74 -0.52 -1.95 59.97
C ALA C 74 0.37 -3.17 60.17
N LEU C 75 1.67 -2.94 60.37
CA LEU C 75 2.58 -4.06 60.59
C LEU C 75 2.31 -4.76 61.91
N ALA C 76 1.89 -4.02 62.95
CA ALA C 76 1.51 -4.66 64.20
C ALA C 76 0.30 -5.56 63.99
N LEU C 77 -0.69 -5.08 63.23
CA LEU C 77 -1.85 -5.91 62.91
C LEU C 77 -1.44 -7.16 62.14
N ALA C 78 -0.53 -6.99 61.17
CA ALA C 78 -0.07 -8.14 60.40
C ALA C 78 0.64 -9.15 61.28
N LYS C 79 1.51 -8.69 62.18
CA LYS C 79 2.23 -9.59 63.06
C LYS C 79 1.28 -10.31 64.00
N GLY C 80 0.30 -9.61 64.55
CA GLY C 80 -0.66 -10.25 65.43
C GLY C 80 -1.52 -11.27 64.72
N LYS C 81 -1.95 -10.95 63.49
CA LYS C 81 -2.86 -11.84 62.77
C LYS C 81 -2.14 -13.09 62.27
N PHE C 82 -0.95 -12.93 61.70
CA PHE C 82 -0.26 -14.02 61.04
C PHE C 82 1.04 -14.45 61.72
N GLY C 83 1.59 -13.62 62.61
CA GLY C 83 2.73 -14.00 63.41
C GLY C 83 4.07 -13.48 62.91
N ARG C 84 4.15 -13.04 61.67
CA ARG C 84 5.42 -12.58 61.10
C ARG C 84 5.14 -11.89 59.77
N VAL C 85 6.22 -11.47 59.12
CA VAL C 85 6.16 -10.93 57.76
C VAL C 85 7.33 -11.53 56.99
N ASP C 86 7.05 -12.05 55.81
CA ASP C 86 8.07 -12.65 54.94
C ASP C 86 8.33 -11.83 53.69
N VAL C 87 7.29 -11.36 53.02
CA VAL C 87 7.44 -10.61 51.77
C VAL C 87 6.76 -9.25 51.94
N ALA C 88 7.34 -8.24 51.31
CA ALA C 88 6.75 -6.92 51.23
C ALA C 88 6.71 -6.50 49.78
N VAL C 89 5.56 -5.98 49.35
CA VAL C 89 5.38 -5.51 47.97
C VAL C 89 4.89 -4.07 48.05
N ASN C 90 5.75 -3.13 47.65
CA ASN C 90 5.42 -1.71 47.66
C ASN C 90 4.79 -1.38 46.32
N CYS C 91 3.46 -1.33 46.30
CA CYS C 91 2.70 -0.95 45.11
C CYS C 91 1.88 0.32 45.30
N ALA C 92 1.86 0.90 46.50
CA ALA C 92 1.17 2.15 46.71
C ALA C 92 1.86 3.26 45.94
N GLY C 93 1.08 4.10 45.29
CA GLY C 93 1.63 5.20 44.53
C GLY C 93 0.55 5.98 43.82
N ILE C 94 0.90 7.21 43.44
CA ILE C 94 0.01 8.08 42.70
C ILE C 94 0.77 8.61 41.49
N ALA C 95 0.03 8.95 40.45
CA ALA C 95 0.57 9.54 39.24
C ALA C 95 0.07 10.97 39.11
N VAL C 96 0.92 11.84 38.56
CA VAL C 96 0.56 13.23 38.31
C VAL C 96 1.25 13.66 37.02
N ALA C 97 0.49 14.30 36.14
CA ALA C 97 1.00 14.82 34.89
C ALA C 97 0.98 16.34 34.95
N SER C 98 2.13 16.96 34.74
CA SER C 98 2.24 18.40 34.78
C SER C 98 3.58 18.84 34.17
N LYS C 99 3.54 19.78 33.24
CA LYS C 99 4.77 20.25 32.61
C LYS C 99 5.57 21.09 33.60
N THR C 100 6.89 21.02 33.47
CA THR C 100 7.76 21.82 34.31
C THR C 100 7.50 23.31 34.11
N TYR C 101 7.29 23.72 32.86
CA TYR C 101 7.01 25.12 32.55
C TYR C 101 6.40 25.19 31.17
N ASN C 102 5.34 25.98 31.03
CA ASN C 102 4.65 26.19 29.77
C ASN C 102 4.82 27.66 29.37
N LEU C 103 5.67 27.91 28.37
CA LEU C 103 5.94 29.29 27.96
C LEU C 103 4.70 29.95 27.41
N LYS C 104 3.92 29.23 26.60
CA LYS C 104 2.74 29.84 25.98
C LYS C 104 1.73 30.29 27.02
N LYS C 105 1.48 29.46 28.03
CA LYS C 105 0.52 29.79 29.08
C LYS C 105 1.15 30.48 30.27
N GLY C 106 2.48 30.59 30.31
CA GLY C 106 3.14 31.16 31.47
C GLY C 106 2.88 30.40 32.74
N GLN C 107 2.65 29.09 32.64
CA GLN C 107 2.29 28.26 33.78
C GLN C 107 3.52 27.49 34.26
N THR C 108 3.71 27.47 35.58
CA THR C 108 4.84 26.80 36.20
C THR C 108 4.35 25.61 37.01
N HIS C 109 5.13 24.53 37.01
CA HIS C 109 4.82 23.38 37.84
C HIS C 109 4.70 23.80 39.29
N THR C 110 3.62 23.37 39.94
CA THR C 110 3.42 23.67 41.34
C THR C 110 4.33 22.81 42.20
N LEU C 111 4.85 23.39 43.28
CA LEU C 111 5.73 22.64 44.17
C LEU C 111 4.96 21.62 44.99
N GLU C 112 3.69 21.89 45.28
CA GLU C 112 2.89 20.95 46.05
C GLU C 112 2.71 19.63 45.31
N ASP C 113 2.48 19.68 44.00
CA ASP C 113 2.32 18.44 43.24
C ASP C 113 3.58 17.58 43.33
N PHE C 114 4.74 18.19 43.09
CA PHE C 114 6.00 17.47 43.18
C PHE C 114 6.19 16.90 44.58
N GLN C 115 5.93 17.72 45.61
CA GLN C 115 6.15 17.28 46.98
C GLN C 115 5.25 16.11 47.34
N ARG C 116 3.98 16.16 46.92
CA ARG C 116 3.06 15.09 47.31
C ARG C 116 3.33 13.82 46.52
N VAL C 117 3.73 13.93 45.26
CA VAL C 117 4.13 12.75 44.50
C VAL C 117 5.34 12.10 45.18
N LEU C 118 6.33 12.92 45.56
CA LEU C 118 7.49 12.39 46.27
C LEU C 118 7.06 11.69 47.55
N ASP C 119 6.23 12.36 48.36
CA ASP C 119 5.83 11.80 49.64
C ASP C 119 5.15 10.46 49.46
N VAL C 120 4.20 10.37 48.52
CA VAL C 120 3.46 9.12 48.36
C VAL C 120 4.37 8.03 47.83
N ASN C 121 5.13 8.32 46.77
CA ASN C 121 5.88 7.26 46.11
C ASN C 121 7.20 6.97 46.83
N LEU C 122 8.12 7.93 46.81
CA LEU C 122 9.48 7.65 47.28
C LEU C 122 9.52 7.55 48.80
N MET C 123 9.04 8.58 49.49
CA MET C 123 9.06 8.57 50.95
C MET C 123 8.19 7.46 51.51
N GLY C 124 7.03 7.23 50.90
CA GLY C 124 6.17 6.14 51.36
C GLY C 124 6.82 4.78 51.19
N THR C 125 7.46 4.55 50.04
CA THR C 125 8.17 3.30 49.82
C THR C 125 9.27 3.12 50.85
N PHE C 126 10.05 4.16 51.12
CA PHE C 126 11.12 4.02 52.09
C PHE C 126 10.58 3.79 53.50
N ASN C 127 9.51 4.47 53.87
CA ASN C 127 8.91 4.27 55.19
C ASN C 127 8.49 2.81 55.36
N VAL C 128 7.76 2.29 54.37
CA VAL C 128 7.34 0.90 54.45
C VAL C 128 8.56 -0.01 54.47
N ILE C 129 9.57 0.28 53.66
CA ILE C 129 10.74 -0.59 53.57
C ILE C 129 11.44 -0.67 54.92
N ARG C 130 11.70 0.47 55.54
CA ARG C 130 12.43 0.45 56.80
C ARG C 130 11.63 -0.24 57.89
N LEU C 131 10.33 0.05 58.00
CA LEU C 131 9.55 -0.59 59.05
C LEU C 131 9.44 -2.10 58.84
N VAL C 132 9.21 -2.52 57.59
CA VAL C 132 9.04 -3.95 57.34
C VAL C 132 10.38 -4.68 57.42
N ALA C 133 11.48 -3.99 57.14
CA ALA C 133 12.79 -4.58 57.37
C ALA C 133 13.03 -4.79 58.85
N GLY C 134 12.64 -3.82 59.68
CA GLY C 134 12.70 -4.03 61.11
C GLY C 134 11.87 -5.23 61.54
N GLU C 135 10.69 -5.39 60.94
CA GLU C 135 9.85 -6.54 61.27
C GLU C 135 10.48 -7.85 60.82
N MET C 136 11.03 -7.89 59.61
CA MET C 136 11.64 -9.11 59.09
C MET C 136 12.87 -9.52 59.89
N GLY C 137 13.66 -8.54 60.34
CA GLY C 137 14.86 -8.84 61.10
C GLY C 137 14.62 -9.80 62.26
N GLN C 138 13.37 -9.92 62.72
CA GLN C 138 13.04 -10.85 63.79
C GLN C 138 12.86 -12.28 63.29
N ASN C 139 12.87 -12.48 62.00
CA ASN C 139 12.56 -13.84 61.47
C ASN C 139 13.83 -14.68 61.48
N GLU C 140 13.75 -15.91 61.96
CA GLU C 140 14.87 -16.84 61.93
C GLU C 140 15.28 -17.07 60.48
N PRO C 141 16.56 -16.94 60.14
CA PRO C 141 16.96 -17.17 58.75
C PRO C 141 16.65 -18.61 58.33
N ASP C 142 16.23 -18.76 57.08
CA ASP C 142 15.87 -20.07 56.55
C ASP C 142 17.14 -20.85 56.24
N GLN C 143 17.00 -22.00 55.58
CA GLN C 143 18.16 -22.79 55.22
C GLN C 143 19.15 -21.99 54.39
N GLY C 144 18.65 -21.08 53.55
CA GLY C 144 19.49 -20.25 52.73
C GLY C 144 19.94 -18.96 53.37
N GLY C 145 19.58 -18.71 54.62
CA GLY C 145 20.00 -17.50 55.30
C GLY C 145 19.20 -16.26 54.94
N GLN C 146 17.95 -16.44 54.52
CA GLN C 146 17.10 -15.33 54.08
C GLN C 146 16.01 -15.08 55.09
N ARG C 147 15.80 -13.80 55.44
CA ARG C 147 14.74 -13.42 56.37
C ARG C 147 13.53 -12.81 55.67
N GLY C 148 13.67 -12.37 54.44
CA GLY C 148 12.53 -11.81 53.72
C GLY C 148 12.94 -11.27 52.38
N VAL C 149 11.93 -10.79 51.66
CA VAL C 149 12.11 -10.18 50.34
C VAL C 149 11.25 -8.93 50.27
N ILE C 150 11.82 -7.87 49.71
CA ILE C 150 11.11 -6.61 49.49
C ILE C 150 11.14 -6.30 48.01
N ILE C 151 9.97 -6.02 47.43
CA ILE C 151 9.82 -5.79 46.01
C ILE C 151 9.10 -4.46 45.83
N ASN C 152 9.77 -3.49 45.20
CA ASN C 152 9.22 -2.17 45.00
C ASN C 152 8.73 -2.02 43.57
N THR C 153 7.72 -1.15 43.39
CA THR C 153 7.19 -0.85 42.06
C THR C 153 7.72 0.50 41.61
N ALA C 154 8.66 0.47 40.68
CA ALA C 154 9.13 1.66 39.98
C ALA C 154 8.30 1.83 38.71
N SER C 155 8.77 2.67 37.79
CA SER C 155 8.15 2.79 36.47
C SER C 155 9.24 2.88 35.42
N VAL C 156 8.86 2.58 34.18
CA VAL C 156 9.75 2.86 33.05
C VAL C 156 9.93 4.37 32.89
N ALA C 157 9.07 5.16 33.51
CA ALA C 157 9.29 6.61 33.55
C ALA C 157 10.56 6.96 34.30
N ALA C 158 11.06 6.05 35.13
CA ALA C 158 12.35 6.24 35.78
C ALA C 158 13.51 6.22 34.79
N PHE C 159 13.27 5.79 33.56
CA PHE C 159 14.31 5.69 32.53
C PHE C 159 14.03 6.56 31.32
N GLU C 160 12.80 6.58 30.81
CA GLU C 160 12.46 7.40 29.65
C GLU C 160 11.14 8.14 29.89
N GLY C 161 11.03 8.81 31.03
CA GLY C 161 9.82 9.55 31.32
C GLY C 161 9.52 10.58 30.25
N GLN C 162 8.22 10.83 30.06
CA GLN C 162 7.73 11.66 28.97
C GLN C 162 7.48 13.09 29.44
N VAL C 163 6.89 13.89 28.56
CA VAL C 163 6.51 15.26 28.89
C VAL C 163 5.43 15.24 29.96
N GLY C 164 5.62 16.03 31.01
CA GLY C 164 4.67 16.11 32.10
C GLY C 164 4.89 15.10 33.21
N GLN C 165 5.89 14.24 33.09
CA GLN C 165 6.15 13.20 34.09
C GLN C 165 7.36 13.53 34.97
N ALA C 166 7.65 14.82 35.15
CA ALA C 166 8.85 15.21 35.88
C ALA C 166 8.82 14.70 37.32
N ALA C 167 7.71 14.96 38.04
CA ALA C 167 7.64 14.55 39.43
C ALA C 167 7.53 13.02 39.55
N TYR C 168 6.69 12.41 38.72
CA TYR C 168 6.57 10.96 38.74
C TYR C 168 7.90 10.29 38.41
N SER C 169 8.59 10.80 37.38
CA SER C 169 9.89 10.26 37.02
C SER C 169 10.90 10.46 38.14
N ALA C 170 10.82 11.61 38.83
CA ALA C 170 11.73 11.85 39.95
C ALA C 170 11.53 10.81 41.04
N SER C 171 10.28 10.55 41.42
CA SER C 171 10.02 9.58 42.48
C SER C 171 10.44 8.17 42.06
N LYS C 172 10.11 7.77 40.83
CA LYS C 172 10.44 6.41 40.41
C LYS C 172 11.95 6.24 40.23
N GLY C 173 12.63 7.26 39.70
CA GLY C 173 14.07 7.21 39.63
C GLY C 173 14.71 7.18 41.00
N GLY C 174 14.10 7.85 41.99
CA GLY C 174 14.58 7.72 43.35
C GLY C 174 14.48 6.30 43.86
N ILE C 175 13.35 5.63 43.59
CA ILE C 175 13.22 4.24 43.99
C ILE C 175 14.30 3.39 43.32
N VAL C 176 14.51 3.60 42.01
CA VAL C 176 15.51 2.84 41.28
C VAL C 176 16.90 3.08 41.88
N GLY C 177 17.22 4.34 42.16
CA GLY C 177 18.53 4.66 42.68
C GLY C 177 18.77 4.11 44.07
N MET C 178 17.72 4.07 44.90
CA MET C 178 17.86 3.58 46.26
C MET C 178 17.72 2.08 46.38
N THR C 179 17.33 1.38 45.31
CA THR C 179 17.22 -0.08 45.39
C THR C 179 18.54 -0.72 45.81
N LEU C 180 19.63 -0.43 45.10
CA LEU C 180 20.90 -1.10 45.38
C LEU C 180 21.43 -0.74 46.76
N PRO C 181 21.49 0.51 47.18
CA PRO C 181 21.99 0.81 48.54
C PRO C 181 21.22 0.08 49.62
N ILE C 182 19.90 -0.03 49.49
CA ILE C 182 19.12 -0.73 50.53
C ILE C 182 19.41 -2.22 50.49
N ALA C 183 19.60 -2.79 49.30
CA ALA C 183 19.98 -4.20 49.20
C ALA C 183 21.32 -4.44 49.90
N ARG C 184 22.29 -3.56 49.68
CA ARG C 184 23.57 -3.69 50.36
C ARG C 184 23.41 -3.51 51.87
N ASP C 185 22.55 -2.57 52.29
CA ASP C 185 22.31 -2.36 53.71
C ASP C 185 21.76 -3.60 54.37
N LEU C 186 20.79 -4.24 53.73
CA LEU C 186 20.08 -5.36 54.34
C LEU C 186 20.70 -6.71 54.04
N ALA C 187 21.73 -6.77 53.19
CA ALA C 187 22.41 -8.04 52.93
C ALA C 187 22.89 -8.74 54.20
N PRO C 188 23.53 -8.06 55.16
CA PRO C 188 23.88 -8.76 56.41
C PRO C 188 22.67 -9.34 57.11
N ILE C 189 21.51 -8.67 57.03
CA ILE C 189 20.29 -9.18 57.64
C ILE C 189 19.64 -10.28 56.82
N GLY C 190 20.10 -10.50 55.59
CA GLY C 190 19.51 -11.53 54.76
C GLY C 190 18.17 -11.19 54.17
N ILE C 191 17.94 -9.93 53.82
CA ILE C 191 16.70 -9.49 53.19
C ILE C 191 17.03 -9.05 51.77
N ARG C 192 16.37 -9.65 50.80
CA ARG C 192 16.56 -9.29 49.40
C ARG C 192 15.67 -8.12 49.03
N VAL C 193 16.21 -7.21 48.23
CA VAL C 193 15.50 -6.01 47.80
C VAL C 193 15.51 -5.97 46.28
N MET C 194 14.33 -5.89 45.69
CA MET C 194 14.18 -5.90 44.24
C MET C 194 13.19 -4.82 43.83
N THR C 195 13.28 -4.43 42.56
CA THR C 195 12.38 -3.44 41.99
C THR C 195 11.86 -3.93 40.65
N ILE C 196 10.58 -3.75 40.41
CA ILE C 196 9.95 -4.03 39.12
C ILE C 196 9.53 -2.71 38.50
N ALA C 197 9.95 -2.47 37.28
CA ALA C 197 9.59 -1.26 36.56
C ALA C 197 8.58 -1.59 35.47
N PRO C 198 7.29 -1.67 35.79
CA PRO C 198 6.29 -2.02 34.77
C PRO C 198 6.15 -0.93 33.73
N GLY C 199 5.59 -1.32 32.60
CA GLY C 199 5.37 -0.40 31.49
C GLY C 199 3.96 0.16 31.50
N LEU C 200 3.12 -0.33 30.60
CA LEU C 200 1.72 0.07 30.54
C LEU C 200 0.86 -1.13 30.85
N PHE C 201 0.16 -1.09 31.99
CA PHE C 201 -0.65 -2.20 32.46
C PHE C 201 -2.11 -1.81 32.52
N GLY C 202 -2.98 -2.79 32.29
CA GLY C 202 -4.41 -2.55 32.33
C GLY C 202 -4.95 -2.47 33.74
N THR C 203 -4.62 -1.40 34.44
CA THR C 203 -5.08 -1.14 35.80
C THR C 203 -5.98 0.09 35.81
N PRO C 204 -6.72 0.31 36.91
CA PRO C 204 -7.60 1.48 36.96
C PRO C 204 -6.89 2.80 36.70
N LEU C 205 -5.56 2.83 36.86
CA LEU C 205 -4.80 4.03 36.53
C LEU C 205 -4.74 4.29 35.03
N LEU C 206 -5.09 3.29 34.21
CA LEU C 206 -5.07 3.43 32.75
C LEU C 206 -6.39 3.08 32.09
N THR C 207 -7.14 2.12 32.62
CA THR C 207 -8.40 1.72 32.00
C THR C 207 -9.47 2.80 32.09
N SER C 208 -9.24 3.84 32.90
CA SER C 208 -10.18 4.96 33.00
C SER C 208 -10.08 5.92 31.83
N LEU C 209 -9.10 5.76 30.96
CA LEU C 209 -8.92 6.64 29.81
C LEU C 209 -9.89 6.27 28.69
N PRO C 210 -10.13 7.18 27.75
CA PRO C 210 -11.01 6.87 26.63
C PRO C 210 -10.48 5.70 25.81
N GLU C 211 -11.40 4.96 25.18
CA GLU C 211 -11.03 3.73 24.50
C GLU C 211 -10.00 3.97 23.41
N LYS C 212 -10.08 5.11 22.71
CA LYS C 212 -9.12 5.40 21.66
C LYS C 212 -7.70 5.51 22.22
N VAL C 213 -7.57 6.16 23.37
CA VAL C 213 -6.26 6.28 24.01
C VAL C 213 -5.74 4.90 24.41
N CYS C 214 -6.61 4.06 24.95
CA CYS C 214 -6.19 2.71 25.32
C CYS C 214 -5.74 1.92 24.10
N ASN C 215 -6.45 2.05 22.98
CA ASN C 215 -6.04 1.37 21.76
C ASN C 215 -4.69 1.86 21.28
N PHE C 216 -4.46 3.18 21.33
CA PHE C 216 -3.17 3.71 20.92
C PHE C 216 -2.05 3.18 21.81
N LEU C 217 -2.28 3.18 23.12
CA LEU C 217 -1.26 2.68 24.04
C LEU C 217 -0.98 1.20 23.78
N ALA C 218 -2.02 0.41 23.55
CA ALA C 218 -1.81 -0.99 23.23
C ALA C 218 -1.00 -1.16 21.96
N SER C 219 -1.29 -0.35 20.93
CA SER C 219 -0.51 -0.41 19.70
C SER C 219 0.93 0.04 19.91
N GLN C 220 1.20 0.84 20.94
CA GLN C 220 2.56 1.33 21.17
C GLN C 220 3.47 0.26 21.75
N VAL C 221 2.93 -0.80 22.32
CA VAL C 221 3.74 -1.88 22.89
C VAL C 221 4.23 -2.76 21.74
N PRO C 222 5.55 -2.98 21.60
CA PRO C 222 6.04 -3.80 20.48
C PRO C 222 5.44 -5.19 20.43
N PHE C 223 5.62 -5.96 21.51
CA PHE C 223 4.97 -7.26 21.60
C PHE C 223 4.94 -7.74 23.05
N PRO C 224 3.79 -8.20 23.55
CA PRO C 224 2.48 -8.23 22.89
C PRO C 224 1.89 -6.84 22.76
N SER C 225 1.20 -6.55 21.66
CA SER C 225 0.63 -5.22 21.43
C SER C 225 -0.66 -5.09 22.23
N ARG C 226 -0.50 -5.02 23.55
CA ARG C 226 -1.62 -4.86 24.46
C ARG C 226 -1.10 -4.33 25.77
N LEU C 227 -2.00 -3.76 26.57
CA LEU C 227 -1.64 -3.31 27.91
C LEU C 227 -1.32 -4.51 28.79
N GLY C 228 -0.31 -4.37 29.63
CA GLY C 228 0.10 -5.48 30.46
C GLY C 228 -1.02 -5.93 31.39
N ASP C 229 -1.11 -7.24 31.59
CA ASP C 229 -2.06 -7.80 32.53
C ASP C 229 -1.48 -7.74 33.95
N PRO C 230 -2.24 -7.29 34.94
CA PRO C 230 -1.72 -7.35 36.31
C PRO C 230 -1.31 -8.74 36.75
N ALA C 231 -1.92 -9.78 36.17
CA ALA C 231 -1.49 -11.14 36.47
C ALA C 231 -0.03 -11.36 36.08
N GLU C 232 0.44 -10.71 35.02
CA GLU C 232 1.85 -10.83 34.65
C GLU C 232 2.75 -10.19 35.68
N TYR C 233 2.33 -9.04 36.23
CA TYR C 233 3.08 -8.42 37.31
C TYR C 233 3.13 -9.32 38.52
N ALA C 234 2.00 -9.95 38.87
CA ALA C 234 1.99 -10.88 40.00
C ALA C 234 2.91 -12.07 39.73
N HIS C 235 2.93 -12.56 38.50
CA HIS C 235 3.80 -13.68 38.16
C HIS C 235 5.27 -13.30 38.32
N LEU C 236 5.65 -12.10 37.86
CA LEU C 236 7.03 -11.66 38.04
C LEU C 236 7.36 -11.48 39.51
N VAL C 237 6.42 -10.98 40.29
CA VAL C 237 6.64 -10.82 41.73
C VAL C 237 6.91 -12.18 42.36
N GLN C 238 6.10 -13.18 42.02
CA GLN C 238 6.31 -14.51 42.59
C GLN C 238 7.64 -15.10 42.12
N ALA C 239 8.01 -14.86 40.87
CA ALA C 239 9.30 -15.33 40.38
C ALA C 239 10.45 -14.73 41.17
N ILE C 240 10.36 -13.43 41.47
CA ILE C 240 11.38 -12.79 42.30
C ILE C 240 11.39 -13.40 43.69
N ILE C 241 10.21 -13.68 44.25
CA ILE C 241 10.13 -14.26 45.58
C ILE C 241 10.83 -15.62 45.62
N GLU C 242 10.60 -16.45 44.60
CA GLU C 242 11.11 -17.80 44.62
C GLU C 242 12.59 -17.88 44.28
N ASN C 243 13.12 -16.94 43.50
CA ASN C 243 14.52 -16.99 43.10
C ASN C 243 15.41 -16.40 44.18
N PRO C 244 16.27 -17.20 44.84
CA PRO C 244 17.07 -16.66 45.93
C PRO C 244 18.26 -15.82 45.50
N PHE C 245 18.53 -15.69 44.20
CA PHE C 245 19.72 -15.00 43.72
C PHE C 245 19.39 -13.70 42.99
N LEU C 246 18.13 -13.26 43.01
CA LEU C 246 17.75 -11.96 42.48
C LEU C 246 17.79 -10.95 43.61
N ASN C 247 18.69 -9.97 43.51
CA ASN C 247 18.87 -9.01 44.58
C ASN C 247 19.48 -7.73 44.02
N GLY C 248 18.93 -6.59 44.44
CA GLY C 248 19.47 -5.31 44.04
C GLY C 248 19.41 -5.07 42.55
N GLU C 249 18.31 -5.47 41.91
CA GLU C 249 18.16 -5.37 40.47
C GLU C 249 16.80 -4.77 40.14
N VAL C 250 16.73 -4.07 39.02
CA VAL C 250 15.49 -3.50 38.50
C VAL C 250 15.14 -4.24 37.22
N ILE C 251 13.94 -4.81 37.18
CA ILE C 251 13.47 -5.59 36.03
C ILE C 251 12.36 -4.80 35.34
N ARG C 252 12.53 -4.56 34.05
CA ARG C 252 11.56 -3.82 33.26
C ARG C 252 10.52 -4.79 32.70
N LEU C 253 9.32 -4.76 33.26
CA LEU C 253 8.21 -5.57 32.78
C LEU C 253 7.32 -4.66 31.94
N ASP C 254 7.75 -4.41 30.71
CA ASP C 254 7.11 -3.42 29.85
C ASP C 254 6.86 -3.89 28.42
N GLY C 255 7.23 -5.11 28.07
CA GLY C 255 7.01 -5.58 26.71
C GLY C 255 7.89 -4.93 25.67
N ALA C 256 9.06 -4.43 26.06
CA ALA C 256 10.05 -3.85 25.17
C ALA C 256 9.66 -2.46 24.67
N ILE C 257 8.79 -1.76 25.38
CA ILE C 257 8.36 -0.43 24.96
C ILE C 257 9.39 0.60 25.44
N ARG C 258 9.54 1.65 24.65
CA ARG C 258 10.32 2.83 25.04
C ARG C 258 9.46 4.04 24.78
N MET C 259 9.09 4.75 25.85
CA MET C 259 8.12 5.84 25.73
C MET C 259 8.66 6.97 24.86
N GLN C 260 7.78 7.52 24.03
CA GLN C 260 8.08 8.69 23.23
C GLN C 260 8.02 9.95 24.09
N PRO C 261 8.62 11.06 23.63
CA PRO C 261 8.56 12.31 24.39
C PRO C 261 7.13 12.73 24.77
N SER D 7 33.31 30.14 24.42
CA SER D 7 33.37 31.42 25.13
C SER D 7 32.09 31.63 25.94
N VAL D 8 32.25 31.99 27.20
CA VAL D 8 31.13 32.24 28.10
C VAL D 8 31.07 33.70 28.53
N LYS D 9 31.85 34.58 27.91
CA LYS D 9 31.82 35.98 28.27
C LYS D 9 30.43 36.55 28.02
N GLY D 10 29.89 37.24 29.01
CA GLY D 10 28.57 37.82 28.93
C GLY D 10 27.46 36.97 29.49
N LEU D 11 27.69 35.70 29.75
CA LEU D 11 26.66 34.85 30.31
C LEU D 11 26.37 35.25 31.75
N VAL D 12 25.18 34.87 32.23
CA VAL D 12 24.79 35.06 33.62
C VAL D 12 24.44 33.69 34.17
N ALA D 13 25.15 33.27 35.21
CA ALA D 13 24.99 31.95 35.80
C ALA D 13 24.49 32.08 37.23
N VAL D 14 23.38 31.41 37.51
CA VAL D 14 22.87 31.27 38.87
C VAL D 14 23.35 29.91 39.37
N ILE D 15 24.26 29.92 40.33
CA ILE D 15 24.88 28.71 40.85
C ILE D 15 24.41 28.53 42.29
N THR D 16 23.60 27.50 42.51
CA THR D 16 23.15 27.21 43.87
C THR D 16 24.24 26.46 44.62
N GLY D 17 24.33 26.71 45.92
CA GLY D 17 25.46 26.18 46.67
C GLY D 17 26.79 26.69 46.16
N GLY D 18 26.82 27.93 45.67
CA GLY D 18 28.00 28.49 45.05
C GLY D 18 29.03 29.07 45.98
N ALA D 19 28.80 28.98 47.29
CA ALA D 19 29.73 29.51 48.28
C ALA D 19 30.76 28.49 48.72
N SER D 20 30.66 27.24 48.26
CA SER D 20 31.57 26.20 48.73
C SER D 20 31.64 25.07 47.71
N GLY D 21 32.77 24.40 47.68
CA GLY D 21 32.90 23.15 46.93
C GLY D 21 32.71 23.34 45.44
N LEU D 22 31.93 22.43 44.85
CA LEU D 22 31.79 22.40 43.40
C LEU D 22 31.14 23.68 42.88
N GLY D 23 30.14 24.19 43.59
CA GLY D 23 29.51 25.43 43.16
C GLY D 23 30.48 26.60 43.15
N LEU D 24 31.31 26.71 44.19
CA LEU D 24 32.29 27.79 44.21
C LEU D 24 33.33 27.61 43.11
N ALA D 25 33.74 26.38 42.85
CA ALA D 25 34.69 26.14 41.77
C ALA D 25 34.09 26.56 40.43
N THR D 26 32.84 26.19 40.18
CA THR D 26 32.16 26.60 38.95
C THR D 26 32.08 28.11 38.85
N ALA D 27 31.70 28.78 39.94
CA ALA D 27 31.60 30.23 39.92
C ALA D 27 32.95 30.87 39.63
N GLU D 28 34.02 30.37 40.26
CA GLU D 28 35.35 30.91 40.02
C GLU D 28 35.74 30.75 38.56
N ARG D 29 35.56 29.54 38.02
CA ARG D 29 35.96 29.31 36.64
C ARG D 29 35.17 30.18 35.68
N LEU D 30 33.85 30.30 35.89
CA LEU D 30 33.03 31.06 34.95
C LEU D 30 33.31 32.55 35.04
N VAL D 31 33.44 33.08 36.26
CA VAL D 31 33.74 34.51 36.40
C VAL D 31 35.12 34.81 35.83
N GLY D 32 36.07 33.89 35.97
CA GLY D 32 37.36 34.10 35.36
C GLY D 32 37.28 34.25 33.86
N GLN D 33 36.43 33.46 33.21
CA GLN D 33 36.26 33.59 31.76
C GLN D 33 35.67 34.94 31.39
N GLY D 34 34.71 35.42 32.17
CA GLY D 34 34.08 36.70 31.89
C GLY D 34 32.59 36.71 32.16
N ALA D 35 32.04 35.57 32.58
CA ALA D 35 30.62 35.49 32.87
C ALA D 35 30.31 36.13 34.22
N SER D 36 29.02 36.32 34.47
CA SER D 36 28.52 36.87 35.72
C SER D 36 27.83 35.76 36.51
N ALA D 37 28.05 35.74 37.82
CA ALA D 37 27.61 34.64 38.66
C ALA D 37 26.78 35.16 39.83
N VAL D 38 25.80 34.34 40.23
CA VAL D 38 24.96 34.61 41.38
C VAL D 38 25.03 33.38 42.27
N LEU D 39 25.79 33.48 43.36
CA LEU D 39 25.93 32.38 44.30
C LEU D 39 24.68 32.33 45.16
N LEU D 40 23.80 31.37 44.86
CA LEU D 40 22.54 31.21 45.58
C LEU D 40 22.77 30.24 46.72
N ASP D 41 22.89 30.76 47.94
CA ASP D 41 23.29 29.91 49.07
C ASP D 41 22.59 30.38 50.33
N LEU D 42 22.77 29.60 51.39
CA LEU D 42 22.17 29.92 52.68
C LEU D 42 22.80 31.19 53.25
N PRO D 43 22.04 32.04 53.94
CA PRO D 43 22.61 33.31 54.43
C PRO D 43 23.80 33.12 55.33
N ASN D 44 23.77 32.12 56.21
CA ASN D 44 24.87 31.86 57.13
C ASN D 44 25.76 30.75 56.57
N SER D 45 26.41 31.06 55.44
CA SER D 45 27.24 30.10 54.75
C SER D 45 28.58 30.64 54.29
N GLY D 46 28.85 31.93 54.48
CA GLY D 46 30.09 32.51 54.00
C GLY D 46 30.08 32.89 52.54
N GLY D 47 28.93 32.88 51.88
CA GLY D 47 28.85 33.24 50.48
C GLY D 47 29.12 34.71 50.22
N GLU D 48 28.88 35.57 51.21
CA GLU D 48 29.17 36.99 51.03
C GLU D 48 30.66 37.21 50.79
N ALA D 49 31.51 36.55 51.57
CA ALA D 49 32.95 36.71 51.40
C ALA D 49 33.40 36.21 50.03
N GLN D 50 32.87 35.06 49.59
CA GLN D 50 33.22 34.54 48.29
C GLN D 50 32.78 35.48 47.17
N ALA D 51 31.56 36.01 47.28
CA ALA D 51 31.08 36.94 46.26
C ALA D 51 31.92 38.20 46.20
N LYS D 52 32.31 38.72 47.36
CA LYS D 52 33.20 39.88 47.38
C LYS D 52 34.55 39.54 46.76
N LYS D 53 35.06 38.34 47.05
CA LYS D 53 36.38 37.96 46.55
C LYS D 53 36.37 37.80 45.03
N LEU D 54 35.30 37.25 44.48
CA LEU D 54 35.30 36.95 43.05
C LEU D 54 35.38 38.21 42.20
N GLY D 55 34.67 39.26 42.60
CA GLY D 55 34.77 40.54 41.92
C GLY D 55 33.42 41.18 41.75
N ASN D 56 33.34 42.09 40.77
CA ASN D 56 32.12 42.85 40.53
C ASN D 56 31.09 42.08 39.71
N ASN D 57 31.48 40.99 39.06
CA ASN D 57 30.58 40.19 38.26
C ASN D 57 29.92 39.07 39.05
N CYS D 58 30.28 38.91 40.31
CA CYS D 58 29.69 37.90 41.19
C CYS D 58 28.89 38.59 42.28
N VAL D 59 27.69 38.05 42.55
CA VAL D 59 26.83 38.55 43.60
C VAL D 59 26.37 37.36 44.43
N PHE D 60 25.97 37.64 45.67
CA PHE D 60 25.50 36.63 46.59
C PHE D 60 23.99 36.78 46.79
N ALA D 61 23.27 35.66 46.67
CA ALA D 61 21.83 35.61 46.91
C ALA D 61 21.57 34.68 48.08
N PRO D 62 21.27 35.21 49.27
CA PRO D 62 20.95 34.33 50.39
C PRO D 62 19.59 33.69 50.24
N ALA D 63 19.56 32.39 49.92
CA ALA D 63 18.29 31.73 49.63
C ALA D 63 18.39 30.26 50.02
N ASP D 64 17.23 29.67 50.30
CA ASP D 64 17.10 28.24 50.54
C ASP D 64 16.40 27.61 49.34
N VAL D 65 17.05 26.62 48.72
CA VAL D 65 16.50 26.03 47.52
C VAL D 65 15.18 25.32 47.79
N THR D 66 14.90 24.98 49.04
CA THR D 66 13.64 24.32 49.38
C THR D 66 12.51 25.31 49.62
N SER D 67 12.78 26.61 49.52
CA SER D 67 11.77 27.65 49.72
C SER D 67 11.50 28.35 48.40
N GLU D 68 10.23 28.41 48.02
CA GLU D 68 9.86 29.10 46.78
C GLU D 68 10.14 30.60 46.88
N LYS D 69 9.80 31.21 48.02
CA LYS D 69 10.01 32.65 48.17
C LYS D 69 11.49 33.01 48.08
N ASP D 70 12.35 32.21 48.70
CA ASP D 70 13.78 32.53 48.69
C ASP D 70 14.35 32.46 47.28
N VAL D 71 13.99 31.42 46.53
CA VAL D 71 14.49 31.30 45.15
C VAL D 71 13.92 32.41 44.29
N GLN D 72 12.65 32.78 44.51
CA GLN D 72 12.07 33.89 43.76
C GLN D 72 12.83 35.17 44.03
N THR D 73 13.17 35.43 45.30
CA THR D 73 13.93 36.63 45.63
C THR D 73 15.33 36.59 45.01
N ALA D 74 15.97 35.43 45.03
CA ALA D 74 17.29 35.32 44.43
C ALA D 74 17.26 35.60 42.94
N LEU D 75 16.27 35.05 42.24
CA LEU D 75 16.17 35.29 40.80
C LEU D 75 15.78 36.73 40.49
N ALA D 76 14.95 37.34 41.34
CA ALA D 76 14.65 38.76 41.16
C ALA D 76 15.90 39.60 41.33
N LEU D 77 16.73 39.26 42.31
CA LEU D 77 18.00 39.97 42.48
C LEU D 77 18.89 39.77 41.26
N ALA D 78 18.96 38.55 40.73
CA ALA D 78 19.78 38.29 39.56
C ALA D 78 19.30 39.12 38.37
N LYS D 79 17.99 39.17 38.14
CA LYS D 79 17.46 39.95 37.02
C LYS D 79 17.69 41.44 37.24
N GLY D 80 17.55 41.92 38.46
CA GLY D 80 17.80 43.33 38.73
C GLY D 80 19.24 43.71 38.53
N LYS D 81 20.17 42.81 38.88
CA LYS D 81 21.59 43.11 38.77
C LYS D 81 22.09 42.93 37.35
N PHE D 82 22.00 41.72 36.81
CA PHE D 82 22.58 41.39 35.52
C PHE D 82 21.58 41.40 34.37
N GLY D 83 20.29 41.53 34.65
CA GLY D 83 19.28 41.73 33.64
C GLY D 83 18.70 40.47 33.04
N ARG D 84 19.35 39.32 33.21
CA ARG D 84 18.86 38.08 32.62
C ARG D 84 19.59 36.92 33.27
N VAL D 85 19.12 35.71 32.96
CA VAL D 85 19.74 34.48 33.42
C VAL D 85 19.97 33.60 32.20
N ASP D 86 21.18 33.10 32.03
CA ASP D 86 21.55 32.24 30.91
C ASP D 86 21.81 30.80 31.32
N VAL D 87 22.47 30.59 32.47
CA VAL D 87 22.82 29.25 32.92
C VAL D 87 22.39 29.10 34.38
N ALA D 88 21.99 27.88 34.73
CA ALA D 88 21.57 27.56 36.09
C ALA D 88 22.25 26.26 36.51
N VAL D 89 23.14 26.34 37.48
CA VAL D 89 23.93 25.20 37.94
C VAL D 89 23.47 24.86 39.35
N ASN D 90 22.84 23.69 39.49
CA ASN D 90 22.33 23.21 40.77
C ASN D 90 23.41 22.38 41.44
N CYS D 91 24.07 22.95 42.44
CA CYS D 91 25.10 22.26 43.21
C CYS D 91 24.79 22.23 44.70
N ALA D 92 23.60 22.68 45.11
CA ALA D 92 23.23 22.62 46.52
C ALA D 92 22.83 21.21 46.90
N GLY D 93 23.26 20.78 48.07
CA GLY D 93 22.90 19.45 48.53
C GLY D 93 23.59 19.14 49.85
N ILE D 94 23.07 18.11 50.51
CA ILE D 94 23.60 17.63 51.78
C ILE D 94 23.75 16.12 51.69
N ALA D 95 24.54 15.57 52.61
CA ALA D 95 24.79 14.15 52.70
C ALA D 95 24.46 13.65 54.10
N VAL D 96 23.94 12.43 54.18
CA VAL D 96 23.69 11.77 55.46
C VAL D 96 24.17 10.33 55.35
N ALA D 97 24.81 9.84 56.41
CA ALA D 97 25.25 8.46 56.50
C ALA D 97 24.40 7.77 57.56
N SER D 98 23.53 6.86 57.13
CA SER D 98 22.63 6.18 58.05
C SER D 98 22.13 4.91 57.39
N LYS D 99 22.36 3.78 58.02
CA LYS D 99 21.87 2.51 57.49
C LYS D 99 20.35 2.48 57.53
N THR D 100 19.76 1.78 56.55
CA THR D 100 18.31 1.63 56.54
C THR D 100 17.83 0.91 57.79
N TYR D 101 18.54 -0.14 58.20
CA TYR D 101 18.23 -0.85 59.43
C TYR D 101 19.46 -1.61 59.87
N ASN D 102 19.75 -1.57 61.17
CA ASN D 102 20.86 -2.30 61.76
C ASN D 102 20.28 -3.28 62.76
N LEU D 103 20.38 -4.58 62.46
CA LEU D 103 19.79 -5.60 63.33
C LEU D 103 20.55 -5.72 64.64
N LYS D 104 21.88 -5.61 64.59
CA LYS D 104 22.66 -5.75 65.82
C LYS D 104 22.33 -4.64 66.80
N LYS D 105 22.22 -3.41 66.32
CA LYS D 105 21.88 -2.27 67.17
C LYS D 105 20.38 -2.03 67.29
N GLY D 106 19.57 -2.74 66.51
CA GLY D 106 18.13 -2.48 66.50
C GLY D 106 17.79 -1.07 66.07
N GLN D 107 18.64 -0.45 65.26
CA GLN D 107 18.50 0.95 64.88
C GLN D 107 17.85 1.05 63.51
N THR D 108 16.88 1.95 63.38
CA THR D 108 16.15 2.16 62.14
C THR D 108 16.42 3.54 61.61
N HIS D 109 16.52 3.66 60.28
CA HIS D 109 16.64 4.95 59.65
C HIS D 109 15.45 5.83 60.04
N THR D 110 15.73 7.08 60.40
CA THR D 110 14.67 8.00 60.76
C THR D 110 14.05 8.61 59.52
N LEU D 111 12.72 8.69 59.50
CA LEU D 111 12.04 9.31 58.38
C LEU D 111 12.41 10.78 58.24
N GLU D 112 12.83 11.41 59.35
CA GLU D 112 13.23 12.81 59.29
C GLU D 112 14.45 13.02 58.43
N ASP D 113 15.46 12.15 58.57
CA ASP D 113 16.68 12.29 57.78
C ASP D 113 16.40 12.09 56.30
N PHE D 114 15.63 11.04 55.98
CA PHE D 114 15.27 10.79 54.59
C PHE D 114 14.51 11.97 54.00
N GLN D 115 13.53 12.49 54.76
CA GLN D 115 12.75 13.62 54.29
C GLN D 115 13.63 14.84 54.07
N ARG D 116 14.56 15.11 54.99
CA ARG D 116 15.42 16.28 54.87
C ARG D 116 16.32 16.17 53.64
N VAL D 117 16.92 15.01 53.42
CA VAL D 117 17.80 14.84 52.27
C VAL D 117 17.00 14.95 50.98
N LEU D 118 15.80 14.38 50.95
CA LEU D 118 14.96 14.51 49.75
C LEU D 118 14.60 15.96 49.51
N ASP D 119 14.27 16.70 50.57
CA ASP D 119 13.86 18.09 50.41
C ASP D 119 15.00 18.95 49.88
N VAL D 120 16.21 18.73 50.38
CA VAL D 120 17.33 19.55 49.94
C VAL D 120 17.82 19.13 48.57
N ASN D 121 18.16 17.86 48.41
CA ASN D 121 18.81 17.40 47.18
C ASN D 121 17.85 17.38 46.00
N LEU D 122 16.65 16.84 46.21
CA LEU D 122 15.73 16.56 45.11
C LEU D 122 14.68 17.65 44.95
N MET D 123 13.92 17.94 46.00
CA MET D 123 12.85 18.94 45.90
C MET D 123 13.41 20.32 45.61
N GLY D 124 14.51 20.69 46.28
CA GLY D 124 15.11 21.99 46.03
C GLY D 124 15.64 22.13 44.61
N THR D 125 16.21 21.05 44.07
CA THR D 125 16.68 21.07 42.71
C THR D 125 15.54 21.36 41.74
N PHE D 126 14.40 20.69 41.94
CA PHE D 126 13.26 20.93 41.04
C PHE D 126 12.67 22.32 41.24
N ASN D 127 12.64 22.80 42.48
CA ASN D 127 12.17 24.16 42.73
C ASN D 127 13.00 25.16 41.93
N VAL D 128 14.33 25.06 42.05
CA VAL D 128 15.20 25.97 41.31
C VAL D 128 15.02 25.77 39.82
N ILE D 129 14.89 24.52 39.37
CA ILE D 129 14.77 24.25 37.94
C ILE D 129 13.53 24.93 37.37
N ARG D 130 12.38 24.75 38.03
CA ARG D 130 11.15 25.32 37.51
C ARG D 130 11.18 26.85 37.56
N LEU D 131 11.65 27.43 38.67
CA LEU D 131 11.67 28.88 38.74
C LEU D 131 12.64 29.49 37.74
N VAL D 132 13.81 28.87 37.56
CA VAL D 132 14.78 29.41 36.61
C VAL D 132 14.37 29.12 35.18
N ALA D 133 13.59 28.06 34.93
CA ALA D 133 13.01 27.86 33.61
C ALA D 133 12.01 28.95 33.29
N GLY D 134 11.20 29.34 34.28
CA GLY D 134 10.35 30.49 34.09
C GLY D 134 11.15 31.76 33.82
N GLU D 135 12.26 31.92 34.53
CA GLU D 135 13.08 33.11 34.35
C GLU D 135 13.75 33.15 32.98
N MET D 136 14.22 31.99 32.49
CA MET D 136 14.97 31.92 31.24
C MET D 136 14.07 31.90 30.00
N GLY D 137 12.77 31.65 30.17
CA GLY D 137 11.86 31.73 29.04
C GLY D 137 11.67 33.14 28.51
N GLN D 138 12.10 34.15 29.25
CA GLN D 138 12.02 35.53 28.79
C GLN D 138 13.17 35.91 27.88
N ASN D 139 14.20 35.07 27.78
CA ASN D 139 15.34 35.38 26.93
C ASN D 139 14.95 35.25 25.45
N GLU D 140 15.50 36.14 24.64
CA GLU D 140 15.36 36.00 23.19
C GLU D 140 16.30 34.90 22.70
N PRO D 141 15.80 33.90 21.98
CA PRO D 141 16.67 32.79 21.58
C PRO D 141 17.83 33.28 20.71
N ASP D 142 18.97 32.62 20.87
CA ASP D 142 20.18 32.95 20.12
C ASP D 142 20.10 32.31 18.74
N GLN D 143 21.23 32.28 18.03
CA GLN D 143 21.26 31.72 16.68
C GLN D 143 20.64 30.33 16.64
N GLY D 144 21.00 29.48 17.59
CA GLY D 144 20.53 28.12 17.61
C GLY D 144 19.18 27.92 18.27
N GLY D 145 18.50 28.98 18.66
CA GLY D 145 17.21 28.85 19.30
C GLY D 145 17.28 28.47 20.76
N GLN D 146 18.44 28.63 21.40
CA GLN D 146 18.62 28.24 22.78
C GLN D 146 18.38 29.43 23.70
N ARG D 147 17.60 29.22 24.75
CA ARG D 147 17.31 30.27 25.72
C ARG D 147 18.12 30.13 27.00
N GLY D 148 18.60 28.94 27.33
CA GLY D 148 19.39 28.77 28.53
C GLY D 148 19.83 27.32 28.67
N VAL D 149 20.66 27.10 29.68
CA VAL D 149 21.18 25.77 29.99
C VAL D 149 20.99 25.55 31.49
N ILE D 150 20.48 24.37 31.85
CA ILE D 150 20.33 23.97 33.25
C ILE D 150 21.17 22.72 33.45
N ILE D 151 22.15 22.81 34.35
CA ILE D 151 23.00 21.69 34.72
C ILE D 151 22.69 21.36 36.18
N ASN D 152 22.49 20.08 36.47
CA ASN D 152 22.20 19.63 37.82
C ASN D 152 23.29 18.68 38.29
N THR D 153 23.53 18.68 39.60
CA THR D 153 24.53 17.81 40.19
C THR D 153 23.85 16.57 40.76
N ALA D 154 24.31 15.41 40.32
CA ALA D 154 23.90 14.11 40.82
C ALA D 154 25.14 13.44 41.42
N SER D 155 25.02 12.16 41.73
CA SER D 155 26.15 11.40 42.22
C SER D 155 26.15 10.01 41.60
N VAL D 156 27.32 9.39 41.60
CA VAL D 156 27.41 7.98 41.25
C VAL D 156 26.66 7.11 42.24
N ALA D 157 26.27 7.68 43.39
CA ALA D 157 25.36 6.99 44.29
C ALA D 157 24.04 6.68 43.61
N ALA D 158 23.66 7.47 42.61
CA ALA D 158 22.47 7.16 41.82
C ALA D 158 22.59 5.81 41.14
N PHE D 159 23.81 5.33 40.91
CA PHE D 159 24.06 4.05 40.27
C PHE D 159 24.75 3.06 41.20
N GLU D 160 25.80 3.48 41.88
CA GLU D 160 26.57 2.63 42.79
C GLU D 160 26.43 3.23 44.19
N GLY D 161 25.36 2.85 44.88
CA GLY D 161 25.12 3.34 46.23
C GLY D 161 25.74 2.43 47.26
N GLN D 162 26.31 3.04 48.30
CA GLN D 162 27.04 2.32 49.32
C GLN D 162 26.14 2.05 50.53
N VAL D 163 26.71 1.41 51.54
CA VAL D 163 25.98 1.15 52.78
C VAL D 163 25.73 2.47 53.49
N GLY D 164 24.53 2.63 54.03
CA GLY D 164 24.15 3.86 54.70
C GLY D 164 24.06 5.06 53.77
N GLN D 165 23.61 4.84 52.54
CA GLN D 165 23.48 5.90 51.55
C GLN D 165 22.12 5.87 50.87
N ALA D 166 21.11 5.29 51.52
CA ALA D 166 19.82 5.11 50.88
C ALA D 166 19.15 6.44 50.55
N ALA D 167 19.18 7.40 51.48
CA ALA D 167 18.53 8.68 51.23
C ALA D 167 19.27 9.47 50.16
N TYR D 168 20.59 9.55 50.26
CA TYR D 168 21.38 10.24 49.25
C TYR D 168 21.19 9.61 47.89
N SER D 169 21.22 8.28 47.83
CA SER D 169 21.03 7.58 46.57
C SER D 169 19.63 7.84 46.02
N ALA D 170 18.62 7.86 46.89
CA ALA D 170 17.26 8.12 46.43
C ALA D 170 17.15 9.50 45.80
N SER D 171 17.72 10.52 46.46
CA SER D 171 17.63 11.86 45.92
C SER D 171 18.39 11.99 44.60
N LYS D 172 19.59 11.42 44.52
CA LYS D 172 20.38 11.55 43.30
C LYS D 172 19.75 10.75 42.17
N GLY D 173 19.19 9.58 42.47
CA GLY D 173 18.45 8.83 41.47
C GLY D 173 17.21 9.56 41.00
N GLY D 174 16.56 10.30 41.90
CA GLY D 174 15.45 11.13 41.49
C GLY D 174 15.88 12.21 40.51
N ILE D 175 17.01 12.85 40.79
CA ILE D 175 17.54 13.84 39.85
C ILE D 175 17.83 13.20 38.50
N VAL D 176 18.47 12.03 38.52
CA VAL D 176 18.80 11.34 37.27
C VAL D 176 17.54 10.98 36.51
N GLY D 177 16.50 10.52 37.22
CA GLY D 177 15.26 10.16 36.55
C GLY D 177 14.54 11.36 35.96
N MET D 178 14.55 12.48 36.66
CA MET D 178 13.85 13.67 36.18
C MET D 178 14.64 14.44 35.13
N THR D 179 15.92 14.13 34.92
CA THR D 179 16.71 14.89 33.96
C THR D 179 16.11 14.85 32.55
N LEU D 180 15.67 13.68 32.09
CA LEU D 180 15.21 13.55 30.71
C LEU D 180 13.78 14.06 30.54
N PRO D 181 12.85 13.75 31.44
CA PRO D 181 11.52 14.36 31.33
C PRO D 181 11.55 15.87 31.29
N ILE D 182 12.40 16.50 32.11
CA ILE D 182 12.46 17.96 32.11
C ILE D 182 13.08 18.47 30.81
N ALA D 183 14.07 17.75 30.28
CA ALA D 183 14.63 18.13 28.99
C ALA D 183 13.57 18.08 27.90
N ARG D 184 12.74 17.04 27.90
CA ARG D 184 11.65 16.97 26.94
C ARG D 184 10.64 18.08 27.17
N ASP D 185 10.37 18.42 28.43
CA ASP D 185 9.43 19.49 28.73
C ASP D 185 9.92 20.83 28.19
N LEU D 186 11.20 21.13 28.38
CA LEU D 186 11.76 22.44 28.07
C LEU D 186 12.37 22.51 26.67
N ALA D 187 12.39 21.43 25.91
CA ALA D 187 12.92 21.48 24.55
C ALA D 187 12.20 22.53 23.70
N PRO D 188 10.87 22.58 23.64
CA PRO D 188 10.22 23.62 22.84
C PRO D 188 10.60 25.03 23.25
N ILE D 189 10.87 25.27 24.53
CA ILE D 189 11.31 26.59 24.98
C ILE D 189 12.70 26.89 24.44
N GLY D 190 13.56 25.88 24.39
CA GLY D 190 14.93 26.07 23.95
C GLY D 190 15.91 26.06 25.10
N ILE D 191 15.64 25.24 26.10
CA ILE D 191 16.48 25.12 27.29
C ILE D 191 16.98 23.69 27.38
N ARG D 192 18.29 23.54 27.56
CA ARG D 192 18.91 22.23 27.69
C ARG D 192 19.04 21.88 29.16
N VAL D 193 18.76 20.62 29.50
CA VAL D 193 18.85 20.11 30.85
C VAL D 193 19.89 19.00 30.86
N MET D 194 20.93 19.16 31.67
CA MET D 194 22.01 18.20 31.77
C MET D 194 22.26 17.87 33.23
N THR D 195 22.82 16.69 33.47
CA THR D 195 23.15 16.23 34.80
C THR D 195 24.57 15.71 34.82
N ILE D 196 25.34 16.11 35.84
CA ILE D 196 26.68 15.60 36.07
C ILE D 196 26.65 14.75 37.31
N ALA D 197 27.15 13.52 37.21
CA ALA D 197 27.21 12.62 38.35
C ALA D 197 28.65 12.47 38.79
N PRO D 198 29.20 13.43 39.54
CA PRO D 198 30.58 13.32 39.99
C PRO D 198 30.79 12.11 40.89
N GLY D 199 32.06 11.77 41.09
CA GLY D 199 32.43 10.66 41.93
C GLY D 199 32.82 11.14 43.32
N LEU D 200 34.11 11.24 43.59
CA LEU D 200 34.61 11.77 44.86
C LEU D 200 35.50 12.97 44.56
N PHE D 201 35.20 14.09 45.21
CA PHE D 201 35.92 15.34 44.98
C PHE D 201 36.41 15.88 46.32
N GLY D 202 37.51 16.64 46.25
CA GLY D 202 38.09 17.21 47.45
C GLY D 202 37.38 18.47 47.90
N THR D 203 36.15 18.33 48.37
CA THR D 203 35.36 19.46 48.82
C THR D 203 35.09 19.34 50.31
N PRO D 204 34.52 20.37 50.95
CA PRO D 204 34.24 20.26 52.39
C PRO D 204 33.26 19.15 52.74
N LEU D 205 32.47 18.66 51.79
CA LEU D 205 31.55 17.58 52.06
C LEU D 205 32.27 16.25 52.30
N LEU D 206 33.53 16.14 51.91
CA LEU D 206 34.32 14.94 52.11
C LEU D 206 35.43 15.09 53.13
N THR D 207 36.12 16.23 53.15
CA THR D 207 37.21 16.41 54.10
C THR D 207 36.72 16.34 55.54
N SER D 208 35.40 16.48 55.76
CA SER D 208 34.85 16.31 57.10
C SER D 208 35.04 14.88 57.59
N LEU D 209 34.90 13.90 56.68
CA LEU D 209 35.02 12.50 57.06
C LEU D 209 36.45 12.16 57.47
N PRO D 210 36.65 11.07 58.19
CA PRO D 210 38.01 10.71 58.62
C PRO D 210 38.95 10.57 57.43
N GLU D 211 40.18 11.03 57.61
CA GLU D 211 41.13 11.07 56.51
C GLU D 211 41.49 9.67 56.02
N LYS D 212 41.43 8.66 56.88
CA LYS D 212 41.82 7.32 56.48
C LYS D 212 40.88 6.74 55.43
N VAL D 213 39.58 6.80 55.67
CA VAL D 213 38.62 6.24 54.72
C VAL D 213 38.61 7.05 53.43
N CYS D 214 38.73 8.38 53.54
CA CYS D 214 38.78 9.22 52.36
C CYS D 214 40.01 8.90 51.52
N ASN D 215 41.16 8.71 52.16
CA ASN D 215 42.37 8.36 51.43
C ASN D 215 42.25 6.97 50.80
N PHE D 216 41.60 6.03 51.49
CA PHE D 216 41.38 4.72 50.90
C PHE D 216 40.53 4.83 49.65
N LEU D 217 39.45 5.63 49.73
CA LEU D 217 38.60 5.81 48.55
C LEU D 217 39.35 6.48 47.42
N ALA D 218 40.17 7.48 47.75
CA ALA D 218 40.96 8.16 46.71
C ALA D 218 41.93 7.20 46.05
N SER D 219 42.55 6.32 46.83
CA SER D 219 43.45 5.32 46.27
C SER D 219 42.72 4.33 45.36
N GLN D 220 41.42 4.13 45.55
CA GLN D 220 40.66 3.16 44.78
C GLN D 220 40.12 3.74 43.48
N VAL D 221 40.40 4.99 43.18
CA VAL D 221 40.05 5.58 41.89
C VAL D 221 41.04 5.04 40.86
N PRO D 222 40.59 4.35 39.80
CA PRO D 222 41.55 3.76 38.86
C PRO D 222 42.58 4.76 38.34
N PHE D 223 42.13 5.83 37.71
CA PHE D 223 43.06 6.88 37.29
C PHE D 223 42.30 8.16 36.96
N PRO D 224 42.70 9.31 37.50
CA PRO D 224 43.81 9.52 38.45
C PRO D 224 43.47 8.96 39.83
N SER D 225 44.45 8.36 40.51
CA SER D 225 44.21 7.78 41.84
C SER D 225 44.26 8.90 42.88
N ARG D 226 43.21 9.71 42.86
CA ARG D 226 43.10 10.85 43.77
C ARG D 226 41.65 11.30 43.78
N LEU D 227 41.32 12.14 44.76
CA LEU D 227 40.02 12.79 44.76
C LEU D 227 39.92 13.77 43.60
N GLY D 228 38.72 13.88 43.03
CA GLY D 228 38.54 14.81 41.93
C GLY D 228 38.80 16.23 42.35
N ASP D 229 39.34 17.01 41.41
CA ASP D 229 39.58 18.43 41.64
C ASP D 229 38.37 19.24 41.22
N PRO D 230 37.75 20.02 42.10
CA PRO D 230 36.57 20.80 41.70
C PRO D 230 36.79 21.61 40.44
N ALA D 231 38.04 21.98 40.13
CA ALA D 231 38.32 22.62 38.86
C ALA D 231 37.91 21.74 37.69
N GLU D 232 38.06 20.42 37.83
CA GLU D 232 37.62 19.51 36.78
C GLU D 232 36.11 19.54 36.63
N TYR D 233 35.37 19.60 37.75
CA TYR D 233 33.93 19.74 37.68
C TYR D 233 33.53 21.03 36.98
N ALA D 234 34.20 22.13 37.30
CA ALA D 234 33.91 23.39 36.64
C ALA D 234 34.23 23.32 35.14
N HIS D 235 35.32 22.64 34.80
CA HIS D 235 35.66 22.47 33.39
C HIS D 235 34.57 21.70 32.65
N LEU D 236 34.06 20.64 33.26
CA LEU D 236 32.98 19.87 32.63
C LEU D 236 31.71 20.72 32.52
N VAL D 237 31.44 21.54 33.53
CA VAL D 237 30.25 22.40 33.48
C VAL D 237 30.37 23.37 32.31
N GLN D 238 31.54 24.00 32.15
CA GLN D 238 31.74 24.91 31.04
C GLN D 238 31.64 24.19 29.70
N ALA D 239 32.18 22.97 29.62
CA ALA D 239 32.07 22.20 28.39
C ALA D 239 30.61 21.91 28.04
N ILE D 240 29.80 21.57 29.04
CA ILE D 240 28.37 21.36 28.81
C ILE D 240 27.72 22.65 28.34
N ILE D 241 28.07 23.77 28.96
CA ILE D 241 27.49 25.05 28.54
C ILE D 241 27.82 25.33 27.08
N GLU D 242 29.06 25.06 26.67
CA GLU D 242 29.51 25.43 25.34
C GLU D 242 28.91 24.53 24.26
N ASN D 243 28.88 23.22 24.50
CA ASN D 243 28.46 22.29 23.46
C ASN D 243 26.94 22.34 23.29
N PRO D 244 26.43 22.87 22.18
CA PRO D 244 24.97 23.05 22.06
C PRO D 244 24.18 21.76 21.88
N PHE D 245 24.83 20.62 21.69
CA PHE D 245 24.13 19.39 21.36
C PHE D 245 24.06 18.41 22.53
N LEU D 246 24.54 18.81 23.70
CA LEU D 246 24.44 17.97 24.90
C LEU D 246 23.13 18.28 25.61
N ASN D 247 22.27 17.28 25.75
CA ASN D 247 20.95 17.50 26.33
C ASN D 247 20.41 16.19 26.86
N GLY D 248 19.79 16.25 28.04
CA GLY D 248 19.09 15.10 28.60
C GLY D 248 19.98 13.91 28.88
N GLU D 249 21.22 14.15 29.29
CA GLU D 249 22.21 13.10 29.48
C GLU D 249 22.89 13.27 30.82
N VAL D 250 23.33 12.14 31.40
CA VAL D 250 24.08 12.11 32.64
C VAL D 250 25.52 11.73 32.31
N ILE D 251 26.47 12.53 32.79
CA ILE D 251 27.89 12.31 32.57
C ILE D 251 28.53 12.00 33.91
N ARG D 252 29.20 10.86 34.00
CA ARG D 252 29.87 10.43 35.23
C ARG D 252 31.28 11.01 35.25
N LEU D 253 31.49 12.02 36.08
CA LEU D 253 32.81 12.61 36.30
C LEU D 253 33.41 12.01 37.56
N ASP D 254 33.78 10.73 37.48
CA ASP D 254 34.19 9.97 38.64
C ASP D 254 35.56 9.31 38.51
N GLY D 255 36.22 9.42 37.36
CA GLY D 255 37.54 8.82 37.21
C GLY D 255 37.53 7.31 37.09
N ALA D 256 36.42 6.74 36.62
CA ALA D 256 36.28 5.31 36.36
C ALA D 256 36.07 4.50 37.63
N ILE D 257 35.69 5.13 38.74
CA ILE D 257 35.51 4.42 40.01
C ILE D 257 34.08 3.90 40.10
N ARG D 258 33.95 2.64 40.45
CA ARG D 258 32.66 2.03 40.77
C ARG D 258 32.67 1.68 42.25
N MET D 259 31.71 2.22 43.00
CA MET D 259 31.75 2.14 44.45
C MET D 259 31.42 0.73 44.93
N GLN D 260 32.07 0.33 46.01
CA GLN D 260 31.88 -0.94 46.67
C GLN D 260 30.99 -0.78 47.89
N PRO D 261 30.35 -1.86 48.37
CA PRO D 261 29.43 -1.75 49.51
C PRO D 261 30.07 -1.08 50.73
N SER E 52 -49.05 20.26 -30.56
CA SER E 52 -48.54 19.56 -29.40
C SER E 52 -47.02 19.39 -29.50
N GLY E 53 -46.29 20.40 -29.05
CA GLY E 53 -44.84 20.37 -29.13
C GLY E 53 -44.34 20.72 -30.52
N GLY E 54 -43.02 20.65 -30.67
CA GLY E 54 -42.38 20.93 -31.92
C GLY E 54 -41.17 20.04 -32.16
N PRO E 55 -40.90 19.70 -33.41
CA PRO E 55 -39.77 18.82 -33.71
C PRO E 55 -38.44 19.45 -33.32
N ASN E 56 -37.53 18.62 -32.81
CA ASN E 56 -36.18 19.03 -32.49
C ASN E 56 -35.27 18.75 -33.68
N THR E 57 -33.96 18.81 -33.46
CA THR E 57 -33.00 18.49 -34.50
C THR E 57 -33.37 17.19 -35.21
N VAL E 58 -33.21 17.19 -36.54
CA VAL E 58 -33.52 16.04 -37.36
C VAL E 58 -32.34 15.75 -38.28
N TYR E 59 -32.16 14.46 -38.58
CA TYR E 59 -31.00 14.00 -39.33
C TYR E 59 -31.43 13.09 -40.47
N LEU E 60 -30.73 13.20 -41.60
CA LEU E 60 -30.89 12.33 -42.74
C LEU E 60 -29.61 11.50 -42.92
N GLN E 61 -29.78 10.25 -43.35
CA GLN E 61 -28.67 9.32 -43.46
C GLN E 61 -28.86 8.48 -44.71
N VAL E 62 -27.75 8.13 -45.35
CA VAL E 62 -27.75 7.27 -46.54
C VAL E 62 -27.34 5.88 -46.08
N VAL E 63 -28.33 5.02 -45.83
CA VAL E 63 -28.02 3.68 -45.36
C VAL E 63 -27.25 2.92 -46.42
N ALA E 64 -27.73 2.97 -47.67
CA ALA E 64 -27.10 2.26 -48.78
C ALA E 64 -26.54 3.28 -49.76
N ALA E 65 -25.31 3.02 -50.22
CA ALA E 65 -24.62 3.95 -51.11
C ALA E 65 -25.25 4.02 -52.50
N GLY E 66 -26.13 3.09 -52.85
CA GLY E 66 -26.76 3.07 -54.15
C GLY E 66 -26.11 2.15 -55.15
N SER E 67 -25.11 1.37 -54.75
CA SER E 67 -24.49 0.42 -55.66
C SER E 67 -25.54 -0.56 -56.17
N ARG E 68 -25.19 -1.27 -57.24
CA ARG E 68 -26.11 -2.25 -57.81
C ARG E 68 -26.45 -3.35 -56.81
N ASP E 69 -25.64 -3.54 -55.78
CA ASP E 69 -25.88 -4.52 -54.73
C ASP E 69 -26.34 -3.80 -53.47
N SER E 70 -27.61 -3.96 -53.11
CA SER E 70 -28.15 -3.39 -51.88
C SER E 70 -27.97 -1.88 -51.85
N GLY E 71 -28.63 -1.21 -52.79
CA GLY E 71 -28.59 0.23 -52.90
C GLY E 71 -29.92 0.89 -52.64
N ALA E 72 -29.90 2.22 -52.65
CA ALA E 72 -31.09 3.06 -52.54
C ALA E 72 -31.84 2.79 -51.22
N ALA E 73 -31.17 3.15 -50.13
CA ALA E 73 -31.75 3.07 -48.79
C ALA E 73 -31.53 4.39 -48.08
N LEU E 74 -32.60 5.06 -47.69
CA LEU E 74 -32.52 6.34 -47.00
C LEU E 74 -33.13 6.23 -45.61
N TYR E 75 -32.66 7.06 -44.69
CA TYR E 75 -33.06 7.01 -43.31
C TYR E 75 -33.19 8.42 -42.76
N VAL E 76 -34.13 8.61 -41.85
CA VAL E 76 -34.32 9.89 -41.18
C VAL E 76 -34.63 9.61 -39.72
N PHE E 77 -34.04 10.41 -38.83
CA PHE E 77 -34.33 10.24 -37.41
C PHE E 77 -34.42 11.58 -36.70
N SER E 78 -35.37 11.65 -35.77
CA SER E 78 -35.55 12.78 -34.86
C SER E 78 -35.93 12.22 -33.50
N GLU E 79 -36.05 13.10 -32.51
CA GLU E 79 -36.40 12.65 -31.18
C GLU E 79 -37.78 12.01 -31.15
N PHE E 80 -38.74 12.60 -31.88
CA PHE E 80 -40.11 12.10 -31.84
C PHE E 80 -40.21 10.69 -32.41
N ASN E 81 -39.59 10.45 -33.56
CA ASN E 81 -39.64 9.16 -34.22
C ASN E 81 -38.73 9.20 -35.43
N ARG E 82 -38.62 8.06 -36.11
CA ARG E 82 -37.68 7.88 -37.21
C ARG E 82 -38.35 7.10 -38.33
N TYR E 83 -37.82 7.24 -39.54
CA TYR E 83 -38.44 6.66 -40.71
C TYR E 83 -37.37 6.16 -41.68
N LEU E 84 -37.78 5.23 -42.55
CA LEU E 84 -36.89 4.66 -43.54
C LEU E 84 -37.57 4.66 -44.91
N PHE E 85 -36.77 4.81 -45.95
CA PHE E 85 -37.25 4.88 -47.32
C PHE E 85 -36.47 3.88 -48.18
N ASN E 86 -37.21 3.08 -48.95
CA ASN E 86 -36.62 2.09 -49.86
C ASN E 86 -35.73 1.11 -49.09
N CYS E 87 -36.40 0.33 -48.23
CA CYS E 87 -35.67 -0.69 -47.47
C CYS E 87 -34.87 -1.61 -48.39
N GLY E 88 -35.34 -1.81 -49.61
CA GLY E 88 -34.58 -2.59 -50.56
C GLY E 88 -34.32 -3.99 -50.05
N GLU E 89 -33.08 -4.44 -50.17
CA GLU E 89 -32.70 -5.80 -49.81
C GLU E 89 -31.35 -5.77 -49.11
N GLY E 90 -31.25 -6.51 -48.00
CA GLY E 90 -30.00 -6.60 -47.27
C GLY E 90 -29.74 -5.45 -46.32
N VAL E 91 -30.64 -4.46 -46.24
CA VAL E 91 -30.41 -3.33 -45.36
C VAL E 91 -30.48 -3.71 -43.90
N GLN E 92 -31.08 -4.87 -43.58
CA GLN E 92 -31.12 -5.31 -42.19
C GLN E 92 -29.71 -5.48 -41.62
N ARG E 93 -28.86 -6.22 -42.35
CA ARG E 93 -27.49 -6.41 -41.90
C ARG E 93 -26.74 -5.09 -41.86
N LEU E 94 -26.98 -4.23 -42.84
CA LEU E 94 -26.28 -2.95 -42.88
C LEU E 94 -26.63 -2.09 -41.67
N MET E 95 -27.92 -2.04 -41.32
CA MET E 95 -28.32 -1.29 -40.14
C MET E 95 -27.76 -1.93 -38.87
N GLN E 96 -27.78 -3.26 -38.79
CA GLN E 96 -27.25 -3.92 -37.61
C GLN E 96 -25.77 -3.61 -37.40
N GLU E 97 -24.99 -3.64 -38.49
CA GLU E 97 -23.57 -3.40 -38.36
C GLU E 97 -23.27 -1.98 -37.86
N HIS E 98 -24.01 -1.00 -38.38
CA HIS E 98 -23.72 0.40 -38.09
C HIS E 98 -24.41 0.89 -36.82
N LYS E 99 -24.98 0.00 -36.02
CA LYS E 99 -25.56 0.36 -34.73
C LYS E 99 -26.74 1.32 -34.88
N LEU E 100 -27.42 1.28 -36.02
CA LEU E 100 -28.61 2.10 -36.20
C LEU E 100 -29.77 1.53 -35.39
N LYS E 101 -30.47 2.39 -34.69
CA LYS E 101 -31.59 1.94 -33.86
C LYS E 101 -32.79 1.60 -34.73
N VAL E 102 -33.33 0.40 -34.54
CA VAL E 102 -34.51 -0.02 -35.30
C VAL E 102 -35.81 0.31 -34.58
N ALA E 103 -35.75 0.61 -33.28
CA ALA E 103 -36.95 0.93 -32.52
C ALA E 103 -37.56 2.25 -33.01
N ARG E 104 -38.88 2.35 -32.85
CA ARG E 104 -39.64 3.53 -33.24
C ARG E 104 -39.67 3.74 -34.75
N LEU E 105 -39.36 2.70 -35.53
CA LEU E 105 -39.48 2.76 -36.99
C LEU E 105 -40.90 2.39 -37.41
N ASP E 106 -41.84 3.25 -37.01
CA ASP E 106 -43.25 2.97 -37.22
C ASP E 106 -43.58 2.90 -38.71
N ASN E 107 -43.04 3.83 -39.50
CA ASN E 107 -43.42 3.98 -40.90
C ASN E 107 -42.27 3.49 -41.77
N ILE E 108 -42.60 2.77 -42.84
CA ILE E 108 -41.63 2.36 -43.84
C ILE E 108 -42.10 2.87 -45.19
N PHE E 109 -41.21 3.53 -45.92
CA PHE E 109 -41.53 4.18 -47.19
C PHE E 109 -40.74 3.52 -48.30
N LEU E 110 -41.05 3.94 -49.53
CA LEU E 110 -40.44 3.35 -50.72
C LEU E 110 -40.70 4.28 -51.90
N THR E 111 -40.07 3.95 -53.03
CA THR E 111 -40.24 4.72 -54.26
C THR E 111 -40.80 3.92 -55.41
N ARG E 112 -40.34 2.68 -55.60
CA ARG E 112 -40.78 1.85 -56.71
C ARG E 112 -41.05 0.44 -56.22
N MET E 113 -41.90 -0.27 -56.97
CA MET E 113 -42.33 -1.62 -56.58
C MET E 113 -41.25 -2.67 -56.79
N HIS E 114 -40.13 -2.33 -57.42
CA HIS E 114 -39.12 -3.32 -57.74
C HIS E 114 -38.65 -4.03 -56.48
N TRP E 115 -38.41 -5.34 -56.61
CA TRP E 115 -37.92 -6.12 -55.48
C TRP E 115 -36.68 -5.48 -54.86
N SER E 116 -35.83 -4.89 -55.70
CA SER E 116 -34.63 -4.23 -55.20
C SER E 116 -34.95 -3.09 -54.25
N ASN E 117 -36.19 -2.60 -54.27
CA ASN E 117 -36.64 -1.57 -53.34
C ASN E 117 -37.50 -2.12 -52.22
N VAL E 118 -38.03 -3.34 -52.35
CA VAL E 118 -38.96 -3.90 -51.39
C VAL E 118 -38.59 -5.32 -50.97
N GLY E 119 -37.50 -5.88 -51.47
CA GLY E 119 -37.21 -7.27 -51.20
C GLY E 119 -36.96 -7.58 -49.75
N GLY E 120 -36.37 -6.64 -49.02
CA GLY E 120 -35.95 -6.86 -47.65
C GLY E 120 -36.99 -6.59 -46.59
N LEU E 121 -38.24 -6.32 -46.97
CA LEU E 121 -39.26 -6.00 -45.97
C LEU E 121 -39.43 -7.13 -44.97
N SER E 122 -39.33 -8.38 -45.43
CA SER E 122 -39.57 -9.52 -44.53
C SER E 122 -38.64 -9.46 -43.33
N GLY E 123 -37.34 -9.27 -43.58
CA GLY E 123 -36.40 -9.24 -42.47
C GLY E 123 -36.67 -8.09 -41.51
N MET E 124 -36.97 -6.91 -42.04
CA MET E 124 -37.24 -5.77 -41.19
C MET E 124 -38.47 -6.01 -40.31
N ILE E 125 -39.54 -6.53 -40.91
CA ILE E 125 -40.76 -6.76 -40.12
C ILE E 125 -40.53 -7.84 -39.08
N LEU E 126 -39.74 -8.87 -39.43
CA LEU E 126 -39.44 -9.91 -38.45
C LEU E 126 -38.61 -9.36 -37.30
N THR E 127 -37.62 -8.51 -37.60
CA THR E 127 -36.85 -7.88 -36.54
C THR E 127 -37.73 -7.02 -35.64
N LEU E 128 -38.65 -6.26 -36.25
CA LEU E 128 -39.57 -5.46 -35.45
C LEU E 128 -40.44 -6.34 -34.57
N LYS E 129 -40.94 -7.45 -35.12
CA LYS E 129 -41.74 -8.37 -34.32
C LYS E 129 -40.94 -8.91 -33.14
N GLU E 130 -39.68 -9.28 -33.38
CA GLU E 130 -38.83 -9.74 -32.30
C GLU E 130 -38.66 -8.67 -31.23
N THR E 131 -38.48 -7.42 -31.66
CA THR E 131 -38.30 -6.33 -30.71
C THR E 131 -39.52 -6.18 -29.81
N GLY E 132 -40.72 -6.27 -30.38
CA GLY E 132 -41.95 -6.07 -29.65
C GLY E 132 -42.76 -4.88 -30.11
N LEU E 133 -42.35 -4.16 -31.15
CA LEU E 133 -43.16 -3.05 -31.64
C LEU E 133 -44.51 -3.60 -32.12
N PRO E 134 -45.64 -3.06 -31.63
CA PRO E 134 -46.94 -3.66 -31.99
C PRO E 134 -47.50 -3.21 -33.32
N LYS E 135 -47.06 -2.07 -33.87
CA LYS E 135 -47.68 -1.51 -35.05
C LYS E 135 -46.63 -1.11 -36.08
N CYS E 136 -47.00 -1.21 -37.35
CA CYS E 136 -46.17 -0.76 -38.45
C CYS E 136 -47.05 -0.57 -39.68
N VAL E 137 -46.72 0.44 -40.49
CA VAL E 137 -47.51 0.77 -41.67
C VAL E 137 -46.56 0.97 -42.85
N LEU E 138 -47.08 0.73 -44.05
CA LEU E 138 -46.33 0.88 -45.29
C LEU E 138 -47.08 1.83 -46.23
N SER E 139 -46.32 2.52 -47.08
CA SER E 139 -46.86 3.47 -48.05
C SER E 139 -46.41 3.06 -49.44
N GLY E 140 -47.35 3.01 -50.38
CA GLY E 140 -47.06 2.64 -51.73
C GLY E 140 -48.33 2.34 -52.52
N PRO E 141 -48.16 1.76 -53.71
CA PRO E 141 -49.34 1.39 -54.50
C PRO E 141 -50.22 0.42 -53.73
N PRO E 142 -51.52 0.41 -54.02
CA PRO E 142 -52.41 -0.49 -53.27
C PRO E 142 -52.04 -1.95 -53.40
N GLN E 143 -51.38 -2.33 -54.49
CA GLN E 143 -51.04 -3.75 -54.69
C GLN E 143 -50.19 -4.29 -53.55
N LEU E 144 -49.50 -3.42 -52.82
CA LEU E 144 -48.73 -3.89 -51.68
C LEU E 144 -49.57 -4.74 -50.73
N GLU E 145 -50.85 -4.42 -50.59
CA GLU E 145 -51.69 -5.25 -49.73
C GLU E 145 -51.56 -6.71 -50.13
N LYS E 146 -51.77 -7.01 -51.42
CA LYS E 146 -51.58 -8.37 -51.88
C LYS E 146 -50.17 -8.84 -51.58
N TYR E 147 -49.17 -7.99 -51.85
CA TYR E 147 -47.80 -8.34 -51.52
C TYR E 147 -47.66 -8.64 -50.03
N LEU E 148 -48.28 -7.83 -49.17
CA LEU E 148 -48.27 -8.16 -47.75
C LEU E 148 -48.83 -9.56 -47.54
N GLU E 149 -49.99 -9.84 -48.15
CA GLU E 149 -50.54 -11.19 -48.06
C GLU E 149 -49.50 -12.22 -48.50
N ALA E 150 -48.77 -11.92 -49.56
CA ALA E 150 -47.75 -12.86 -50.04
C ALA E 150 -46.78 -13.22 -48.91
N ILE E 151 -46.33 -12.20 -48.16
CA ILE E 151 -45.36 -12.46 -47.10
C ILE E 151 -45.90 -13.47 -46.12
N LYS E 152 -47.22 -13.44 -45.88
CA LYS E 152 -47.82 -14.39 -44.94
C LYS E 152 -47.42 -15.82 -45.28
N ILE E 153 -47.45 -16.17 -46.58
CA ILE E 153 -47.21 -17.56 -46.96
C ILE E 153 -45.85 -18.03 -46.48
N PHE E 154 -44.89 -17.11 -46.30
CA PHE E 154 -43.61 -17.46 -45.69
C PHE E 154 -43.28 -16.52 -44.53
N SER E 155 -44.27 -15.81 -43.99
CA SER E 155 -44.00 -14.91 -42.88
C SER E 155 -43.56 -15.68 -41.63
N GLY E 156 -44.19 -16.82 -41.36
CA GLY E 156 -43.99 -17.53 -40.12
C GLY E 156 -45.02 -17.12 -39.10
N PRO E 157 -44.74 -17.38 -37.81
CA PRO E 157 -45.69 -16.96 -36.78
C PRO E 157 -45.66 -15.45 -36.57
N LEU E 158 -46.70 -14.77 -37.05
CA LEU E 158 -46.81 -13.32 -36.94
C LEU E 158 -47.97 -12.99 -36.02
N LYS E 159 -47.68 -12.38 -34.88
CA LYS E 159 -48.69 -12.05 -33.90
C LYS E 159 -48.21 -10.85 -33.08
N GLY E 160 -49.16 -10.17 -32.46
CA GLY E 160 -48.84 -8.99 -31.68
C GLY E 160 -48.26 -7.86 -32.50
N ILE E 161 -48.38 -7.93 -33.82
CA ILE E 161 -47.82 -6.93 -34.72
C ILE E 161 -48.90 -6.53 -35.71
N GLU E 162 -49.04 -5.23 -35.94
CA GLU E 162 -50.00 -4.69 -36.90
C GLU E 162 -49.27 -4.29 -38.17
N LEU E 163 -49.79 -4.76 -39.31
CA LEU E 163 -49.22 -4.46 -40.62
C LEU E 163 -50.22 -3.58 -41.36
N ALA E 164 -50.13 -2.28 -41.13
CA ALA E 164 -50.99 -1.34 -41.81
C ALA E 164 -50.43 -1.00 -43.19
N VAL E 165 -51.25 -0.32 -43.98
CA VAL E 165 -50.85 0.11 -45.32
C VAL E 165 -51.30 1.55 -45.52
N ARG E 166 -50.56 2.28 -46.35
CA ARG E 166 -50.86 3.68 -46.68
C ARG E 166 -50.90 3.81 -48.19
N PRO E 167 -52.02 3.44 -48.83
CA PRO E 167 -52.11 3.51 -50.28
C PRO E 167 -51.85 4.92 -50.80
N HIS E 168 -51.59 4.99 -52.11
CA HIS E 168 -51.34 6.28 -52.73
C HIS E 168 -52.55 7.21 -52.63
N SER E 169 -53.75 6.64 -52.60
CA SER E 169 -54.97 7.44 -52.56
C SER E 169 -55.12 8.21 -51.25
N ALA E 170 -54.36 7.87 -50.22
CA ALA E 170 -54.51 8.54 -48.94
C ALA E 170 -54.18 10.02 -49.08
N PRO E 171 -54.97 10.92 -48.48
CA PRO E 171 -54.71 12.35 -48.65
C PRO E 171 -53.41 12.81 -48.02
N GLU E 172 -53.23 12.52 -46.73
CA GLU E 172 -52.07 12.99 -45.98
C GLU E 172 -51.86 12.06 -44.79
N TYR E 173 -50.69 12.16 -44.19
CA TYR E 173 -50.35 11.42 -42.98
C TYR E 173 -50.26 12.30 -41.74
N GLU E 174 -49.61 13.46 -41.84
CA GLU E 174 -49.52 14.40 -40.73
C GLU E 174 -48.71 13.81 -39.57
N ASP E 175 -49.35 13.59 -38.42
CA ASP E 175 -48.79 13.24 -37.12
C ASP E 175 -48.20 14.45 -36.40
N GLU E 176 -48.21 15.63 -37.03
CA GLU E 176 -47.73 16.89 -36.47
C GLU E 176 -46.21 16.91 -36.27
N THR E 177 -45.51 15.82 -36.61
CA THR E 177 -44.05 15.78 -36.55
C THR E 177 -43.43 16.04 -37.91
N MET E 178 -43.78 15.22 -38.89
CA MET E 178 -43.33 15.39 -40.26
C MET E 178 -44.48 15.05 -41.20
N THR E 179 -44.63 15.85 -42.25
CA THR E 179 -45.66 15.63 -43.26
C THR E 179 -45.06 15.05 -44.52
N VAL E 180 -45.79 14.14 -45.15
CA VAL E 180 -45.34 13.43 -46.34
C VAL E 180 -46.37 13.59 -47.45
N TYR E 181 -45.88 13.83 -48.67
CA TYR E 181 -46.73 13.99 -49.84
C TYR E 181 -46.50 12.81 -50.78
N GLN E 182 -47.58 12.33 -51.39
CA GLN E 182 -47.52 11.23 -52.34
C GLN E 182 -47.70 11.76 -53.75
N ILE E 183 -46.79 11.38 -54.64
CA ILE E 183 -46.82 11.85 -56.03
C ILE E 183 -46.67 10.66 -56.97
N PRO E 184 -47.71 10.31 -57.73
CA PRO E 184 -47.60 9.15 -58.64
C PRO E 184 -46.88 9.52 -59.93
N ILE E 185 -46.32 8.48 -60.56
CA ILE E 185 -45.62 8.62 -61.83
C ILE E 185 -46.11 7.52 -62.77
N HIS E 186 -45.97 7.77 -64.06
CA HIS E 186 -46.37 6.81 -65.08
C HIS E 186 -45.41 6.88 -66.25
N SER E 187 -45.32 5.78 -66.99
CA SER E 187 -44.43 5.69 -68.14
C SER E 187 -44.86 6.66 -69.25
N LEU E 239 -44.63 2.48 -63.39
CA LEU E 239 -45.29 3.26 -62.36
C LEU E 239 -44.38 3.44 -61.15
N VAL E 240 -44.15 4.69 -60.76
CA VAL E 240 -43.28 5.03 -59.64
C VAL E 240 -43.97 6.08 -58.79
N VAL E 241 -43.58 6.15 -57.52
CA VAL E 241 -44.12 7.11 -56.57
C VAL E 241 -42.96 7.83 -55.90
N ALA E 242 -43.03 9.15 -55.83
CA ALA E 242 -42.05 9.98 -55.15
C ALA E 242 -42.71 10.68 -53.97
N PHE E 243 -41.89 11.03 -52.97
CA PHE E 243 -42.41 11.57 -51.72
C PHE E 243 -41.73 12.89 -51.40
N ILE E 244 -42.54 13.92 -51.13
CA ILE E 244 -42.07 15.21 -50.67
C ILE E 244 -42.41 15.31 -49.19
N CYS E 245 -41.39 15.51 -48.35
CA CYS E 245 -41.54 15.59 -46.91
C CYS E 245 -41.26 17.00 -46.44
N LYS E 246 -42.19 17.57 -45.69
CA LYS E 246 -42.08 18.93 -45.16
C LYS E 246 -42.04 18.87 -43.65
N LEU E 247 -41.07 19.57 -43.05
CA LEU E 247 -40.92 19.57 -41.61
C LEU E 247 -42.01 20.42 -40.96
N HIS E 248 -42.35 20.05 -39.72
CA HIS E 248 -43.42 20.74 -39.01
C HIS E 248 -42.95 22.12 -38.52
N LEU E 249 -43.91 23.03 -38.40
CA LEU E 249 -43.62 24.38 -37.93
C LEU E 249 -43.23 24.36 -36.46
N LYS E 250 -42.23 25.17 -36.11
CA LYS E 250 -41.69 25.24 -34.75
C LYS E 250 -41.48 26.69 -34.33
N ARG E 251 -42.51 27.52 -34.53
CA ARG E 251 -42.38 28.94 -34.28
C ARG E 251 -42.04 29.26 -32.83
N GLY E 252 -42.29 28.33 -31.90
CA GLY E 252 -42.12 28.61 -30.49
C GLY E 252 -40.76 29.19 -30.14
N ASN E 253 -40.74 30.47 -29.75
CA ASN E 253 -39.50 31.14 -29.40
C ASN E 253 -39.84 32.33 -28.51
N PHE E 254 -38.84 32.82 -27.79
CA PHE E 254 -39.00 33.95 -26.89
C PHE E 254 -37.75 34.83 -26.97
N LEU E 255 -37.96 36.13 -27.10
CA LEU E 255 -36.83 37.05 -27.24
C LEU E 255 -36.16 37.27 -25.89
N VAL E 256 -34.90 37.68 -25.94
CA VAL E 256 -34.04 37.74 -24.76
C VAL E 256 -34.02 39.16 -24.21
N LEU E 257 -34.25 39.28 -22.90
CA LEU E 257 -34.06 40.51 -22.13
C LEU E 257 -35.14 41.55 -22.39
N LYS E 258 -35.98 41.35 -23.40
CA LYS E 258 -37.07 42.30 -23.61
C LYS E 258 -38.23 42.00 -22.69
N ALA E 259 -38.40 40.73 -22.27
CA ALA E 259 -39.34 40.44 -21.20
C ALA E 259 -38.90 41.08 -19.90
N LYS E 260 -37.60 41.04 -19.60
CA LYS E 260 -37.09 41.71 -18.41
C LYS E 260 -37.30 43.21 -18.50
N GLU E 261 -37.05 43.79 -19.67
CA GLU E 261 -37.36 45.20 -19.88
C GLU E 261 -38.85 45.47 -19.64
N MET E 262 -39.71 44.54 -20.07
CA MET E 262 -41.14 44.66 -19.86
C MET E 262 -41.56 44.27 -18.44
N GLY E 263 -40.67 43.68 -17.65
CA GLY E 263 -41.00 43.31 -16.29
C GLY E 263 -42.14 42.32 -16.19
N LEU E 264 -42.10 41.28 -17.01
CA LEU E 264 -43.17 40.30 -17.01
C LEU E 264 -43.25 39.60 -15.65
N PRO E 265 -44.45 39.24 -15.20
CA PRO E 265 -44.56 38.61 -13.88
C PRO E 265 -44.02 37.19 -13.86
N VAL E 266 -42.70 37.06 -14.00
CA VAL E 266 -42.05 35.76 -14.00
C VAL E 266 -42.09 35.18 -12.60
N GLY E 267 -41.80 33.89 -12.48
CA GLY E 267 -41.85 33.20 -11.20
C GLY E 267 -43.23 32.81 -10.73
N THR E 268 -44.26 33.04 -11.55
CA THR E 268 -45.63 32.74 -11.22
C THR E 268 -46.19 31.72 -12.22
N ALA E 269 -47.45 31.34 -12.01
CA ALA E 269 -48.12 30.39 -12.89
C ALA E 269 -49.00 31.07 -13.94
N ALA E 270 -49.65 32.19 -13.60
CA ALA E 270 -50.50 32.87 -14.57
C ALA E 270 -49.73 33.34 -15.78
N ILE E 271 -48.39 33.46 -15.67
CA ILE E 271 -47.59 33.85 -16.83
C ILE E 271 -47.57 32.73 -17.86
N ALA E 272 -47.63 31.47 -17.42
CA ALA E 272 -47.50 30.35 -18.36
C ALA E 272 -48.53 30.40 -19.47
N PRO E 273 -49.83 30.62 -19.21
CA PRO E 273 -50.77 30.79 -20.33
C PRO E 273 -50.37 31.92 -21.26
N ILE E 274 -49.84 33.02 -20.73
CA ILE E 274 -49.49 34.16 -21.56
C ILE E 274 -48.51 33.76 -22.65
N ILE E 275 -47.70 32.72 -22.41
CA ILE E 275 -46.78 32.25 -23.43
C ILE E 275 -47.53 31.93 -24.71
N ALA E 276 -48.63 31.17 -24.60
CA ALA E 276 -49.44 30.89 -25.77
C ALA E 276 -49.86 32.18 -26.45
N ALA E 277 -50.25 33.19 -25.67
CA ALA E 277 -50.69 34.45 -26.26
C ALA E 277 -49.60 35.03 -27.16
N VAL E 278 -48.33 34.88 -26.77
CA VAL E 278 -47.25 35.38 -27.62
C VAL E 278 -46.85 34.34 -28.67
N LYS E 279 -47.06 33.05 -28.39
CA LYS E 279 -46.74 32.02 -29.37
C LYS E 279 -47.79 31.95 -30.47
N ASP E 280 -49.05 32.15 -30.12
CA ASP E 280 -50.13 32.03 -31.11
C ASP E 280 -50.19 33.22 -32.04
N GLY E 281 -49.84 34.42 -31.56
CA GLY E 281 -49.87 35.60 -32.40
C GLY E 281 -50.69 36.75 -31.83
N LYS E 282 -50.92 36.74 -30.53
CA LYS E 282 -51.75 37.76 -29.89
C LYS E 282 -50.89 38.94 -29.44
N SER E 283 -51.46 40.15 -29.60
CA SER E 283 -50.81 41.38 -29.19
C SER E 283 -51.48 41.88 -27.92
N ILE E 284 -50.68 42.22 -26.91
CA ILE E 284 -51.20 42.62 -25.60
C ILE E 284 -50.44 43.85 -25.13
N THR E 285 -51.09 44.59 -24.23
CA THR E 285 -50.49 45.80 -23.64
C THR E 285 -49.78 45.43 -22.35
N HIS E 286 -48.46 45.59 -22.34
CA HIS E 286 -47.64 45.33 -21.16
C HIS E 286 -46.51 46.35 -21.10
N GLU E 287 -46.19 46.79 -19.88
CA GLU E 287 -45.15 47.79 -19.67
C GLU E 287 -45.43 49.04 -20.51
N GLY E 288 -46.70 49.42 -20.60
CA GLY E 288 -47.08 50.58 -21.37
C GLY E 288 -46.79 50.47 -22.85
N ARG E 289 -46.58 49.26 -23.34
CA ARG E 289 -46.30 49.02 -24.76
C ARG E 289 -47.33 48.05 -25.32
N GLU E 290 -47.91 48.40 -26.46
CA GLU E 290 -48.83 47.51 -27.16
C GLU E 290 -47.99 46.51 -27.95
N ILE E 291 -47.44 45.54 -27.22
CA ILE E 291 -46.46 44.61 -27.78
C ILE E 291 -47.18 43.60 -28.67
N LEU E 292 -46.64 43.38 -29.87
CA LEU E 292 -47.14 42.37 -30.78
C LEU E 292 -46.40 41.06 -30.55
N ALA E 293 -47.07 39.96 -30.90
CA ALA E 293 -46.46 38.65 -30.71
C ALA E 293 -45.18 38.50 -31.52
N GLU E 294 -45.19 39.00 -32.75
CA GLU E 294 -44.00 38.89 -33.60
C GLU E 294 -42.80 39.58 -32.97
N GLU E 295 -43.03 40.64 -32.18
CA GLU E 295 -41.93 41.35 -31.55
C GLU E 295 -41.16 40.45 -30.59
N LEU E 296 -41.88 39.63 -29.82
CA LEU E 296 -41.27 38.75 -28.84
C LEU E 296 -41.03 37.34 -29.39
N CYS E 297 -41.25 37.12 -30.68
CA CYS E 297 -41.11 35.81 -31.30
C CYS E 297 -40.03 35.86 -32.37
N THR E 298 -39.14 34.88 -32.36
CA THR E 298 -38.15 34.74 -33.41
C THR E 298 -38.85 34.47 -34.74
N PRO E 299 -38.32 34.98 -35.85
CA PRO E 299 -38.96 34.73 -37.15
C PRO E 299 -39.28 33.27 -37.34
N PRO E 300 -40.56 32.90 -37.41
CA PRO E 300 -40.91 31.48 -37.51
C PRO E 300 -40.35 30.83 -38.77
N ASP E 301 -40.01 29.56 -38.65
CA ASP E 301 -39.57 28.75 -39.77
C ASP E 301 -40.58 27.64 -40.01
N PRO E 302 -41.35 27.65 -41.10
CA PRO E 302 -42.38 26.63 -41.28
C PRO E 302 -41.83 25.21 -41.29
N GLY E 303 -40.62 25.01 -41.82
CA GLY E 303 -40.02 23.69 -41.84
C GLY E 303 -39.35 23.38 -43.17
N ALA E 304 -38.13 22.86 -43.11
CA ALA E 304 -37.42 22.49 -44.33
C ALA E 304 -38.14 21.35 -45.05
N ALA E 305 -38.02 21.35 -46.37
CA ALA E 305 -38.65 20.34 -47.22
C ALA E 305 -37.58 19.61 -48.03
N PHE E 306 -37.84 18.33 -48.29
CA PHE E 306 -36.93 17.52 -49.11
C PHE E 306 -37.74 16.48 -49.86
N VAL E 307 -37.29 16.19 -51.08
CA VAL E 307 -38.01 15.30 -52.00
C VAL E 307 -37.15 14.08 -52.29
N VAL E 308 -37.77 12.90 -52.27
CA VAL E 308 -37.14 11.64 -52.63
C VAL E 308 -37.87 11.09 -53.86
N VAL E 309 -37.10 10.70 -54.87
CA VAL E 309 -37.67 10.23 -56.13
C VAL E 309 -36.67 9.31 -56.81
N GLU E 310 -37.20 8.32 -57.52
CA GLU E 310 -36.41 7.40 -58.33
C GLU E 310 -36.86 7.51 -59.77
N CYS E 311 -35.91 7.65 -60.70
CA CYS E 311 -36.19 7.84 -62.11
C CYS E 311 -35.53 6.71 -62.91
N PRO E 312 -36.27 5.64 -63.20
CA PRO E 312 -35.65 4.52 -63.94
C PRO E 312 -35.06 4.92 -65.29
N ASP E 313 -35.71 5.79 -66.04
CA ASP E 313 -35.26 6.14 -67.39
C ASP E 313 -36.04 7.35 -67.87
N GLU E 314 -35.81 7.72 -69.14
CA GLU E 314 -36.42 8.92 -69.70
C GLU E 314 -37.95 8.87 -69.64
N SER E 315 -38.53 7.67 -69.75
CA SER E 315 -39.98 7.55 -69.66
C SER E 315 -40.49 8.08 -68.33
N PHE E 316 -39.63 8.14 -67.31
CA PHE E 316 -39.95 8.76 -66.04
C PHE E 316 -39.27 10.11 -65.85
N ILE E 317 -38.30 10.46 -66.68
CA ILE E 317 -37.76 11.81 -66.67
C ILE E 317 -38.80 12.80 -67.20
N GLN E 318 -39.49 12.44 -68.28
CA GLN E 318 -40.41 13.38 -68.90
C GLN E 318 -41.59 13.73 -68.00
N PRO E 319 -42.32 12.77 -67.41
CA PRO E 319 -43.54 13.14 -66.68
C PRO E 319 -43.29 14.03 -65.46
N ILE E 320 -42.15 13.89 -64.78
CA ILE E 320 -41.99 14.57 -63.49
C ILE E 320 -42.06 16.08 -63.67
N CYS E 321 -41.53 16.61 -64.77
CA CYS E 321 -41.53 18.05 -64.97
C CYS E 321 -42.94 18.59 -65.06
N GLU E 322 -43.84 17.87 -65.74
CA GLU E 322 -45.23 18.26 -65.86
C GLU E 322 -46.01 17.87 -64.60
N ASN E 323 -45.53 18.36 -63.46
CA ASN E 323 -46.13 18.09 -62.16
C ASN E 323 -46.44 19.41 -61.47
N ALA E 324 -47.70 19.61 -61.11
CA ALA E 324 -48.08 20.83 -60.39
C ALA E 324 -47.41 20.90 -59.03
N THR E 325 -47.30 19.76 -58.34
CA THR E 325 -46.69 19.75 -57.02
C THR E 325 -45.23 20.21 -57.09
N PHE E 326 -44.48 19.70 -58.06
CA PHE E 326 -43.09 20.13 -58.21
C PHE E 326 -43.02 21.61 -58.54
N GLN E 327 -43.87 22.09 -59.45
CA GLN E 327 -43.86 23.50 -59.80
C GLN E 327 -44.20 24.38 -58.61
N ARG E 328 -44.96 23.84 -57.65
CA ARG E 328 -45.27 24.61 -56.45
C ARG E 328 -44.00 24.93 -55.66
N TYR E 329 -43.09 23.98 -55.57
CA TYR E 329 -41.85 24.14 -54.81
C TYR E 329 -40.68 24.61 -55.67
N GLN E 330 -40.90 24.87 -56.95
CA GLN E 330 -39.85 25.39 -57.83
C GLN E 330 -39.88 26.90 -57.82
N GLY E 331 -38.70 27.52 -57.70
CA GLY E 331 -38.59 28.96 -57.66
C GLY E 331 -38.89 29.52 -56.29
N LYS E 332 -39.89 30.40 -56.19
CA LYS E 332 -40.29 30.98 -54.92
C LYS E 332 -41.30 30.03 -54.27
N ALA E 333 -40.77 28.97 -53.68
CA ALA E 333 -41.61 27.99 -53.01
C ALA E 333 -42.20 28.57 -51.73
N ASP E 334 -43.43 28.16 -51.43
CA ASP E 334 -44.04 28.56 -50.15
C ASP E 334 -43.22 28.03 -48.98
N ALA E 335 -42.77 26.78 -49.07
CA ALA E 335 -41.83 26.20 -48.12
C ALA E 335 -40.54 25.87 -48.87
N PRO E 336 -39.50 26.70 -48.78
CA PRO E 336 -38.29 26.45 -49.56
C PRO E 336 -37.71 25.07 -49.26
N VAL E 337 -37.20 24.43 -50.30
CA VAL E 337 -36.65 23.08 -50.20
C VAL E 337 -35.19 23.19 -49.75
N ALA E 338 -34.86 22.53 -48.64
CA ALA E 338 -33.50 22.57 -48.14
C ALA E 338 -32.58 21.68 -48.97
N LEU E 339 -33.07 20.52 -49.41
CA LEU E 339 -32.25 19.58 -50.16
C LEU E 339 -33.17 18.69 -50.99
N VAL E 340 -32.57 18.03 -51.98
CA VAL E 340 -33.26 17.05 -52.80
C VAL E 340 -32.32 15.87 -53.01
N VAL E 341 -32.86 14.66 -52.89
CA VAL E 341 -32.11 13.43 -53.08
C VAL E 341 -32.63 12.73 -54.33
N HIS E 342 -31.74 12.43 -55.26
CA HIS E 342 -32.09 11.78 -56.51
C HIS E 342 -31.46 10.39 -56.56
N MET E 343 -32.28 9.40 -56.85
CA MET E 343 -31.84 8.02 -57.00
C MET E 343 -32.05 7.64 -58.47
N ALA E 344 -31.05 7.93 -59.30
CA ALA E 344 -31.14 7.64 -60.72
C ALA E 344 -29.73 7.39 -61.26
N PRO E 345 -29.59 6.65 -62.35
CA PRO E 345 -28.26 6.41 -62.91
C PRO E 345 -27.66 7.68 -63.51
N ALA E 346 -26.38 7.57 -63.86
CA ALA E 346 -25.69 8.71 -64.46
C ALA E 346 -26.33 9.12 -65.78
N SER E 347 -26.72 8.13 -66.59
CA SER E 347 -27.35 8.45 -67.87
C SER E 347 -28.61 9.28 -67.68
N VAL E 348 -29.44 8.90 -66.70
CA VAL E 348 -30.62 9.69 -66.39
C VAL E 348 -30.22 11.06 -65.85
N LEU E 349 -29.13 11.12 -65.09
CA LEU E 349 -28.67 12.37 -64.49
C LEU E 349 -28.16 13.37 -65.52
N VAL E 350 -27.90 12.95 -66.75
CA VAL E 350 -27.31 13.83 -67.77
C VAL E 350 -28.32 14.21 -68.84
N ASP E 351 -29.58 13.83 -68.68
CA ASP E 351 -30.59 14.18 -69.68
C ASP E 351 -30.81 15.68 -69.70
N SER E 352 -31.00 16.23 -70.91
CA SER E 352 -31.21 17.66 -71.05
C SER E 352 -32.43 18.12 -70.26
N ARG E 353 -33.55 17.40 -70.41
CA ARG E 353 -34.74 17.73 -69.65
C ARG E 353 -34.50 17.57 -68.14
N TYR E 354 -33.85 16.47 -67.75
CA TYR E 354 -33.55 16.26 -66.34
C TYR E 354 -32.62 17.35 -65.82
N GLN E 355 -31.60 17.71 -66.60
CA GLN E 355 -30.68 18.76 -66.16
C GLN E 355 -31.40 20.09 -66.00
N GLN E 356 -32.29 20.42 -66.95
CA GLN E 356 -33.05 21.66 -66.83
C GLN E 356 -33.94 21.63 -65.60
N TRP E 357 -34.61 20.50 -65.34
CA TRP E 357 -35.46 20.39 -64.16
C TRP E 357 -34.64 20.58 -62.89
N MET E 358 -33.45 19.98 -62.84
CA MET E 358 -32.58 20.17 -61.69
C MET E 358 -32.19 21.64 -61.54
N GLU E 359 -31.89 22.31 -62.66
CA GLU E 359 -31.51 23.71 -62.61
C GLU E 359 -32.66 24.61 -62.17
N ARG E 360 -33.90 24.17 -62.38
CA ARG E 360 -35.05 25.00 -62.04
C ARG E 360 -34.96 25.54 -60.61
N PHE E 361 -34.65 24.65 -59.66
CA PHE E 361 -34.66 25.06 -58.26
C PHE E 361 -33.61 26.13 -57.99
N GLY E 362 -32.41 25.97 -58.54
CA GLY E 362 -31.36 26.95 -58.37
C GLY E 362 -30.42 26.63 -57.22
N PRO E 363 -29.58 27.58 -56.85
CA PRO E 363 -28.58 27.31 -55.80
C PRO E 363 -29.19 26.97 -54.45
N ASP E 364 -30.45 27.31 -54.21
CA ASP E 364 -31.06 27.04 -52.92
C ASP E 364 -30.93 25.57 -52.53
N THR E 365 -31.07 24.67 -53.49
CA THR E 365 -30.97 23.24 -53.21
C THR E 365 -29.52 22.79 -53.20
N GLN E 366 -29.31 21.54 -52.79
CA GLN E 366 -27.99 20.94 -52.74
C GLN E 366 -27.81 19.78 -53.72
N HIS E 367 -28.90 19.08 -54.08
CA HIS E 367 -28.86 18.04 -55.10
C HIS E 367 -27.90 16.91 -54.72
N LEU E 368 -28.28 16.22 -53.64
CA LEU E 368 -27.66 14.95 -53.31
C LEU E 368 -28.14 13.88 -54.27
N VAL E 369 -27.24 13.00 -54.69
CA VAL E 369 -27.54 11.97 -55.67
C VAL E 369 -27.08 10.63 -55.14
N LEU E 370 -27.68 9.58 -55.67
CA LEU E 370 -27.36 8.21 -55.29
C LEU E 370 -27.57 7.30 -56.50
N ASN E 371 -26.57 6.51 -56.82
CA ASN E 371 -26.63 5.63 -57.99
C ASN E 371 -25.51 4.61 -57.87
N GLU E 372 -25.37 3.79 -58.92
CA GLU E 372 -24.37 2.74 -58.92
C GLU E 372 -22.95 3.30 -58.88
N ASN E 373 -22.74 4.48 -59.46
CA ASN E 373 -21.39 5.03 -59.56
C ASN E 373 -20.75 5.25 -58.19
N CYS E 374 -21.55 5.35 -57.13
CA CYS E 374 -21.00 5.55 -55.80
C CYS E 374 -20.12 4.36 -55.41
N ALA E 375 -18.94 4.67 -54.88
CA ALA E 375 -17.98 3.66 -54.44
C ALA E 375 -17.75 3.80 -52.95
N SER E 376 -17.92 2.71 -52.21
CA SER E 376 -17.74 2.72 -50.76
C SER E 376 -17.79 1.29 -50.27
N VAL E 377 -17.72 1.12 -48.95
CA VAL E 377 -17.77 -0.18 -48.30
C VAL E 377 -18.98 -0.20 -47.38
N HIS E 378 -19.80 -1.24 -47.51
CA HIS E 378 -21.00 -1.38 -46.71
C HIS E 378 -20.81 -2.23 -45.47
N ASN E 379 -19.60 -2.76 -45.24
CA ASN E 379 -19.33 -3.55 -44.04
C ASN E 379 -17.83 -3.48 -43.76
N LEU E 380 -17.46 -2.63 -42.81
CA LEU E 380 -16.05 -2.53 -42.43
C LEU E 380 -15.54 -3.85 -41.86
N ARG E 381 -16.35 -4.51 -41.04
CA ARG E 381 -15.91 -5.75 -40.40
C ARG E 381 -15.60 -6.82 -41.45
N SER E 382 -16.44 -6.95 -42.46
CA SER E 382 -16.23 -7.98 -43.47
C SER E 382 -14.93 -7.74 -44.22
N HIS E 383 -14.69 -6.50 -44.66
CA HIS E 383 -13.45 -6.19 -45.35
C HIS E 383 -12.25 -6.42 -44.45
N LYS E 384 -12.34 -6.00 -43.19
CA LYS E 384 -11.23 -6.21 -42.27
C LYS E 384 -10.91 -7.69 -42.13
N ILE E 385 -11.92 -8.51 -41.89
CA ILE E 385 -11.67 -9.92 -41.63
C ILE E 385 -11.16 -10.62 -42.88
N GLN E 386 -11.73 -10.31 -44.05
CA GLN E 386 -11.26 -10.96 -45.27
C GLN E 386 -9.84 -10.52 -45.61
N THR E 387 -9.51 -9.24 -45.40
CA THR E 387 -8.14 -8.80 -45.62
C THR E 387 -7.17 -9.50 -44.68
N GLN E 388 -7.56 -9.64 -43.40
CA GLN E 388 -6.69 -10.34 -42.46
C GLN E 388 -6.49 -11.79 -42.89
N LEU E 389 -7.58 -12.46 -43.30
CA LEU E 389 -7.46 -13.85 -43.73
C LEU E 389 -6.63 -13.99 -44.99
N ASN E 390 -6.64 -12.97 -45.85
CA ASN E 390 -5.88 -13.04 -47.09
C ASN E 390 -4.40 -13.28 -46.83
N LEU E 391 -3.90 -12.87 -45.66
CA LEU E 391 -2.50 -13.08 -45.35
C LEU E 391 -2.14 -14.57 -45.29
N ILE E 392 -3.03 -15.38 -44.72
CA ILE E 392 -2.71 -16.80 -44.51
C ILE E 392 -2.52 -17.50 -45.86
N HIS E 393 -3.43 -17.26 -46.80
CA HIS E 393 -3.30 -17.88 -48.11
C HIS E 393 -4.15 -17.10 -49.10
N PRO E 394 -3.61 -16.73 -50.27
CA PRO E 394 -4.36 -15.82 -51.15
C PRO E 394 -5.67 -16.39 -51.68
N ASP E 395 -5.62 -17.54 -52.34
CA ASP E 395 -6.79 -17.99 -53.09
C ASP E 395 -7.88 -18.58 -52.21
N ILE E 396 -7.54 -19.15 -51.05
CA ILE E 396 -8.60 -19.56 -50.12
C ILE E 396 -9.34 -18.34 -49.60
N PHE E 397 -8.63 -17.22 -49.40
CA PHE E 397 -9.21 -15.99 -48.87
C PHE E 397 -8.87 -14.85 -49.81
N PRO E 398 -9.43 -14.86 -51.01
CA PRO E 398 -9.10 -13.81 -51.99
C PRO E 398 -9.59 -12.44 -51.52
N LEU E 399 -8.85 -11.41 -51.92
CA LEU E 399 -9.25 -10.05 -51.59
C LEU E 399 -10.64 -9.77 -52.16
N LEU E 400 -11.48 -9.11 -51.37
CA LEU E 400 -12.84 -8.78 -51.80
C LEU E 400 -12.78 -7.50 -52.60
N THR E 401 -12.91 -7.61 -53.92
CA THR E 401 -12.85 -6.45 -54.79
C THR E 401 -13.89 -5.42 -54.36
N SER E 402 -13.45 -4.18 -54.22
CA SER E 402 -14.30 -3.08 -53.79
C SER E 402 -14.68 -2.21 -54.98
N PHE E 403 -15.93 -1.74 -54.98
CA PHE E 403 -16.37 -0.85 -56.05
C PHE E 403 -15.47 0.36 -56.14
N ARG E 404 -15.08 0.71 -57.35
CA ARG E 404 -14.18 1.85 -57.58
C ARG E 404 -14.54 2.46 -58.94
N CYS E 405 -15.33 3.53 -58.92
CA CYS E 405 -15.72 4.17 -60.17
C CYS E 405 -14.48 4.69 -60.89
N LYS E 406 -14.41 4.41 -62.19
CA LYS E 406 -13.24 4.81 -62.97
C LYS E 406 -13.19 6.31 -63.17
N LYS E 407 -14.31 6.92 -63.54
CA LYS E 407 -14.38 8.35 -63.82
C LYS E 407 -15.56 8.96 -63.09
N GLU E 408 -15.32 10.07 -62.40
CA GLU E 408 -16.39 10.78 -61.73
C GLU E 408 -17.37 11.35 -62.75
N GLY E 409 -18.62 11.50 -62.32
CA GLY E 409 -19.67 11.96 -63.21
C GLY E 409 -19.36 13.33 -63.78
N PRO E 410 -19.95 13.64 -64.94
CA PRO E 410 -19.67 14.93 -65.58
C PRO E 410 -20.06 16.10 -64.68
N THR E 411 -19.27 17.16 -64.74
CA THR E 411 -19.52 18.33 -63.91
C THR E 411 -20.71 19.11 -64.45
N LEU E 412 -21.90 18.82 -63.93
CA LEU E 412 -23.09 19.53 -64.34
C LEU E 412 -23.11 20.92 -63.72
N SER E 413 -23.88 21.82 -64.34
CA SER E 413 -23.96 23.20 -63.86
C SER E 413 -24.40 23.23 -62.40
N VAL E 414 -25.44 22.49 -62.06
CA VAL E 414 -25.91 22.40 -60.68
C VAL E 414 -24.96 21.50 -59.91
N PRO E 415 -24.77 21.72 -58.61
CA PRO E 415 -23.92 20.81 -57.83
C PRO E 415 -24.50 19.41 -57.76
N MET E 416 -23.61 18.43 -57.70
CA MET E 416 -24.00 17.02 -57.62
C MET E 416 -23.26 16.41 -56.42
N VAL E 417 -23.95 16.31 -55.29
CA VAL E 417 -23.34 15.76 -54.07
C VAL E 417 -23.49 14.25 -54.15
N GLN E 418 -22.41 13.57 -54.52
CA GLN E 418 -22.46 12.11 -54.63
C GLN E 418 -22.72 11.50 -53.26
N GLY E 419 -23.63 10.52 -53.23
CA GLY E 419 -23.96 9.86 -51.97
C GLY E 419 -22.90 8.86 -51.55
N GLU E 420 -22.81 8.64 -50.25
CA GLU E 420 -21.86 7.69 -49.68
C GLU E 420 -22.51 6.99 -48.50
N CYS E 421 -21.99 5.81 -48.17
CA CYS E 421 -22.46 5.09 -47.00
C CYS E 421 -22.14 5.87 -45.74
N LEU E 422 -23.06 5.83 -44.78
CA LEU E 422 -22.96 6.56 -43.53
C LEU E 422 -22.96 8.07 -43.73
N LEU E 423 -23.26 8.55 -44.94
CA LEU E 423 -23.34 9.98 -45.17
C LEU E 423 -24.47 10.57 -44.33
N LYS E 424 -24.18 11.68 -43.66
CA LYS E 424 -25.09 12.28 -42.70
C LYS E 424 -25.34 13.74 -43.05
N TYR E 425 -26.60 14.17 -42.93
CA TYR E 425 -26.97 15.55 -43.19
C TYR E 425 -27.93 16.01 -42.09
N GLN E 426 -27.49 16.96 -41.27
CA GLN E 426 -28.36 17.54 -40.27
C GLN E 426 -29.22 18.61 -40.92
N LEU E 427 -30.50 18.68 -40.52
CA LEU E 427 -31.43 19.67 -41.04
C LEU E 427 -31.78 20.74 -40.03
N ARG E 428 -32.03 20.36 -38.77
CA ARG E 428 -32.30 21.31 -37.71
C ARG E 428 -31.39 21.02 -36.53
N PRO E 429 -31.01 22.04 -35.75
CA PRO E 429 -31.29 23.47 -35.97
C PRO E 429 -30.40 24.06 -37.04
N ARG E 430 -29.48 23.25 -37.59
CA ARG E 430 -28.58 23.68 -38.64
C ARG E 430 -28.68 22.69 -39.81
N ARG E 431 -28.59 23.22 -41.02
CA ARG E 431 -28.66 22.41 -42.24
C ARG E 431 -27.25 22.32 -42.82
N GLU E 432 -26.62 21.16 -42.65
CA GLU E 432 -25.24 20.99 -43.11
C GLU E 432 -24.93 19.51 -43.29
N TRP E 433 -23.84 19.25 -43.99
CA TRP E 433 -23.37 17.88 -44.25
C TRP E 433 -22.48 17.47 -43.08
N GLN E 434 -23.04 16.68 -42.17
CA GLN E 434 -22.31 16.21 -40.99
C GLN E 434 -21.55 14.91 -41.30
N ARG E 435 -20.73 14.95 -42.34
CA ARG E 435 -19.98 13.77 -42.75
C ARG E 435 -18.84 13.52 -41.78
N ASP E 436 -19.17 13.03 -40.58
CA ASP E 436 -18.20 12.81 -39.51
C ASP E 436 -17.86 11.34 -39.31
N ALA E 437 -18.83 10.43 -39.47
CA ALA E 437 -18.63 9.01 -39.22
C ALA E 437 -18.73 8.20 -40.51
N ILE E 438 -18.18 8.72 -41.59
CA ILE E 438 -18.19 8.03 -42.87
C ILE E 438 -17.14 6.93 -42.85
N ILE E 439 -17.52 5.75 -43.38
CA ILE E 439 -16.59 4.63 -43.42
C ILE E 439 -15.41 4.96 -44.32
N THR E 440 -14.24 4.44 -43.96
CA THR E 440 -13.03 4.63 -44.74
C THR E 440 -12.32 3.29 -44.93
N CYS E 441 -11.60 3.17 -46.03
CA CYS E 441 -10.90 1.95 -46.39
C CYS E 441 -9.42 2.11 -46.08
N ASN E 442 -8.95 1.41 -45.05
CA ASN E 442 -7.55 1.43 -44.63
C ASN E 442 -7.09 -0.01 -44.45
N PRO E 443 -6.82 -0.72 -45.55
CA PRO E 443 -6.35 -2.11 -45.41
C PRO E 443 -5.08 -2.23 -44.59
N GLU E 444 -4.17 -1.27 -44.72
CA GLU E 444 -2.91 -1.33 -43.97
C GLU E 444 -3.17 -1.31 -42.47
N GLU E 445 -4.12 -0.50 -42.01
CA GLU E 445 -4.44 -0.47 -40.59
C GLU E 445 -4.93 -1.84 -40.11
N PHE E 446 -5.80 -2.48 -40.89
CA PHE E 446 -6.26 -3.81 -40.51
C PHE E 446 -5.11 -4.80 -40.47
N ILE E 447 -4.22 -4.73 -41.46
CA ILE E 447 -3.10 -5.66 -41.53
C ILE E 447 -2.20 -5.50 -40.31
N VAL E 448 -1.88 -4.25 -39.95
CA VAL E 448 -1.00 -4.04 -38.82
C VAL E 448 -1.69 -4.43 -37.52
N GLU E 449 -3.00 -4.16 -37.41
CA GLU E 449 -3.73 -4.56 -36.20
C GLU E 449 -3.72 -6.07 -36.04
N ALA E 450 -3.94 -6.81 -37.11
CA ALA E 450 -3.83 -8.26 -37.03
C ALA E 450 -2.42 -8.69 -36.69
N LEU E 451 -1.42 -8.03 -37.28
CA LEU E 451 -0.04 -8.40 -37.02
C LEU E 451 0.30 -8.25 -35.55
N GLN E 452 -0.23 -7.21 -34.89
CA GLN E 452 0.01 -6.98 -33.47
C GLN E 452 -0.91 -7.87 -32.63
N LEU E 453 -0.77 -9.18 -32.84
CA LEU E 453 -1.51 -10.18 -32.09
C LEU E 453 -0.56 -11.27 -31.63
N PRO E 454 -0.85 -11.92 -30.49
CA PRO E 454 0.07 -12.94 -29.98
C PRO E 454 0.00 -14.22 -30.80
N ASN E 455 1.16 -14.71 -31.21
CA ASN E 455 1.33 -15.98 -31.90
C ASN E 455 0.75 -15.98 -33.31
N PHE E 456 0.23 -14.84 -33.78
CA PHE E 456 -0.36 -14.80 -35.11
C PHE E 456 0.71 -14.83 -36.20
N GLN E 457 1.61 -13.85 -36.18
CA GLN E 457 2.68 -13.82 -37.18
C GLN E 457 3.58 -15.04 -37.07
N GLN E 458 3.88 -15.46 -35.84
CA GLN E 458 4.70 -16.65 -35.66
C GLN E 458 4.01 -17.88 -36.23
N SER E 459 2.72 -18.03 -35.97
CA SER E 459 1.99 -19.18 -36.51
C SER E 459 1.95 -19.12 -38.04
N VAL E 460 1.78 -17.93 -38.60
CA VAL E 460 1.76 -17.79 -40.05
C VAL E 460 3.10 -18.20 -40.64
N GLN E 461 4.20 -17.75 -40.02
CA GLN E 461 5.52 -18.12 -40.50
C GLN E 461 5.75 -19.62 -40.40
N GLU E 462 5.31 -20.23 -39.29
CA GLU E 462 5.46 -21.67 -39.15
C GLU E 462 4.66 -22.42 -40.21
N TYR E 463 3.45 -21.95 -40.49
CA TYR E 463 2.65 -22.58 -41.55
C TYR E 463 3.33 -22.42 -42.90
N ARG E 464 3.91 -21.25 -43.16
CA ARG E 464 4.65 -21.05 -44.40
C ARG E 464 5.81 -22.02 -44.51
N ARG E 465 6.57 -22.20 -43.43
CA ARG E 465 7.68 -23.13 -43.44
C ARG E 465 7.19 -24.55 -43.70
N SER E 466 6.10 -24.95 -43.04
CA SER E 466 5.58 -26.30 -43.23
C SER E 466 5.12 -26.52 -44.66
N ALA E 467 4.40 -25.55 -45.23
CA ALA E 467 3.92 -25.68 -46.60
C ALA E 467 5.07 -25.73 -47.59
N GLN E 468 6.07 -24.87 -47.41
CA GLN E 468 7.21 -24.85 -48.32
C GLN E 468 7.96 -26.18 -48.29
N ASP E 469 8.17 -26.73 -47.10
CA ASP E 469 8.85 -28.01 -46.98
C ASP E 469 7.97 -29.18 -47.41
N GLY E 470 6.66 -29.00 -47.36
CA GLY E 470 5.74 -30.07 -47.70
C GLY E 470 5.81 -30.44 -49.17
N PRO E 471 5.47 -31.69 -49.49
CA PRO E 471 5.51 -32.13 -50.89
C PRO E 471 4.40 -31.48 -51.71
N ALA E 472 4.63 -31.42 -53.02
CA ALA E 472 3.63 -30.88 -53.92
C ALA E 472 2.41 -31.79 -53.96
N PRO E 473 1.24 -31.24 -54.30
CA PRO E 473 0.02 -32.07 -54.33
C PRO E 473 0.18 -33.24 -55.30
N ALA E 474 -0.04 -34.45 -54.79
CA ALA E 474 0.05 -35.64 -55.61
C ALA E 474 -1.17 -35.76 -56.52
N GLU E 475 -0.98 -36.46 -57.64
CA GLU E 475 -2.04 -36.72 -58.60
C GLU E 475 -2.38 -35.49 -59.43
N LYS E 476 -1.77 -34.35 -59.11
CA LYS E 476 -2.01 -33.10 -59.82
C LYS E 476 -3.51 -32.86 -60.01
N ARG E 477 -4.21 -32.76 -58.88
CA ARG E 477 -5.66 -32.58 -58.91
C ARG E 477 -6.01 -31.28 -59.64
N SER E 478 -7.00 -31.36 -60.52
CA SER E 478 -7.41 -30.18 -61.28
C SER E 478 -8.03 -29.14 -60.36
N GLN E 479 -7.79 -27.87 -60.69
CA GLN E 479 -8.38 -26.79 -59.89
C GLN E 479 -9.90 -26.89 -59.87
N TYR E 480 -10.50 -26.99 -61.05
CA TYR E 480 -11.95 -27.16 -61.12
C TYR E 480 -12.32 -28.56 -60.61
N PRO E 481 -13.50 -28.70 -60.00
CA PRO E 481 -14.50 -27.66 -59.70
C PRO E 481 -14.11 -26.83 -58.49
N GLU E 482 -14.63 -25.61 -58.39
CA GLU E 482 -14.37 -24.74 -57.26
C GLU E 482 -15.63 -24.63 -56.40
N ILE E 483 -15.45 -24.37 -55.11
CA ILE E 483 -16.58 -24.17 -54.20
C ILE E 483 -16.32 -22.90 -53.40
N ILE E 484 -17.25 -21.97 -53.45
CA ILE E 484 -17.14 -20.69 -52.75
C ILE E 484 -18.32 -20.58 -51.79
N PHE E 485 -18.01 -20.42 -50.51
CA PHE E 485 -19.01 -20.17 -49.48
C PHE E 485 -19.17 -18.66 -49.32
N LEU E 486 -20.35 -18.15 -49.65
CA LEU E 486 -20.60 -16.72 -49.49
C LEU E 486 -20.96 -16.38 -48.05
N GLY E 487 -21.92 -17.10 -47.49
CA GLY E 487 -22.29 -16.91 -46.10
C GLY E 487 -22.55 -18.24 -45.44
N THR E 488 -22.30 -18.29 -44.13
CA THR E 488 -22.49 -19.49 -43.34
C THR E 488 -23.43 -19.29 -42.16
N GLY E 489 -24.05 -18.12 -42.05
CA GLY E 489 -24.99 -17.89 -40.97
C GLY E 489 -26.20 -18.80 -41.05
N SER E 490 -26.80 -19.05 -39.88
CA SER E 490 -27.94 -19.95 -39.77
C SER E 490 -29.24 -19.24 -39.48
N ALA E 491 -29.22 -17.94 -39.24
CA ALA E 491 -30.40 -17.19 -38.84
C ALA E 491 -30.26 -15.77 -39.40
N ILE E 492 -31.04 -14.84 -38.85
CA ILE E 492 -30.96 -13.44 -39.23
C ILE E 492 -29.49 -13.07 -39.38
N PRO E 493 -29.05 -12.61 -40.54
CA PRO E 493 -27.61 -12.45 -40.77
C PRO E 493 -26.98 -11.47 -39.80
N MET E 494 -25.76 -11.75 -39.40
CA MET E 494 -24.97 -10.90 -38.54
C MET E 494 -23.85 -10.26 -39.35
N LYS E 495 -23.07 -9.39 -38.69
CA LYS E 495 -21.97 -8.73 -39.38
C LYS E 495 -20.89 -9.74 -39.78
N ILE E 496 -20.58 -10.69 -38.88
CA ILE E 496 -19.47 -11.61 -39.13
C ILE E 496 -19.79 -12.53 -40.31
N ARG E 497 -20.97 -13.12 -40.30
CA ARG E 497 -21.37 -14.13 -41.29
C ARG E 497 -22.60 -13.64 -42.05
N ASN E 498 -23.16 -14.52 -42.87
CA ASN E 498 -24.34 -14.22 -43.64
C ASN E 498 -25.14 -15.49 -43.84
N VAL E 499 -26.42 -15.33 -44.20
CA VAL E 499 -27.29 -16.47 -44.43
C VAL E 499 -26.59 -17.47 -45.33
N SER E 500 -26.86 -18.75 -45.10
CA SER E 500 -26.15 -19.81 -45.79
C SER E 500 -26.30 -19.65 -47.30
N ALA E 501 -25.17 -19.77 -48.02
CA ALA E 501 -25.17 -19.64 -49.46
C ALA E 501 -23.84 -20.14 -50.03
N THR E 502 -23.89 -21.00 -51.03
CA THR E 502 -22.68 -21.55 -51.64
C THR E 502 -22.85 -21.61 -53.14
N LEU E 503 -21.73 -21.50 -53.85
CA LEU E 503 -21.72 -21.62 -55.31
C LEU E 503 -20.61 -22.59 -55.71
N VAL E 504 -20.96 -23.53 -56.58
CA VAL E 504 -20.02 -24.54 -57.06
C VAL E 504 -19.83 -24.32 -58.56
N ASN E 505 -18.61 -23.98 -58.94
CA ASN E 505 -18.25 -23.80 -60.35
C ASN E 505 -17.71 -25.14 -60.85
N ILE E 506 -18.55 -25.85 -61.60
CA ILE E 506 -18.12 -27.14 -62.14
C ILE E 506 -17.09 -26.93 -63.25
N SER E 507 -17.39 -25.91 -64.05
CA SER E 507 -16.50 -25.59 -65.19
C SER E 507 -16.58 -24.12 -65.44
N PRO E 508 -15.57 -23.51 -66.05
CA PRO E 508 -15.61 -22.05 -66.23
C PRO E 508 -16.89 -21.56 -66.90
N ASP E 509 -17.70 -22.46 -67.47
CA ASP E 509 -18.96 -22.09 -68.11
C ASP E 509 -20.16 -22.76 -67.45
N THR E 510 -20.00 -23.34 -66.26
CA THR E 510 -21.09 -24.02 -65.58
C THR E 510 -20.98 -23.78 -64.08
N SER E 511 -22.01 -23.19 -63.48
CA SER E 511 -22.04 -22.90 -62.07
C SER E 511 -23.41 -23.22 -61.50
N LEU E 512 -23.42 -23.79 -60.29
CA LEU E 512 -24.64 -24.13 -59.57
C LEU E 512 -24.64 -23.40 -58.24
N LEU E 513 -25.84 -23.12 -57.72
CA LEU E 513 -26.01 -22.33 -56.52
C LEU E 513 -26.87 -23.10 -55.51
N LEU E 514 -26.45 -23.07 -54.25
CA LEU E 514 -27.17 -23.71 -53.16
C LEU E 514 -27.46 -22.68 -52.07
N ASP E 515 -28.65 -22.76 -51.49
CA ASP E 515 -29.06 -21.87 -50.41
C ASP E 515 -29.05 -20.41 -50.85
N CYS E 516 -29.92 -20.10 -51.81
CA CYS E 516 -30.07 -18.74 -52.30
C CYS E 516 -30.79 -17.89 -51.26
N GLY E 517 -30.10 -17.52 -50.18
CA GLY E 517 -30.70 -16.80 -49.09
C GLY E 517 -30.81 -15.31 -49.36
N GLU E 518 -31.10 -14.58 -48.28
CA GLU E 518 -31.27 -13.13 -48.38
C GLU E 518 -29.94 -12.47 -48.72
N GLY E 519 -29.97 -11.57 -49.71
CA GLY E 519 -28.81 -10.76 -50.03
C GLY E 519 -27.70 -11.49 -50.74
N THR E 520 -27.93 -12.72 -51.21
CA THR E 520 -26.87 -13.47 -51.86
C THR E 520 -26.24 -12.65 -52.98
N PHE E 521 -27.06 -11.97 -53.78
CA PHE E 521 -26.52 -11.14 -54.85
C PHE E 521 -25.53 -10.12 -54.31
N GLY E 522 -25.73 -9.65 -53.07
CA GLY E 522 -24.77 -8.74 -52.48
C GLY E 522 -23.40 -9.35 -52.35
N GLN E 523 -23.34 -10.59 -51.83
CA GLN E 523 -22.06 -11.27 -51.73
C GLN E 523 -21.48 -11.58 -53.10
N LEU E 524 -22.34 -11.95 -54.06
CA LEU E 524 -21.85 -12.18 -55.41
C LEU E 524 -21.15 -10.93 -55.95
N CYS E 525 -21.78 -9.77 -55.79
CA CYS E 525 -21.16 -8.53 -56.24
C CYS E 525 -19.87 -8.26 -55.49
N ARG E 526 -19.92 -8.31 -54.15
CA ARG E 526 -18.74 -8.01 -53.35
C ARG E 526 -17.58 -8.97 -53.64
N HIS E 527 -17.87 -10.15 -54.15
CA HIS E 527 -16.86 -11.17 -54.41
C HIS E 527 -16.35 -11.18 -55.83
N TYR E 528 -17.15 -10.74 -56.81
CA TYR E 528 -16.75 -10.82 -58.21
C TYR E 528 -16.94 -9.49 -58.93
N GLY E 529 -16.84 -8.38 -58.21
CA GLY E 529 -16.64 -7.08 -58.84
C GLY E 529 -17.39 -6.86 -60.14
N ASP E 530 -16.65 -6.62 -61.22
CA ASP E 530 -17.24 -6.40 -62.53
C ASP E 530 -17.52 -7.70 -63.28
N GLN E 531 -16.77 -8.77 -62.99
CA GLN E 531 -17.01 -10.05 -63.64
C GLN E 531 -18.35 -10.67 -63.24
N VAL E 532 -19.04 -10.06 -62.27
CA VAL E 532 -20.37 -10.54 -61.87
C VAL E 532 -21.24 -10.85 -63.06
N ASP E 533 -21.12 -10.09 -64.15
CA ASP E 533 -21.92 -10.38 -65.33
C ASP E 533 -21.62 -11.78 -65.87
N ARG E 534 -20.35 -12.08 -66.10
CA ARG E 534 -19.97 -13.41 -66.57
C ARG E 534 -20.36 -14.47 -65.56
N VAL E 535 -20.17 -14.20 -64.28
CA VAL E 535 -20.47 -15.19 -63.24
C VAL E 535 -21.95 -15.53 -63.25
N LEU E 536 -22.80 -14.50 -63.33
CA LEU E 536 -24.24 -14.72 -63.35
C LEU E 536 -24.66 -15.44 -64.62
N GLY E 537 -24.07 -15.07 -65.76
CA GLY E 537 -24.34 -15.82 -66.98
C GLY E 537 -23.92 -17.26 -66.89
N THR E 538 -22.92 -17.55 -66.05
CA THR E 538 -22.44 -18.92 -65.89
C THR E 538 -23.45 -19.80 -65.17
N LEU E 539 -24.34 -19.22 -64.37
CA LEU E 539 -25.30 -20.01 -63.62
C LEU E 539 -26.16 -20.85 -64.55
N ALA E 540 -26.30 -22.13 -64.20
CA ALA E 540 -27.17 -23.05 -64.92
C ALA E 540 -28.47 -23.31 -64.18
N ALA E 541 -28.43 -23.36 -62.85
CA ALA E 541 -29.62 -23.57 -62.05
C ALA E 541 -29.31 -23.17 -60.62
N VAL E 542 -30.36 -23.04 -59.82
CA VAL E 542 -30.24 -22.70 -58.40
C VAL E 542 -31.04 -23.72 -57.60
N PHE E 543 -30.42 -24.28 -56.57
CA PHE E 543 -31.07 -25.28 -55.73
C PHE E 543 -31.67 -24.61 -54.49
N VAL E 544 -32.77 -25.19 -54.02
CA VAL E 544 -33.47 -24.69 -52.84
C VAL E 544 -33.40 -25.75 -51.76
N SER E 545 -32.99 -25.35 -50.56
CA SER E 545 -32.91 -26.25 -49.43
C SER E 545 -34.31 -26.44 -48.85
N HIS E 546 -34.40 -27.02 -47.66
CA HIS E 546 -35.68 -27.20 -47.01
C HIS E 546 -36.47 -25.89 -47.02
N LEU E 547 -37.77 -26.01 -47.24
CA LEU E 547 -38.62 -24.83 -47.40
C LEU E 547 -38.50 -23.93 -46.18
N ALA E 548 -37.92 -22.74 -46.38
CA ALA E 548 -37.78 -21.77 -45.31
C ALA E 548 -37.35 -20.44 -45.93
N ALA E 549 -37.88 -19.36 -45.37
CA ALA E 549 -37.65 -18.03 -45.96
C ALA E 549 -36.16 -17.70 -46.01
N ASP E 550 -35.44 -17.98 -44.93
CA ASP E 550 -34.02 -17.63 -44.89
C ASP E 550 -33.26 -18.25 -46.05
N HIS E 551 -33.64 -19.47 -46.44
CA HIS E 551 -32.90 -20.21 -47.46
C HIS E 551 -33.34 -19.87 -48.88
N HIS E 552 -34.41 -19.07 -49.05
CA HIS E 552 -34.83 -18.63 -50.37
C HIS E 552 -35.26 -17.18 -50.40
N THR E 553 -34.81 -16.36 -49.44
CA THR E 553 -35.22 -14.97 -49.39
C THR E 553 -34.78 -14.20 -50.63
N GLY E 554 -33.54 -14.40 -51.06
CA GLY E 554 -32.96 -13.66 -52.14
C GLY E 554 -33.20 -14.23 -53.53
N LEU E 555 -34.03 -15.26 -53.65
CA LEU E 555 -34.25 -15.88 -54.96
C LEU E 555 -34.71 -14.86 -56.01
N PRO E 556 -35.70 -14.01 -55.75
CA PRO E 556 -36.17 -13.12 -56.84
C PRO E 556 -35.09 -12.20 -57.36
N SER E 557 -34.41 -11.47 -56.48
CA SER E 557 -33.46 -10.45 -56.92
C SER E 557 -32.48 -11.03 -57.93
N ILE E 558 -31.87 -12.17 -57.59
CA ILE E 558 -30.92 -12.82 -58.49
C ILE E 558 -31.48 -12.85 -59.91
N LEU E 559 -32.68 -13.41 -60.06
CA LEU E 559 -33.27 -13.55 -61.38
C LEU E 559 -33.27 -12.21 -62.12
N LEU E 560 -33.78 -11.16 -61.45
CA LEU E 560 -33.81 -9.85 -62.08
C LEU E 560 -32.41 -9.46 -62.57
N GLN E 561 -31.43 -9.56 -61.69
CA GLN E 561 -30.07 -9.17 -62.06
C GLN E 561 -29.61 -9.97 -63.27
N ARG E 562 -29.99 -11.25 -63.35
CA ARG E 562 -29.60 -12.07 -64.48
C ARG E 562 -30.01 -11.41 -65.79
N GLU E 563 -31.25 -10.94 -65.85
CA GLU E 563 -31.71 -10.25 -67.06
C GLU E 563 -30.75 -9.13 -67.42
N ARG E 564 -30.41 -8.29 -66.43
CA ARG E 564 -29.46 -7.22 -66.68
C ARG E 564 -28.16 -7.78 -67.23
N ALA E 565 -27.63 -8.83 -66.60
CA ALA E 565 -26.42 -9.45 -67.11
C ALA E 565 -26.64 -9.94 -68.54
N LEU E 566 -27.80 -10.55 -68.80
CA LEU E 566 -28.10 -10.98 -70.16
C LEU E 566 -28.04 -9.82 -71.13
N ALA E 567 -28.48 -8.64 -70.70
CA ALA E 567 -28.38 -7.46 -71.55
C ALA E 567 -26.91 -7.13 -71.85
N SER E 568 -26.06 -7.23 -70.83
CA SER E 568 -24.64 -6.95 -71.04
C SER E 568 -24.03 -7.91 -72.04
N LEU E 569 -24.30 -9.21 -71.87
CA LEU E 569 -23.79 -10.21 -72.81
C LEU E 569 -24.60 -10.24 -74.10
N GLY E 570 -25.87 -9.86 -74.04
CA GLY E 570 -26.72 -9.89 -75.21
C GLY E 570 -27.22 -11.26 -75.60
N LYS E 571 -27.03 -12.27 -74.74
CA LYS E 571 -27.46 -13.61 -75.05
C LYS E 571 -28.99 -13.69 -75.04
N PRO E 572 -29.56 -14.68 -75.73
CA PRO E 572 -31.02 -14.82 -75.73
C PRO E 572 -31.55 -15.21 -74.35
N LEU E 573 -32.81 -14.89 -74.12
CA LEU E 573 -33.44 -15.18 -72.84
C LEU E 573 -33.34 -16.67 -72.52
N HIS E 574 -32.96 -16.98 -71.29
CA HIS E 574 -32.82 -18.36 -70.83
C HIS E 574 -33.49 -18.51 -69.48
N PRO E 575 -34.72 -19.02 -69.42
CA PRO E 575 -35.37 -19.24 -68.12
C PRO E 575 -34.52 -20.09 -67.20
N LEU E 576 -34.04 -19.50 -66.11
CA LEU E 576 -33.15 -20.21 -65.20
C LEU E 576 -33.90 -21.33 -64.48
N LEU E 577 -33.22 -22.46 -64.32
CA LEU E 577 -33.82 -23.62 -63.65
C LEU E 577 -33.69 -23.49 -62.14
N VAL E 578 -34.70 -24.01 -61.44
CA VAL E 578 -34.67 -24.07 -59.98
C VAL E 578 -35.44 -25.32 -59.54
N VAL E 579 -35.00 -25.91 -58.44
CA VAL E 579 -35.61 -27.11 -57.88
C VAL E 579 -36.15 -26.77 -56.50
N ALA E 580 -37.43 -27.06 -56.26
CA ALA E 580 -38.04 -26.74 -54.98
C ALA E 580 -39.44 -27.32 -54.87
N PRO E 581 -40.03 -27.33 -53.67
CA PRO E 581 -41.41 -27.81 -53.52
C PRO E 581 -42.41 -26.87 -54.17
N ASN E 582 -43.64 -27.37 -54.31
CA ASN E 582 -44.69 -26.62 -54.99
C ASN E 582 -45.08 -25.35 -54.25
N GLN E 583 -44.79 -25.26 -52.94
CA GLN E 583 -45.11 -24.05 -52.20
C GLN E 583 -44.35 -22.85 -52.76
N LEU E 584 -43.07 -23.04 -53.09
CA LEU E 584 -42.31 -21.97 -53.74
C LEU E 584 -42.99 -21.54 -55.01
N LYS E 585 -43.41 -22.51 -55.84
CA LYS E 585 -44.09 -22.18 -57.07
C LYS E 585 -45.35 -21.37 -56.80
N ALA E 586 -46.14 -21.78 -55.80
CA ALA E 586 -47.41 -21.12 -55.54
C ALA E 586 -47.20 -19.67 -55.14
N TRP E 587 -46.32 -19.41 -54.16
CA TRP E 587 -46.20 -18.04 -53.69
C TRP E 587 -45.43 -17.18 -54.70
N LEU E 588 -44.51 -17.77 -55.46
CA LEU E 588 -43.88 -17.02 -56.54
C LEU E 588 -44.89 -16.64 -57.61
N GLN E 589 -45.83 -17.54 -57.92
CA GLN E 589 -46.89 -17.22 -58.87
C GLN E 589 -47.77 -16.11 -58.33
N GLN E 590 -48.08 -16.14 -57.04
CA GLN E 590 -48.87 -15.06 -56.45
C GLN E 590 -48.15 -13.73 -56.59
N TYR E 591 -46.85 -13.70 -56.29
CA TYR E 591 -46.09 -12.47 -56.46
C TYR E 591 -46.06 -12.03 -57.91
N HIS E 592 -45.92 -12.99 -58.84
CA HIS E 592 -45.89 -12.68 -60.26
C HIS E 592 -47.18 -12.00 -60.70
N ASN E 593 -48.32 -12.58 -60.33
CA ASN E 593 -49.62 -12.11 -60.80
C ASN E 593 -50.18 -10.97 -59.94
N GLN E 594 -49.51 -10.60 -58.85
CA GLN E 594 -49.98 -9.52 -57.99
C GLN E 594 -49.06 -8.31 -57.99
N CYS E 595 -47.77 -8.50 -57.73
CA CYS E 595 -46.86 -7.39 -57.48
C CYS E 595 -45.86 -7.16 -58.62
N GLN E 596 -45.09 -8.17 -58.99
CA GLN E 596 -44.07 -8.01 -60.02
C GLN E 596 -43.91 -9.33 -60.76
N GLU E 597 -44.02 -9.27 -62.08
CA GLU E 597 -44.02 -10.47 -62.92
C GLU E 597 -42.59 -10.98 -63.08
N VAL E 598 -42.30 -12.13 -62.49
CA VAL E 598 -40.96 -12.71 -62.56
C VAL E 598 -40.93 -14.16 -63.02
N LEU E 599 -42.02 -14.93 -62.88
CA LEU E 599 -41.93 -16.36 -63.14
C LEU E 599 -41.63 -16.67 -64.59
N HIS E 600 -41.93 -15.76 -65.52
CA HIS E 600 -41.62 -15.99 -66.92
C HIS E 600 -40.12 -16.10 -67.15
N HIS E 601 -39.31 -15.65 -66.20
CA HIS E 601 -37.85 -15.78 -66.27
C HIS E 601 -37.33 -17.04 -65.58
N ILE E 602 -38.22 -17.88 -65.04
CA ILE E 602 -37.81 -19.03 -64.23
C ILE E 602 -38.51 -20.28 -64.72
N SER E 603 -37.92 -21.42 -64.39
CA SER E 603 -38.50 -22.74 -64.60
C SER E 603 -38.33 -23.54 -63.32
N MET E 604 -39.36 -24.28 -62.95
CA MET E 604 -39.43 -24.94 -61.66
C MET E 604 -39.44 -26.46 -61.82
N ILE E 605 -38.83 -27.14 -60.85
CA ILE E 605 -38.78 -28.60 -60.86
C ILE E 605 -39.05 -29.09 -59.44
N PRO E 606 -40.04 -29.97 -59.23
CA PRO E 606 -40.24 -30.52 -57.89
C PRO E 606 -39.02 -31.29 -57.42
N ALA E 607 -38.72 -31.17 -56.13
CA ALA E 607 -37.62 -31.93 -55.55
C ALA E 607 -37.95 -33.41 -55.48
N LYS E 608 -39.22 -33.75 -55.27
CA LYS E 608 -39.61 -35.15 -55.18
C LYS E 608 -39.26 -35.90 -56.46
N CYS E 609 -39.48 -35.27 -57.62
CA CYS E 609 -39.16 -35.92 -58.88
C CYS E 609 -37.68 -36.23 -58.99
N LEU E 610 -36.82 -35.55 -58.23
CA LEU E 610 -35.39 -35.81 -58.22
C LEU E 610 -34.96 -36.77 -57.12
N GLN E 611 -35.90 -37.30 -56.34
CA GLN E 611 -35.55 -38.21 -55.26
C GLN E 611 -35.07 -39.54 -55.83
N GLU E 612 -34.29 -40.24 -55.01
CA GLU E 612 -33.84 -41.58 -55.37
C GLU E 612 -35.05 -42.47 -55.61
N GLY E 613 -35.05 -43.17 -56.75
CA GLY E 613 -36.18 -44.00 -57.10
C GLY E 613 -37.45 -43.21 -57.35
N ALA E 614 -37.34 -41.92 -57.68
CA ALA E 614 -38.52 -41.11 -57.93
C ALA E 614 -39.16 -41.49 -59.26
N GLU E 615 -40.40 -41.06 -59.43
CA GLU E 615 -41.19 -41.36 -60.62
C GLU E 615 -41.45 -40.07 -61.38
N ILE E 616 -41.21 -40.09 -62.68
CA ILE E 616 -41.42 -38.89 -63.50
C ILE E 616 -42.88 -38.51 -63.47
N SER E 617 -43.14 -37.22 -63.19
CA SER E 617 -44.51 -36.74 -63.13
C SER E 617 -45.05 -36.44 -64.53
N SER E 618 -44.28 -35.72 -65.34
CA SER E 618 -44.68 -35.35 -66.69
C SER E 618 -43.48 -35.45 -67.61
N PRO E 619 -43.72 -35.67 -68.91
CA PRO E 619 -42.58 -35.66 -69.85
C PRO E 619 -41.85 -34.33 -69.86
N ALA E 620 -42.56 -33.21 -69.64
CA ALA E 620 -41.88 -31.92 -69.57
C ALA E 620 -40.90 -31.88 -68.41
N VAL E 621 -41.28 -32.46 -67.27
CA VAL E 621 -40.37 -32.53 -66.13
C VAL E 621 -39.13 -33.35 -66.49
N GLU E 622 -39.34 -34.47 -67.19
CA GLU E 622 -38.21 -35.30 -67.61
C GLU E 622 -37.27 -34.52 -68.51
N ARG E 623 -37.84 -33.79 -69.49
CA ARG E 623 -37.00 -33.00 -70.38
C ARG E 623 -36.24 -31.93 -69.62
N LEU E 624 -36.91 -31.26 -68.67
CA LEU E 624 -36.25 -30.21 -67.90
C LEU E 624 -35.10 -30.77 -67.07
N ILE E 625 -35.32 -31.91 -66.42
CA ILE E 625 -34.25 -32.47 -65.58
C ILE E 625 -33.10 -32.98 -66.44
N SER E 626 -33.41 -33.56 -67.61
CA SER E 626 -32.34 -33.99 -68.51
C SER E 626 -31.53 -32.80 -68.98
N SER E 627 -32.19 -31.70 -69.33
CA SER E 627 -31.48 -30.49 -69.71
C SER E 627 -30.63 -29.97 -68.57
N LEU E 628 -31.16 -30.01 -67.34
CA LEU E 628 -30.38 -29.61 -66.18
C LEU E 628 -29.11 -30.43 -66.06
N LEU E 629 -29.24 -31.77 -66.16
CA LEU E 629 -28.08 -32.63 -66.06
C LEU E 629 -27.07 -32.32 -67.16
N ARG E 630 -27.57 -32.12 -68.39
CA ARG E 630 -26.67 -31.85 -69.51
C ARG E 630 -25.93 -30.54 -69.34
N THR E 631 -26.60 -29.52 -68.82
CA THR E 631 -26.02 -28.17 -68.81
C THR E 631 -24.73 -28.12 -68.01
N CYS E 632 -24.72 -28.74 -66.83
CA CYS E 632 -23.57 -28.68 -65.93
C CYS E 632 -22.64 -29.89 -66.07
N ASP E 633 -22.86 -30.74 -67.08
CA ASP E 633 -22.07 -31.93 -67.32
C ASP E 633 -22.16 -32.94 -66.18
N LEU E 634 -23.14 -32.77 -65.29
CA LEU E 634 -23.29 -33.68 -64.16
C LEU E 634 -23.84 -35.02 -64.62
N GLU E 635 -23.54 -36.07 -63.86
CA GLU E 635 -24.06 -37.40 -64.11
C GLU E 635 -25.28 -37.72 -63.27
N GLU E 636 -25.23 -37.46 -61.96
CA GLU E 636 -26.34 -37.78 -61.07
C GLU E 636 -26.57 -36.64 -60.10
N PHE E 637 -27.84 -36.25 -59.94
CA PHE E 637 -28.26 -35.28 -58.93
C PHE E 637 -29.32 -35.97 -58.07
N GLN E 638 -28.98 -36.21 -56.81
CA GLN E 638 -29.82 -36.98 -55.91
C GLN E 638 -30.42 -36.07 -54.83
N THR E 639 -31.67 -36.32 -54.48
CA THR E 639 -32.34 -35.61 -53.41
C THR E 639 -32.92 -36.63 -52.44
N CYS E 640 -32.77 -36.36 -51.14
CA CYS E 640 -33.21 -37.29 -50.12
C CYS E 640 -33.90 -36.54 -48.99
N LEU E 641 -34.85 -37.20 -48.35
CA LEU E 641 -35.58 -36.61 -47.25
C LEU E 641 -34.69 -36.49 -46.02
N VAL E 642 -34.96 -35.47 -45.21
CA VAL E 642 -34.23 -35.22 -43.97
C VAL E 642 -35.25 -34.96 -42.86
N ARG E 643 -34.99 -35.53 -41.69
CA ARG E 643 -35.94 -35.49 -40.58
C ARG E 643 -35.61 -34.31 -39.65
N HIS E 644 -35.96 -33.11 -40.10
CA HIS E 644 -35.91 -31.94 -39.23
C HIS E 644 -37.19 -31.13 -39.36
N CYS E 645 -37.84 -31.20 -40.51
CA CYS E 645 -39.12 -30.53 -40.72
C CYS E 645 -39.72 -31.07 -42.01
N LYS E 646 -41.00 -30.78 -42.20
CA LYS E 646 -41.71 -31.24 -43.39
C LYS E 646 -41.17 -30.55 -44.64
N HIS E 647 -41.17 -31.28 -45.75
CA HIS E 647 -40.73 -30.76 -47.04
C HIS E 647 -39.30 -30.23 -46.95
N ALA E 648 -38.38 -31.14 -46.63
CA ALA E 648 -36.97 -30.82 -46.51
C ALA E 648 -36.16 -31.81 -47.35
N PHE E 649 -35.14 -31.31 -48.03
CA PHE E 649 -34.35 -32.12 -48.95
C PHE E 649 -32.87 -31.86 -48.75
N GLY E 650 -32.08 -32.93 -48.83
CA GLY E 650 -30.63 -32.84 -48.90
C GLY E 650 -30.17 -33.33 -50.26
N CYS E 651 -29.17 -32.67 -50.83
CA CYS E 651 -28.79 -32.89 -52.22
C CYS E 651 -27.40 -33.51 -52.31
N ALA E 652 -27.18 -34.21 -53.42
CA ALA E 652 -25.92 -34.87 -53.71
C ALA E 652 -25.62 -34.72 -55.19
N LEU E 653 -24.37 -34.39 -55.51
CA LEU E 653 -23.91 -34.17 -56.87
C LEU E 653 -22.81 -35.17 -57.18
N VAL E 654 -22.99 -35.91 -58.29
CA VAL E 654 -21.98 -36.85 -58.77
C VAL E 654 -21.71 -36.52 -60.23
N HIS E 655 -20.45 -36.24 -60.56
CA HIS E 655 -20.04 -35.80 -61.87
C HIS E 655 -19.43 -36.95 -62.67
N THR E 656 -19.16 -36.67 -63.95
CA THR E 656 -18.49 -37.67 -64.79
C THR E 656 -17.14 -38.04 -64.23
N SER E 657 -16.38 -37.05 -63.73
CA SER E 657 -15.08 -37.33 -63.14
C SER E 657 -15.18 -38.21 -61.91
N GLY E 658 -16.38 -38.34 -61.33
CA GLY E 658 -16.62 -39.24 -60.23
C GLY E 658 -16.66 -38.60 -58.87
N TRP E 659 -16.24 -37.35 -58.73
CA TRP E 659 -16.25 -36.70 -57.43
C TRP E 659 -17.68 -36.51 -56.96
N LYS E 660 -17.95 -36.90 -55.72
CA LYS E 660 -19.29 -36.83 -55.13
C LYS E 660 -19.28 -35.82 -53.99
N VAL E 661 -20.14 -34.81 -54.09
CA VAL E 661 -20.24 -33.76 -53.07
C VAL E 661 -21.68 -33.73 -52.56
N VAL E 662 -21.83 -33.80 -51.24
CA VAL E 662 -23.14 -33.92 -50.62
C VAL E 662 -23.36 -32.73 -49.68
N TYR E 663 -24.49 -32.05 -49.88
CA TYR E 663 -24.93 -30.96 -49.01
C TYR E 663 -26.21 -31.40 -48.30
N SER E 664 -26.31 -31.06 -47.02
CA SER E 664 -27.41 -31.50 -46.18
C SER E 664 -28.29 -30.36 -45.70
N GLY E 665 -27.69 -29.30 -45.16
CA GLY E 665 -28.50 -28.25 -44.56
C GLY E 665 -29.10 -28.73 -43.24
N ASP E 666 -30.24 -28.15 -42.90
CA ASP E 666 -30.93 -28.52 -41.67
C ASP E 666 -31.33 -29.99 -41.71
N THR E 667 -30.80 -30.78 -40.78
CA THR E 667 -31.13 -32.20 -40.70
C THR E 667 -30.48 -32.76 -39.45
N MET E 668 -30.71 -34.06 -39.23
CA MET E 668 -30.09 -34.83 -38.17
C MET E 668 -29.53 -36.12 -38.75
N PRO E 669 -28.60 -36.78 -38.05
CA PRO E 669 -28.02 -38.01 -38.58
C PRO E 669 -29.07 -38.98 -39.12
N CYS E 670 -28.99 -39.28 -40.41
CA CYS E 670 -29.95 -40.16 -41.08
C CYS E 670 -29.19 -41.21 -41.87
N GLU E 671 -29.63 -42.46 -41.74
CA GLU E 671 -28.97 -43.55 -42.46
C GLU E 671 -29.13 -43.40 -43.97
N ALA E 672 -30.30 -42.95 -44.42
CA ALA E 672 -30.51 -42.75 -45.84
C ALA E 672 -29.51 -41.77 -46.42
N LEU E 673 -29.13 -40.75 -45.64
CA LEU E 673 -28.10 -39.81 -46.09
C LEU E 673 -26.78 -40.53 -46.32
N VAL E 674 -26.41 -41.42 -45.40
CA VAL E 674 -25.16 -42.17 -45.56
C VAL E 674 -25.24 -43.04 -46.80
N ARG E 675 -26.37 -43.72 -47.01
CA ARG E 675 -26.51 -44.57 -48.18
C ARG E 675 -26.39 -43.76 -49.46
N MET E 676 -27.02 -42.58 -49.50
CA MET E 676 -26.95 -41.75 -50.71
C MET E 676 -25.53 -41.24 -50.94
N GLY E 677 -24.84 -40.82 -49.88
CA GLY E 677 -23.54 -40.23 -50.02
C GLY E 677 -22.41 -41.13 -49.56
N LYS E 678 -22.57 -42.44 -49.74
CA LYS E 678 -21.53 -43.37 -49.34
C LYS E 678 -20.23 -43.06 -50.07
N ASP E 679 -19.15 -42.94 -49.31
CA ASP E 679 -17.82 -42.67 -49.87
C ASP E 679 -17.84 -41.41 -50.72
N ALA E 680 -18.59 -40.41 -50.28
CA ALA E 680 -18.68 -39.15 -51.01
C ALA E 680 -17.35 -38.39 -50.96
N THR E 681 -17.05 -37.67 -52.04
CA THR E 681 -15.79 -36.93 -52.10
C THR E 681 -15.73 -35.87 -51.03
N LEU E 682 -16.83 -35.14 -50.81
CA LEU E 682 -16.87 -34.10 -49.80
C LEU E 682 -18.28 -33.96 -49.26
N LEU E 683 -18.38 -33.51 -48.02
CA LEU E 683 -19.66 -33.29 -47.36
C LEU E 683 -19.65 -31.91 -46.71
N ILE E 684 -20.70 -31.14 -46.97
CA ILE E 684 -20.91 -29.87 -46.28
C ILE E 684 -22.18 -30.02 -45.45
N HIS E 685 -22.05 -29.84 -44.14
CA HIS E 685 -23.11 -30.15 -43.20
C HIS E 685 -23.33 -28.98 -42.24
N GLU E 686 -24.57 -28.85 -41.79
CA GLU E 686 -24.92 -27.80 -40.85
C GLU E 686 -24.26 -28.04 -39.50
N ALA E 687 -23.96 -26.96 -38.80
CA ALA E 687 -23.40 -27.03 -37.45
C ALA E 687 -23.90 -25.81 -36.69
N THR E 688 -24.99 -25.99 -35.94
CA THR E 688 -25.64 -24.87 -35.26
C THR E 688 -25.12 -24.67 -33.84
N LEU E 689 -25.26 -25.68 -33.00
CA LEU E 689 -24.96 -25.57 -31.58
C LEU E 689 -23.82 -26.51 -31.21
N GLU E 690 -23.36 -26.39 -29.97
CA GLU E 690 -22.24 -27.16 -29.46
C GLU E 690 -22.73 -28.38 -28.71
N ASP E 691 -21.80 -29.30 -28.46
CA ASP E 691 -22.14 -30.54 -27.77
C ASP E 691 -22.55 -30.26 -26.33
N GLY E 692 -23.24 -31.23 -25.74
CA GLY E 692 -23.79 -31.08 -24.41
C GLY E 692 -25.14 -30.41 -24.37
N LEU E 693 -25.68 -29.99 -25.51
CA LEU E 693 -26.99 -29.35 -25.57
C LEU E 693 -27.90 -30.18 -26.48
N GLU E 694 -27.90 -31.50 -26.29
CA GLU E 694 -28.64 -32.38 -27.19
C GLU E 694 -30.15 -32.12 -27.12
N GLU E 695 -30.68 -31.77 -25.96
CA GLU E 695 -32.12 -31.61 -25.83
C GLU E 695 -32.63 -30.46 -26.69
N GLU E 696 -31.95 -29.31 -26.62
CA GLU E 696 -32.37 -28.17 -27.44
C GLU E 696 -32.03 -28.39 -28.90
N ALA E 697 -30.98 -29.18 -29.18
CA ALA E 697 -30.69 -29.56 -30.56
C ALA E 697 -31.85 -30.36 -31.15
N VAL E 698 -32.38 -31.31 -30.39
CA VAL E 698 -33.55 -32.07 -30.85
C VAL E 698 -34.75 -31.15 -30.99
N GLU E 699 -34.96 -30.26 -30.01
CA GLU E 699 -36.11 -29.38 -30.06
C GLU E 699 -36.07 -28.49 -31.31
N LYS E 700 -34.91 -27.94 -31.62
CA LYS E 700 -34.74 -27.10 -32.80
C LYS E 700 -34.46 -27.88 -34.07
N THR E 701 -34.30 -29.21 -33.97
CA THR E 701 -34.07 -30.06 -35.13
C THR E 701 -32.81 -29.64 -35.88
N HIS E 702 -31.74 -29.38 -35.12
CA HIS E 702 -30.45 -29.04 -35.69
C HIS E 702 -29.36 -29.82 -34.95
N SER E 703 -28.42 -30.37 -35.71
CA SER E 703 -27.35 -31.18 -35.13
C SER E 703 -26.24 -30.27 -34.56
N THR E 704 -25.32 -30.91 -33.86
CA THR E 704 -24.16 -30.24 -33.28
C THR E 704 -22.88 -30.81 -33.89
N THR E 705 -21.75 -30.35 -33.36
CA THR E 705 -20.45 -30.79 -33.90
C THR E 705 -20.28 -32.30 -33.76
N SER E 706 -20.50 -32.82 -32.55
CA SER E 706 -20.31 -34.26 -32.33
C SER E 706 -21.11 -35.08 -33.33
N GLN E 707 -22.38 -34.69 -33.57
CA GLN E 707 -23.16 -35.36 -34.58
C GLN E 707 -22.55 -35.18 -35.96
N ALA E 708 -21.93 -34.04 -36.22
CA ALA E 708 -21.29 -33.82 -37.52
C ALA E 708 -20.16 -34.80 -37.74
N ILE E 709 -19.29 -34.98 -36.73
CA ILE E 709 -18.22 -35.96 -36.85
C ILE E 709 -18.78 -37.37 -36.96
N SER E 710 -19.85 -37.66 -36.20
CA SER E 710 -20.44 -38.99 -36.24
C SER E 710 -20.95 -39.31 -37.65
N VAL E 711 -21.65 -38.37 -38.27
CA VAL E 711 -22.13 -38.60 -39.63
C VAL E 711 -20.95 -38.68 -40.60
N GLY E 712 -19.97 -37.78 -40.45
CA GLY E 712 -18.85 -37.78 -41.38
C GLY E 712 -18.12 -39.11 -41.39
N MET E 713 -17.83 -39.66 -40.21
CA MET E 713 -17.25 -41.00 -40.17
C MET E 713 -18.23 -42.04 -40.66
N ARG E 714 -19.54 -41.84 -40.41
CA ARG E 714 -20.55 -42.70 -41.01
C ARG E 714 -20.59 -42.53 -42.53
N MET E 715 -20.49 -41.28 -43.00
CA MET E 715 -20.52 -41.03 -44.44
C MET E 715 -19.38 -41.75 -45.15
N ASN E 716 -18.25 -41.94 -44.47
CA ASN E 716 -17.03 -42.46 -45.09
C ASN E 716 -16.51 -41.52 -46.17
N ALA E 717 -16.93 -40.27 -46.15
CA ALA E 717 -16.52 -39.31 -47.15
C ALA E 717 -15.07 -38.88 -46.91
N GLU E 718 -14.42 -38.44 -48.00
CA GLU E 718 -13.02 -38.04 -47.90
C GLU E 718 -12.85 -36.82 -47.00
N PHE E 719 -13.71 -35.82 -47.16
CA PHE E 719 -13.61 -34.59 -46.39
C PHE E 719 -15.00 -34.16 -45.95
N ILE E 720 -15.06 -33.45 -44.82
CA ILE E 720 -16.29 -32.94 -44.25
C ILE E 720 -16.12 -31.46 -43.96
N MET E 721 -17.15 -30.67 -44.30
CA MET E 721 -17.14 -29.23 -44.11
C MET E 721 -18.31 -28.83 -43.22
N LEU E 722 -18.06 -27.89 -42.31
CA LEU E 722 -19.08 -27.39 -41.41
C LEU E 722 -19.69 -26.11 -41.98
N ASN E 723 -20.97 -25.89 -41.71
CA ASN E 723 -21.69 -24.75 -42.24
C ASN E 723 -22.90 -24.47 -41.36
N HIS E 724 -23.56 -23.38 -41.71
CA HIS E 724 -24.80 -23.14 -40.97
C HIS E 724 -24.47 -22.97 -39.51
N PHE E 725 -23.81 -21.88 -39.21
CA PHE E 725 -23.48 -21.59 -37.83
C PHE E 725 -24.38 -20.50 -37.28
N SER E 726 -24.31 -20.32 -35.96
CA SER E 726 -25.12 -19.35 -35.22
C SER E 726 -24.23 -18.26 -34.64
N GLN E 727 -24.87 -17.19 -34.18
CA GLN E 727 -24.14 -16.07 -33.62
C GLN E 727 -23.38 -16.46 -32.36
N ARG E 728 -23.88 -17.46 -31.62
CA ARG E 728 -23.19 -17.90 -30.42
C ARG E 728 -21.72 -18.22 -30.71
N TYR E 729 -21.46 -18.83 -31.87
CA TYR E 729 -20.10 -18.89 -32.42
C TYR E 729 -19.90 -17.59 -33.21
N ALA E 730 -19.61 -16.53 -32.47
CA ALA E 730 -19.54 -15.20 -33.08
C ALA E 730 -18.49 -15.17 -34.18
N LYS E 731 -17.30 -15.69 -33.90
CA LYS E 731 -16.19 -15.61 -34.85
C LYS E 731 -15.40 -16.91 -35.01
N VAL E 732 -15.44 -17.83 -34.05
CA VAL E 732 -14.53 -18.98 -34.07
C VAL E 732 -15.33 -20.28 -33.99
N PRO E 733 -14.96 -21.30 -34.75
CA PRO E 733 -15.55 -22.63 -34.56
C PRO E 733 -14.71 -23.47 -33.60
N LEU E 734 -15.39 -24.45 -33.00
CA LEU E 734 -14.72 -25.31 -32.02
C LEU E 734 -13.57 -26.07 -32.67
N PHE E 735 -12.45 -26.13 -31.95
CA PHE E 735 -11.28 -26.90 -32.38
C PHE E 735 -10.90 -27.86 -31.27
N SER E 736 -10.47 -29.05 -31.66
CA SER E 736 -10.02 -30.05 -30.69
C SER E 736 -9.23 -31.11 -31.44
N PRO E 737 -8.15 -31.65 -30.86
CA PRO E 737 -7.42 -32.73 -31.56
C PRO E 737 -8.28 -33.95 -31.82
N ASN E 738 -9.31 -34.18 -31.01
CA ASN E 738 -10.19 -35.30 -31.25
C ASN E 738 -10.85 -35.21 -32.62
N PHE E 739 -11.02 -34.00 -33.15
CA PHE E 739 -11.53 -33.84 -34.50
C PHE E 739 -10.54 -34.43 -35.50
N SER E 740 -11.07 -35.12 -36.50
CA SER E 740 -10.24 -35.68 -37.54
C SER E 740 -9.69 -34.58 -38.43
N GLU E 741 -8.66 -34.92 -39.21
CA GLU E 741 -8.09 -33.97 -40.15
C GLU E 741 -9.09 -33.53 -41.20
N LYS E 742 -10.17 -34.29 -41.39
CA LYS E 742 -11.17 -33.99 -42.41
C LYS E 742 -12.04 -32.79 -42.05
N VAL E 743 -11.95 -32.30 -40.82
CA VAL E 743 -12.83 -31.20 -40.40
C VAL E 743 -12.59 -29.98 -41.28
N GLY E 744 -13.66 -29.26 -41.58
CA GLY E 744 -13.59 -28.04 -42.36
C GLY E 744 -14.56 -26.99 -41.86
N VAL E 745 -14.05 -25.80 -41.59
CA VAL E 745 -14.85 -24.70 -41.04
C VAL E 745 -14.94 -23.61 -42.09
N ALA E 746 -16.16 -23.16 -42.37
CA ALA E 746 -16.42 -22.20 -43.43
C ALA E 746 -16.41 -20.77 -42.89
N PHE E 747 -16.15 -19.83 -43.79
CA PHE E 747 -16.22 -18.41 -43.49
C PHE E 747 -16.68 -17.69 -44.75
N ASP E 748 -17.04 -16.41 -44.59
CA ASP E 748 -17.59 -15.65 -45.70
C ASP E 748 -16.60 -15.60 -46.86
N HIS E 749 -17.10 -15.88 -48.06
CA HIS E 749 -16.29 -15.85 -49.28
C HIS E 749 -15.07 -16.75 -49.16
N MET E 750 -15.29 -17.98 -48.68
CA MET E 750 -14.22 -18.96 -48.55
C MET E 750 -14.14 -19.80 -49.81
N LYS E 751 -12.96 -19.84 -50.43
CA LYS E 751 -12.74 -20.55 -51.68
C LYS E 751 -12.01 -21.85 -51.39
N VAL E 752 -12.49 -22.95 -51.97
CA VAL E 752 -11.90 -24.26 -51.75
C VAL E 752 -11.98 -25.07 -53.03
N CYS E 753 -11.03 -26.01 -53.17
CA CYS E 753 -11.01 -26.95 -54.27
C CYS E 753 -10.60 -28.31 -53.72
N PHE E 754 -10.62 -29.33 -54.59
CA PHE E 754 -10.24 -30.66 -54.14
C PHE E 754 -8.81 -30.69 -53.64
N GLY E 755 -7.90 -30.02 -54.35
CA GLY E 755 -6.50 -30.01 -53.94
C GLY E 755 -6.29 -29.41 -52.57
N ASP E 756 -7.23 -28.63 -52.07
CA ASP E 756 -7.12 -28.03 -50.74
C ASP E 756 -7.51 -29.00 -49.63
N PHE E 757 -8.06 -30.17 -49.96
CA PHE E 757 -8.50 -31.09 -48.91
C PHE E 757 -7.36 -31.46 -47.97
N PRO E 758 -6.15 -31.79 -48.44
CA PRO E 758 -5.04 -32.09 -47.53
C PRO E 758 -4.45 -30.86 -46.84
N THR E 759 -5.02 -29.67 -47.05
CA THR E 759 -4.47 -28.44 -46.50
C THR E 759 -5.35 -27.78 -45.46
N MET E 760 -6.66 -28.09 -45.43
CA MET E 760 -7.54 -27.43 -44.47
C MET E 760 -7.11 -27.64 -43.03
N PRO E 761 -6.83 -28.87 -42.57
CA PRO E 761 -6.41 -29.03 -41.17
C PRO E 761 -5.15 -28.26 -40.83
N LYS E 762 -4.22 -28.14 -41.78
CA LYS E 762 -2.99 -27.39 -41.52
C LYS E 762 -3.28 -25.94 -41.15
N LEU E 763 -4.44 -25.42 -41.54
CA LEU E 763 -4.81 -24.04 -41.24
C LEU E 763 -5.45 -23.87 -39.87
N ILE E 764 -5.60 -24.96 -39.10
CA ILE E 764 -6.29 -24.85 -37.82
C ILE E 764 -5.59 -23.88 -36.88
N PRO E 765 -4.27 -23.94 -36.68
CA PRO E 765 -3.62 -23.04 -35.72
C PRO E 765 -3.85 -21.58 -36.07
N PRO E 766 -3.46 -21.13 -37.27
CA PRO E 766 -3.56 -19.68 -37.54
C PRO E 766 -4.94 -19.13 -37.32
N LEU E 767 -5.98 -19.90 -37.67
CA LEU E 767 -7.34 -19.47 -37.37
C LEU E 767 -7.48 -19.08 -35.90
N LYS E 768 -7.23 -20.03 -35.00
CA LYS E 768 -7.32 -19.73 -33.58
C LYS E 768 -6.32 -18.66 -33.18
N ALA E 769 -5.23 -18.50 -33.93
CA ALA E 769 -4.29 -17.43 -33.63
C ALA E 769 -4.93 -16.06 -33.82
N LEU E 770 -5.75 -15.92 -34.87
CA LEU E 770 -6.38 -14.63 -35.13
C LEU E 770 -7.53 -14.34 -34.16
N PHE E 771 -8.09 -15.37 -33.54
CA PHE E 771 -9.29 -15.23 -32.71
C PHE E 771 -8.96 -15.21 -31.22
N ALA E 772 -7.85 -14.57 -30.85
CA ALA E 772 -7.44 -14.55 -29.44
C ALA E 772 -8.50 -13.91 -28.57
N GLY E 773 -8.96 -12.70 -28.94
CA GLY E 773 -10.04 -12.08 -28.19
C GLY E 773 -11.32 -12.89 -28.26
N ASP E 774 -11.63 -13.43 -29.45
CA ASP E 774 -12.79 -14.30 -29.57
C ASP E 774 -12.57 -15.61 -28.84
N ILE E 775 -11.32 -16.06 -28.73
CA ILE E 775 -11.02 -17.23 -27.90
C ILE E 775 -11.36 -16.93 -26.44
N GLU E 776 -10.99 -15.73 -25.96
CA GLU E 776 -11.35 -15.33 -24.61
C GLU E 776 -12.86 -15.26 -24.45
N GLU E 777 -13.56 -14.76 -25.48
CA GLU E 777 -15.02 -14.72 -25.44
C GLU E 777 -15.59 -16.13 -25.31
N MET E 778 -15.04 -17.08 -26.06
CA MET E 778 -15.47 -18.47 -25.96
C MET E 778 -15.19 -19.03 -24.57
N GLU E 779 -14.04 -18.67 -24.00
CA GLU E 779 -13.71 -19.13 -22.64
C GLU E 779 -14.74 -18.61 -21.63
N GLU E 780 -15.08 -17.33 -21.72
CA GLU E 780 -16.08 -16.76 -20.82
C GLU E 780 -17.43 -17.42 -21.03
N ARG E 781 -17.80 -17.67 -22.30
CA ARG E 781 -19.07 -18.32 -22.59
C ARG E 781 -19.09 -19.73 -22.01
N ARG E 782 -18.00 -20.46 -22.12
CA ARG E 782 -17.92 -21.80 -21.55
C ARG E 782 -18.01 -21.75 -20.04
N GLU E 783 -17.38 -20.77 -19.41
CA GLU E 783 -17.51 -20.62 -17.96
C GLU E 783 -18.97 -20.36 -17.57
N LYS E 784 -19.65 -19.50 -18.33
CA LYS E 784 -21.06 -19.23 -18.04
C LYS E 784 -21.90 -20.49 -18.23
N ARG E 785 -21.65 -21.25 -19.29
CA ARG E 785 -22.40 -22.48 -19.51
C ARG E 785 -22.16 -23.48 -18.39
N GLU E 786 -20.92 -23.60 -17.93
CA GLU E 786 -20.62 -24.49 -16.83
C GLU E 786 -21.33 -24.05 -15.55
N LEU E 787 -21.33 -22.75 -15.27
CA LEU E 787 -22.02 -22.24 -14.09
C LEU E 787 -23.51 -22.56 -14.17
N ARG E 788 -24.11 -22.31 -15.33
CA ARG E 788 -25.54 -22.58 -15.50
C ARG E 788 -25.85 -24.07 -15.34
N GLN E 789 -25.01 -24.92 -15.93
CA GLN E 789 -25.26 -26.36 -15.87
C GLN E 789 -25.11 -26.88 -14.44
N VAL E 790 -24.10 -26.41 -13.70
CA VAL E 790 -23.94 -26.88 -12.33
C VAL E 790 -25.08 -26.36 -11.46
N ARG E 791 -25.52 -25.11 -11.69
CA ARG E 791 -26.65 -24.59 -10.92
C ARG E 791 -27.91 -25.39 -11.20
N ALA E 792 -28.14 -25.75 -12.46
CA ALA E 792 -29.31 -26.57 -12.79
C ALA E 792 -29.21 -27.96 -12.16
N ALA E 793 -28.02 -28.56 -12.21
CA ALA E 793 -27.84 -29.89 -11.64
C ALA E 793 -28.08 -29.89 -10.13
N LEU E 794 -27.55 -28.89 -9.43
CA LEU E 794 -27.73 -28.80 -7.99
C LEU E 794 -29.10 -28.23 -7.65
N ALA F 76 -20.43 42.66 -20.29
CA ALA F 76 -21.11 41.81 -21.26
C ALA F 76 -21.12 40.36 -20.78
N THR F 77 -19.96 39.88 -20.34
CA THR F 77 -19.85 38.48 -19.97
C THR F 77 -20.61 38.20 -18.67
N ARG F 78 -20.19 38.85 -17.59
CA ARG F 78 -20.95 38.77 -16.35
C ARG F 78 -22.36 39.30 -16.55
N GLU F 79 -22.58 40.13 -17.58
CA GLU F 79 -23.93 40.59 -17.87
C GLU F 79 -24.83 39.43 -18.29
N PHE F 80 -24.38 38.60 -19.25
CA PHE F 80 -25.28 37.51 -19.63
C PHE F 80 -25.33 36.46 -18.54
N ILE F 81 -24.26 36.32 -17.75
CA ILE F 81 -24.34 35.43 -16.60
C ILE F 81 -25.45 35.89 -15.66
N GLU F 82 -25.54 37.20 -15.41
CA GLU F 82 -26.64 37.72 -14.62
C GLU F 82 -27.97 37.56 -15.35
N MET F 83 -27.97 37.52 -16.68
CA MET F 83 -29.20 37.28 -17.42
C MET F 83 -29.74 35.89 -17.10
N TRP F 84 -28.91 34.87 -17.24
CA TRP F 84 -29.35 33.53 -16.83
C TRP F 84 -29.62 33.45 -15.32
N ARG F 85 -29.00 34.29 -14.51
CA ARG F 85 -29.44 34.40 -13.11
C ARG F 85 -30.90 34.83 -13.05
N LEU F 86 -31.24 35.90 -13.76
CA LEU F 86 -32.62 36.36 -13.82
C LEU F 86 -33.53 35.28 -14.35
N LEU F 87 -33.01 34.39 -15.22
CA LEU F 87 -33.81 33.28 -15.71
C LEU F 87 -34.22 32.34 -14.58
N GLY F 88 -33.57 32.43 -13.42
CA GLY F 88 -33.90 31.61 -12.29
C GLY F 88 -33.05 30.38 -12.10
N ARG F 89 -32.06 30.17 -12.97
CA ARG F 89 -31.20 29.00 -12.87
C ARG F 89 -30.38 29.05 -11.59
N GLU F 90 -30.14 27.87 -11.00
CA GLU F 90 -29.39 27.77 -9.76
C GLU F 90 -27.94 28.18 -10.02
N VAL F 91 -27.54 29.34 -9.51
CA VAL F 91 -26.20 29.86 -9.74
C VAL F 91 -25.63 30.34 -8.40
N PRO F 92 -24.30 30.44 -8.31
CA PRO F 92 -23.69 30.86 -7.04
C PRO F 92 -23.74 32.37 -6.82
N GLU F 93 -23.10 32.83 -5.75
CA GLU F 93 -22.99 34.25 -5.45
C GLU F 93 -21.54 34.56 -5.06
N HIS F 94 -21.15 35.81 -5.28
CA HIS F 94 -19.79 36.31 -5.00
C HIS F 94 -18.75 35.27 -5.42
N ILE F 95 -18.72 34.99 -6.72
CA ILE F 95 -17.80 34.00 -7.27
C ILE F 95 -16.44 34.65 -7.50
N THR F 96 -15.39 33.84 -7.41
CA THR F 96 -14.04 34.34 -7.58
C THR F 96 -13.67 34.37 -9.08
N GLU F 97 -12.50 34.93 -9.37
CA GLU F 97 -12.08 35.08 -10.77
C GLU F 97 -11.67 33.75 -11.39
N GLU F 98 -10.99 32.89 -10.61
CA GLU F 98 -10.56 31.60 -11.14
C GLU F 98 -11.76 30.75 -11.54
N GLU F 99 -12.83 30.80 -10.75
CA GLU F 99 -14.03 30.05 -11.08
C GLU F 99 -14.65 30.54 -12.38
N LEU F 100 -14.68 31.86 -12.58
CA LEU F 100 -15.20 32.39 -13.84
C LEU F 100 -14.32 31.98 -15.02
N LYS F 101 -13.00 31.97 -14.82
CA LYS F 101 -12.11 31.50 -15.88
C LYS F 101 -12.41 30.05 -16.22
N THR F 102 -12.57 29.20 -15.21
CA THR F 102 -12.91 27.80 -15.46
C THR F 102 -14.24 27.67 -16.19
N LEU F 103 -15.23 28.48 -15.79
CA LEU F 103 -16.52 28.46 -16.47
C LEU F 103 -16.37 28.84 -17.94
N MET F 104 -15.59 29.88 -18.22
CA MET F 104 -15.34 30.27 -19.60
C MET F 104 -14.66 29.16 -20.37
N GLU F 105 -13.80 28.38 -19.71
CA GLU F 105 -13.13 27.27 -20.38
C GLU F 105 -14.11 26.24 -20.91
N CYS F 106 -15.33 26.20 -20.38
CA CYS F 106 -16.33 25.25 -20.84
C CYS F 106 -16.74 25.57 -22.27
N VAL F 107 -17.22 24.54 -22.99
CA VAL F 107 -17.55 24.72 -24.40
C VAL F 107 -18.82 25.55 -24.56
N SER F 108 -19.94 25.08 -24.02
CA SER F 108 -21.20 25.80 -24.16
C SER F 108 -22.34 25.11 -23.41
N ASN F 109 -23.34 25.90 -23.01
CA ASN F 109 -24.62 25.38 -22.53
C ASN F 109 -24.48 24.41 -21.37
N THR F 110 -24.53 23.10 -21.65
CA THR F 110 -24.66 22.11 -20.58
C THR F 110 -23.44 22.09 -19.68
N ALA F 111 -22.23 22.23 -20.24
CA ALA F 111 -21.04 22.22 -19.42
C ALA F 111 -21.07 23.37 -18.41
N LYS F 112 -21.36 24.58 -18.89
CA LYS F 112 -21.44 25.73 -18.01
C LYS F 112 -22.57 25.57 -17.00
N LYS F 113 -23.70 25.00 -17.42
CA LYS F 113 -24.81 24.79 -16.51
C LYS F 113 -24.43 23.84 -15.38
N LYS F 114 -23.77 22.73 -15.72
CA LYS F 114 -23.32 21.79 -14.70
C LYS F 114 -22.33 22.45 -13.76
N TYR F 115 -21.37 23.22 -14.30
CA TYR F 115 -20.39 23.87 -13.45
C TYR F 115 -21.05 24.87 -12.51
N LEU F 116 -22.01 25.65 -13.02
CA LEU F 116 -22.70 26.62 -12.19
C LEU F 116 -23.52 25.93 -11.11
N LYS F 117 -24.22 24.85 -11.45
CA LYS F 117 -24.96 24.11 -10.44
C LYS F 117 -24.03 23.56 -9.37
N TYR F 118 -22.86 23.13 -9.81
CA TYR F 118 -21.88 22.61 -8.83
C TYR F 118 -21.60 23.73 -7.87
N LEU F 119 -21.11 24.83 -8.41
CA LEU F 119 -20.66 25.91 -7.55
C LEU F 119 -21.77 26.38 -6.62
N TYR F 120 -23.00 26.43 -7.13
CA TYR F 120 -24.13 26.82 -6.28
C TYR F 120 -24.33 25.83 -5.14
N THR F 121 -24.26 24.53 -5.44
CA THR F 121 -24.41 23.53 -4.38
C THR F 121 -23.26 23.61 -3.39
N LYS F 122 -22.05 23.90 -3.88
CA LYS F 122 -20.92 24.06 -2.98
C LYS F 122 -21.16 25.21 -2.01
N GLU F 123 -21.63 26.35 -2.52
CA GLU F 123 -21.91 27.48 -1.66
C GLU F 123 -23.04 27.16 -0.68
N LYS F 124 -24.07 26.45 -1.15
CA LYS F 124 -25.17 26.06 -0.28
C LYS F 124 -24.68 25.19 0.88
N VAL F 125 -23.84 24.21 0.56
CA VAL F 125 -23.31 23.33 1.60
C VAL F 125 -22.43 24.12 2.56
N LYS F 126 -21.62 25.03 2.03
CA LYS F 126 -20.74 25.84 2.88
C LYS F 126 -21.56 26.67 3.85
N LYS F 127 -22.63 27.32 3.36
CA LYS F 127 -23.45 28.15 4.24
C LYS F 127 -24.21 27.31 5.25
N ALA F 128 -24.70 26.14 4.84
CA ALA F 128 -25.36 25.26 5.79
C ALA F 128 -24.41 24.82 6.89
N ARG F 129 -23.18 24.48 6.53
CA ARG F 129 -22.19 24.10 7.54
C ARG F 129 -21.87 25.27 8.45
N GLN F 130 -21.80 26.48 7.91
CA GLN F 130 -21.58 27.66 8.74
C GLN F 130 -22.70 27.83 9.76
N ILE F 131 -23.95 27.68 9.31
CA ILE F 131 -25.09 27.82 10.21
C ILE F 131 -25.04 26.75 11.29
N LYS F 132 -24.77 25.50 10.90
CA LYS F 132 -24.71 24.42 11.87
C LYS F 132 -23.58 24.65 12.87
N LYS F 133 -22.44 25.12 12.40
CA LYS F 133 -21.30 25.38 13.28
C LYS F 133 -21.63 26.50 14.27
N GLU F 134 -22.27 27.57 13.82
CA GLU F 134 -22.64 28.65 14.73
C GLU F 134 -23.66 28.16 15.75
N MET F 135 -24.64 27.36 15.31
CA MET F 135 -25.62 26.81 16.24
C MET F 135 -24.93 25.97 17.31
N LYS F 136 -24.00 25.10 16.90
CA LYS F 136 -23.31 24.26 17.86
C LYS F 136 -22.40 25.08 18.76
N ALA F 137 -21.82 26.17 18.25
CA ALA F 137 -21.00 27.02 19.09
C ALA F 137 -21.82 27.68 20.19
N ALA F 138 -22.98 28.23 19.82
CA ALA F 138 -23.85 28.82 20.84
C ALA F 138 -24.33 27.79 21.84
N ALA F 139 -24.71 26.60 21.35
CA ALA F 139 -25.15 25.54 22.24
C ALA F 139 -24.04 25.12 23.18
N ARG F 140 -22.80 25.04 22.67
CA ARG F 140 -21.68 24.66 23.51
C ARG F 140 -21.38 25.74 24.54
N GLU F 141 -21.53 27.01 24.17
CA GLU F 141 -21.32 28.08 25.14
C GLU F 141 -22.32 28.01 26.28
N GLU F 142 -23.61 27.92 25.95
CA GLU F 142 -24.62 27.87 27.01
C GLU F 142 -24.48 26.60 27.84
N ALA F 143 -24.26 25.46 27.19
CA ALA F 143 -24.03 24.22 27.94
C ALA F 143 -22.76 24.29 28.77
N LYS F 144 -21.75 25.04 28.31
CA LYS F 144 -20.53 25.18 29.08
C LYS F 144 -20.78 25.97 30.35
N ASN F 145 -21.58 27.04 30.27
CA ASN F 145 -21.95 27.73 31.50
C ASN F 145 -22.73 26.80 32.42
N ILE F 146 -23.67 26.01 31.85
CA ILE F 146 -24.44 25.08 32.67
C ILE F 146 -23.52 24.09 33.37
N LYS F 147 -22.53 23.59 32.63
CA LYS F 147 -21.58 22.63 33.23
C LYS F 147 -20.74 23.36 34.30
N LEU F 148 -20.48 24.66 34.11
CA LEU F 148 -19.79 25.44 35.14
C LEU F 148 -20.62 25.54 36.40
N LEU F 149 -21.96 25.51 36.28
CA LEU F 149 -22.80 25.65 37.47
C LEU F 149 -22.54 24.52 38.48
N GLU F 150 -22.18 23.33 38.03
CA GLU F 150 -21.97 22.22 38.96
C GLU F 150 -20.91 22.55 40.00
N THR F 151 -19.67 22.76 39.55
CA THR F 151 -18.55 23.01 40.46
C THR F 151 -18.38 21.86 41.46
N THR F 152 -18.52 20.62 40.97
CA THR F 152 -18.40 19.47 41.85
C THR F 152 -16.96 19.23 42.27
N GLU F 153 -16.00 19.57 41.41
CA GLU F 153 -14.58 19.38 41.72
C GLU F 153 -14.27 17.91 41.95
N GLU F 154 -13.12 17.63 42.57
CA GLU F 154 -12.71 16.26 42.87
C GLU F 154 -12.71 15.40 41.60
N ASP F 155 -12.15 15.96 40.54
CA ASP F 155 -12.17 15.32 39.22
C ASP F 155 -10.94 14.42 39.10
N LYS F 156 -11.16 13.12 39.23
CA LYS F 156 -10.12 12.09 39.09
C LYS F 156 -9.04 12.20 40.15
N GLN F 157 -9.22 13.07 41.16
CA GLN F 157 -8.21 13.33 42.18
C GLN F 157 -6.95 13.96 41.59
N LYS F 158 -6.98 14.35 40.32
CA LYS F 158 -5.79 14.81 39.60
C LYS F 158 -4.73 13.71 39.55
N ASN F 159 -5.18 12.46 39.53
CA ASN F 159 -4.28 11.30 39.46
C ASN F 159 -4.19 10.86 38.00
N PHE F 160 -3.44 11.64 37.22
CA PHE F 160 -3.28 11.42 35.79
C PHE F 160 -1.85 11.00 35.49
N LEU F 161 -1.71 9.95 34.68
CA LEU F 161 -0.38 9.48 34.29
C LEU F 161 0.16 10.20 33.06
N PHE F 162 -0.71 10.66 32.17
CA PHE F 162 -0.29 11.33 30.95
C PHE F 162 -1.10 12.60 30.76
N LEU F 163 -0.48 13.59 30.12
CA LEU F 163 -1.20 14.76 29.65
C LEU F 163 -2.00 14.39 28.40
N ARG F 164 -3.02 15.19 28.12
CA ARG F 164 -3.86 14.91 26.93
C ARG F 164 -3.18 15.52 25.74
N LEU F 165 -2.25 14.83 25.14
CA LEU F 165 -1.52 15.19 23.93
C LEU F 165 -1.53 14.03 22.96
N TRP F 166 -2.71 13.41 22.79
CA TRP F 166 -2.78 12.12 22.12
C TRP F 166 -2.67 12.24 20.61
N ASP F 167 -3.22 13.30 20.02
CA ASP F 167 -3.09 13.47 18.58
C ASP F 167 -1.62 13.63 18.18
N ARG F 168 -0.87 14.42 18.95
CA ARG F 168 0.55 14.58 18.69
C ARG F 168 1.29 13.26 18.76
N ASN F 169 1.00 12.47 19.80
CA ASN F 169 1.68 11.18 19.96
C ASN F 169 1.32 10.24 18.83
N MET F 170 0.06 10.22 18.41
CA MET F 170 -0.34 9.38 17.29
C MET F 170 0.38 9.79 16.02
N ASP F 171 0.49 11.09 15.77
CA ASP F 171 1.21 11.56 14.59
C ASP F 171 2.68 11.15 14.65
N ILE F 172 3.31 11.27 15.82
CA ILE F 172 4.72 10.92 15.94
C ILE F 172 4.93 9.43 15.74
N ALA F 173 4.04 8.61 16.30
CA ALA F 173 4.14 7.17 16.11
C ALA F 173 3.96 6.80 14.64
N MET F 174 3.00 7.43 13.97
CA MET F 174 2.82 7.19 12.54
C MET F 174 4.05 7.61 11.76
N GLY F 175 4.70 8.70 12.16
CA GLY F 175 5.92 9.10 11.48
C GLY F 175 7.05 8.10 11.65
N TRP F 176 7.23 7.59 12.87
CA TRP F 176 8.25 6.56 13.08
C TRP F 176 7.96 5.32 12.25
N LYS F 177 6.70 4.89 12.22
CA LYS F 177 6.33 3.73 11.41
C LYS F 177 6.56 3.99 9.93
N GLY F 178 6.27 5.21 9.48
CA GLY F 178 6.51 5.55 8.08
C GLY F 178 7.99 5.54 7.73
N ALA F 179 8.84 6.01 8.65
CA ALA F 179 10.28 5.91 8.42
C ALA F 179 10.72 4.46 8.33
N GLN F 180 10.23 3.62 9.24
CA GLN F 180 10.59 2.21 9.18
C GLN F 180 10.13 1.57 7.89
N ALA F 181 8.94 1.96 7.41
CA ALA F 181 8.44 1.42 6.14
C ALA F 181 9.25 1.91 4.97
N MET F 182 9.63 3.19 4.97
CA MET F 182 10.48 3.71 3.90
C MET F 182 11.82 2.99 3.86
N GLN F 183 12.28 2.48 5.00
CA GLN F 183 13.54 1.75 5.01
C GLN F 183 13.39 0.27 4.67
N PHE F 184 12.30 -0.38 5.12
CA PHE F 184 12.14 -1.81 4.96
C PHE F 184 10.77 -2.22 4.46
N GLY F 185 9.90 -1.28 4.12
CA GLY F 185 8.54 -1.62 3.74
C GLY F 185 8.44 -2.17 2.33
N GLN F 186 7.33 -2.85 2.08
CA GLN F 186 7.07 -3.38 0.75
C GLN F 186 6.69 -2.25 -0.19
N PRO F 187 7.31 -2.14 -1.38
CA PRO F 187 6.94 -1.06 -2.29
C PRO F 187 5.53 -1.23 -2.85
N LEU F 188 4.84 -0.11 -2.99
CA LEU F 188 3.57 -0.03 -3.69
C LEU F 188 3.57 1.25 -4.50
N VAL F 189 3.31 1.16 -5.80
CA VAL F 189 3.47 2.27 -6.72
C VAL F 189 2.11 2.79 -7.14
N PHE F 190 1.94 4.10 -7.11
CA PHE F 190 0.91 4.81 -7.85
C PHE F 190 1.60 5.53 -9.00
N ASP F 191 1.25 5.18 -10.24
CA ASP F 191 1.84 5.79 -11.42
C ASP F 191 0.93 6.91 -11.90
N MET F 192 1.42 8.14 -11.83
CA MET F 192 0.64 9.32 -12.18
C MET F 192 0.88 9.69 -13.64
N ALA F 193 0.59 8.74 -14.52
CA ALA F 193 0.78 8.88 -15.96
C ALA F 193 -0.54 8.92 -16.72
N TYR F 194 -1.53 9.59 -16.17
CA TYR F 194 -2.83 9.58 -16.86
C TYR F 194 -3.34 11.01 -17.01
N GLU F 195 -2.55 11.99 -16.60
CA GLU F 195 -3.01 13.37 -16.63
C GLU F 195 -3.61 13.74 -17.98
N ASN F 196 -3.18 13.06 -19.05
CA ASN F 196 -3.71 13.33 -20.39
C ASN F 196 -5.03 12.61 -20.63
N TYR F 197 -5.41 11.64 -19.80
CA TYR F 197 -6.66 10.91 -19.95
C TYR F 197 -7.74 11.41 -19.00
N MET F 198 -7.49 12.49 -18.25
CA MET F 198 -8.38 12.94 -17.20
C MET F 198 -8.73 14.41 -17.40
N LYS F 199 -10.00 14.73 -17.17
CA LYS F 199 -10.45 16.11 -17.15
C LYS F 199 -10.13 16.72 -15.80
N ARG F 200 -10.43 18.01 -15.65
CA ARG F 200 -10.12 18.70 -14.40
C ARG F 200 -10.83 18.07 -13.22
N LYS F 201 -12.12 17.79 -13.37
CA LYS F 201 -12.90 17.20 -12.28
C LYS F 201 -12.34 15.83 -11.90
N GLU F 202 -12.01 15.02 -12.90
CA GLU F 202 -11.39 13.72 -12.62
C GLU F 202 -10.04 13.88 -11.93
N LEU F 203 -9.30 14.93 -12.28
CA LEU F 203 -8.03 15.18 -11.60
C LEU F 203 -8.25 15.51 -10.14
N GLN F 204 -9.24 16.34 -9.83
CA GLN F 204 -9.54 16.64 -8.43
C GLN F 204 -9.95 15.38 -7.68
N ASN F 205 -10.77 14.54 -8.31
CA ASN F 205 -11.18 13.29 -7.68
C ASN F 205 -9.98 12.39 -7.43
N THR F 206 -9.07 12.30 -8.40
CA THR F 206 -7.88 11.47 -8.22
C THR F 206 -7.03 11.96 -7.07
N VAL F 207 -6.87 13.28 -6.94
CA VAL F 207 -6.08 13.82 -5.84
C VAL F 207 -6.75 13.51 -4.50
N SER F 208 -8.06 13.68 -4.42
CA SER F 208 -8.75 13.39 -3.17
C SER F 208 -8.59 11.93 -2.77
N GLN F 209 -8.76 11.02 -3.74
CA GLN F 209 -8.61 9.60 -3.45
C GLN F 209 -7.17 9.25 -3.09
N LEU F 210 -6.19 9.95 -3.69
CA LEU F 210 -4.79 9.73 -3.31
C LEU F 210 -4.54 10.13 -1.87
N LEU F 211 -5.07 11.28 -1.45
CA LEU F 211 -4.97 11.65 -0.03
C LEU F 211 -5.58 10.60 0.87
N GLU F 212 -6.79 10.14 0.54
CA GLU F 212 -7.43 9.16 1.42
C GLU F 212 -6.62 7.87 1.47
N SER F 213 -6.08 7.44 0.33
CA SER F 213 -5.26 6.23 0.28
C SER F 213 -4.00 6.38 1.13
N GLU F 214 -3.30 7.51 0.98
CA GLU F 214 -2.10 7.73 1.77
C GLU F 214 -2.41 7.74 3.26
N GLY F 215 -3.51 8.40 3.64
CA GLY F 215 -3.90 8.42 5.04
C GLY F 215 -4.17 7.03 5.57
N TRP F 216 -4.89 6.21 4.79
CA TRP F 216 -5.14 4.83 5.23
C TRP F 216 -3.85 4.06 5.36
N ASN F 217 -2.89 4.29 4.46
CA ASN F 217 -1.61 3.60 4.55
C ASN F 217 -0.86 3.99 5.82
N ARG F 218 -0.87 5.29 6.17
CA ARG F 218 -0.11 5.72 7.33
C ARG F 218 -0.59 5.04 8.61
N ARG F 219 -1.91 4.94 8.79
CA ARG F 219 -2.44 4.39 10.04
C ARG F 219 -2.14 2.91 10.20
N ASN F 220 -1.80 2.21 9.13
CA ASN F 220 -1.72 0.75 9.18
C ASN F 220 -0.60 0.29 10.11
N VAL F 221 -0.79 -0.91 10.67
CA VAL F 221 0.23 -1.49 11.53
C VAL F 221 1.48 -1.83 10.74
N ASP F 222 1.34 -2.16 9.46
CA ASP F 222 2.47 -2.45 8.58
C ASP F 222 2.28 -1.67 7.28
N PRO F 223 2.67 -0.41 7.26
CA PRO F 223 2.44 0.40 6.06
C PRO F 223 3.25 -0.07 4.87
N PHE F 224 2.73 0.20 3.68
CA PHE F 224 3.51 0.07 2.46
C PHE F 224 4.56 1.17 2.40
N HIS F 225 5.55 0.98 1.53
CA HIS F 225 6.42 2.07 1.09
C HIS F 225 5.82 2.59 -0.21
N ILE F 226 5.17 3.75 -0.14
CA ILE F 226 4.42 4.27 -1.28
C ILE F 226 5.36 5.04 -2.19
N TYR F 227 5.27 4.75 -3.48
CA TYR F 227 5.99 5.46 -4.53
C TYR F 227 4.98 6.21 -5.38
N PHE F 228 5.31 7.45 -5.72
CA PHE F 228 4.52 8.25 -6.67
C PHE F 228 5.35 8.37 -7.94
N CYS F 229 5.19 7.38 -8.82
CA CYS F 229 5.99 7.30 -10.03
C CYS F 229 5.33 8.06 -11.17
N ASN F 230 6.17 8.48 -12.12
CA ASN F 230 5.73 9.23 -13.29
C ASN F 230 5.06 10.55 -12.93
N LEU F 231 5.36 11.08 -11.75
CA LEU F 231 4.74 12.32 -11.28
C LEU F 231 5.56 13.50 -11.78
N LYS F 232 5.12 14.10 -12.89
CA LYS F 232 5.82 15.26 -13.43
C LYS F 232 5.84 16.38 -12.40
N ILE F 233 6.98 17.06 -12.30
CA ILE F 233 7.16 18.05 -11.24
C ILE F 233 6.19 19.21 -11.42
N ASP F 234 6.10 19.74 -12.64
CA ASP F 234 5.26 20.90 -12.92
C ASP F 234 3.91 20.52 -13.51
N GLY F 235 3.56 19.25 -13.48
CA GLY F 235 2.30 18.81 -14.05
C GLY F 235 1.11 19.26 -13.21
N ALA F 236 -0.08 19.11 -13.79
CA ALA F 236 -1.29 19.50 -13.09
C ALA F 236 -1.50 18.68 -11.83
N LEU F 237 -1.23 17.37 -11.91
CA LEU F 237 -1.47 16.51 -10.75
C LEU F 237 -0.52 16.84 -9.61
N HIS F 238 0.76 17.05 -9.91
CA HIS F 238 1.71 17.43 -8.88
C HIS F 238 1.35 18.79 -8.30
N ARG F 239 0.93 19.72 -9.15
CA ARG F 239 0.52 21.04 -8.67
C ARG F 239 -0.64 20.93 -7.70
N GLU F 240 -1.65 20.12 -8.04
CA GLU F 240 -2.80 19.96 -7.16
C GLU F 240 -2.41 19.26 -5.87
N LEU F 241 -1.54 18.25 -5.94
CA LEU F 241 -1.10 17.57 -4.72
C LEU F 241 -0.37 18.54 -3.80
N VAL F 242 0.51 19.36 -4.35
CA VAL F 242 1.22 20.34 -3.54
C VAL F 242 0.25 21.33 -2.92
N LYS F 243 -0.69 21.84 -3.73
CA LYS F 243 -1.67 22.79 -3.21
C LYS F 243 -2.47 22.17 -2.07
N ARG F 244 -2.83 20.89 -2.22
CA ARG F 244 -3.71 20.25 -1.24
C ARG F 244 -2.96 19.90 0.03
N TYR F 245 -1.67 19.56 -0.07
CA TYR F 245 -0.91 19.11 1.09
C TYR F 245 -0.15 20.23 1.81
N GLN F 246 0.11 21.35 1.14
CA GLN F 246 0.84 22.46 1.76
C GLN F 246 2.22 21.95 2.20
N GLU F 247 2.78 22.50 3.27
CA GLU F 247 4.14 22.16 3.67
C GLU F 247 4.30 20.70 4.04
N LYS F 248 3.19 20.00 4.30
CA LYS F 248 3.28 18.57 4.58
C LYS F 248 3.85 17.80 3.41
N TRP F 249 3.73 18.32 2.19
CA TRP F 249 4.16 17.57 1.02
C TRP F 249 5.62 17.14 1.15
N ASP F 250 6.49 18.07 1.53
CA ASP F 250 7.90 17.75 1.67
C ASP F 250 8.18 16.81 2.84
N LYS F 251 7.21 16.59 3.72
CA LYS F 251 7.38 15.75 4.90
C LYS F 251 6.61 14.44 4.82
N LEU F 252 5.89 14.19 3.73
CA LEU F 252 5.21 12.91 3.57
C LEU F 252 6.24 11.80 3.42
N LEU F 253 6.07 10.73 4.17
CA LEU F 253 7.03 9.62 4.17
C LEU F 253 6.72 8.69 3.01
N LEU F 254 7.06 9.16 1.81
CA LEU F 254 6.88 8.40 0.59
C LEU F 254 7.84 8.92 -0.45
N THR F 255 8.08 8.11 -1.48
CA THR F 255 9.02 8.43 -2.54
C THR F 255 8.26 8.94 -3.76
N SER F 256 8.47 10.20 -4.11
CA SER F 256 7.87 10.80 -5.29
C SER F 256 8.97 11.07 -6.31
N THR F 257 8.79 10.58 -7.53
CA THR F 257 9.82 10.67 -8.54
C THR F 257 9.20 10.79 -9.93
N GLU F 258 9.95 11.42 -10.84
CA GLU F 258 9.53 11.51 -12.23
C GLU F 258 9.75 10.21 -12.99
N LYS F 259 10.62 9.33 -12.51
CA LYS F 259 10.95 8.10 -13.21
C LYS F 259 9.79 7.11 -13.10
N SER F 260 9.77 6.17 -14.03
CA SER F 260 8.71 5.16 -14.06
C SER F 260 9.02 4.02 -13.10
N HIS F 261 7.98 3.23 -12.81
CA HIS F 261 8.15 2.07 -11.94
C HIS F 261 9.11 1.04 -12.54
N VAL F 262 9.34 1.08 -13.85
CA VAL F 262 10.25 0.14 -14.48
C VAL F 262 11.71 0.56 -14.31
N ASP F 263 11.97 1.83 -14.02
CA ASP F 263 13.32 2.30 -13.76
C ASP F 263 13.75 2.10 -12.31
N LEU F 264 12.82 1.75 -11.42
CA LEU F 264 13.13 1.62 -10.00
C LEU F 264 13.14 0.18 -9.52
N PHE F 265 12.38 -0.72 -10.14
CA PHE F 265 12.27 -2.09 -9.69
C PHE F 265 12.48 -3.04 -10.85
N PRO F 266 12.95 -4.26 -10.59
CA PRO F 266 13.08 -5.24 -11.68
C PRO F 266 11.73 -5.52 -12.33
N LYS F 267 11.76 -5.66 -13.65
CA LYS F 267 10.52 -5.89 -14.40
C LYS F 267 9.84 -7.18 -13.99
N ASP F 268 10.58 -8.13 -13.41
CA ASP F 268 9.99 -9.41 -13.05
C ASP F 268 9.15 -9.30 -11.78
N SER F 269 9.51 -8.40 -10.86
CA SER F 269 8.80 -8.28 -9.60
C SER F 269 7.56 -7.40 -9.68
N ILE F 270 7.36 -6.69 -10.79
CA ILE F 270 6.27 -5.74 -10.92
C ILE F 270 5.02 -6.49 -11.37
N ILE F 271 3.93 -6.30 -10.64
CA ILE F 271 2.60 -6.73 -11.06
C ILE F 271 1.74 -5.48 -11.16
N TYR F 272 1.17 -5.25 -12.33
CA TYR F 272 0.38 -4.05 -12.59
C TYR F 272 -1.10 -4.42 -12.45
N LEU F 273 -1.77 -3.85 -11.46
CA LEU F 273 -3.15 -4.17 -11.19
C LEU F 273 -4.06 -3.46 -12.18
N THR F 274 -4.90 -4.22 -12.88
CA THR F 274 -5.92 -3.67 -13.77
C THR F 274 -7.16 -4.52 -13.66
N ALA F 275 -8.31 -3.91 -13.99
CA ALA F 275 -9.56 -4.65 -14.02
C ALA F 275 -9.77 -5.40 -15.33
N ASP F 276 -8.97 -5.12 -16.36
CA ASP F 276 -9.11 -5.75 -17.66
C ASP F 276 -8.07 -6.81 -17.93
N SER F 277 -7.26 -7.17 -16.94
CA SER F 277 -6.21 -8.15 -17.18
C SER F 277 -6.81 -9.55 -17.35
N PRO F 278 -6.29 -10.37 -18.26
CA PRO F 278 -6.77 -11.75 -18.35
C PRO F 278 -6.53 -12.54 -17.07
N ASN F 279 -5.42 -12.29 -16.38
CA ASN F 279 -5.09 -13.02 -15.18
C ASN F 279 -5.91 -12.53 -13.99
N VAL F 280 -6.15 -13.42 -13.03
CA VAL F 280 -6.91 -13.12 -11.83
C VAL F 280 -5.99 -13.31 -10.64
N MET F 281 -5.91 -12.28 -9.79
CA MET F 281 -5.10 -12.37 -8.58
C MET F 281 -5.67 -13.43 -7.65
N THR F 282 -4.80 -14.30 -7.15
CA THR F 282 -5.19 -15.36 -6.23
C THR F 282 -4.68 -15.12 -4.82
N THR F 283 -3.40 -14.81 -4.67
CA THR F 283 -2.80 -14.56 -3.37
C THR F 283 -1.97 -13.29 -3.43
N PHE F 284 -1.94 -12.58 -2.31
CA PHE F 284 -1.06 -11.42 -2.18
C PHE F 284 0.37 -11.89 -1.98
N ARG F 285 1.28 -11.37 -2.78
CA ARG F 285 2.68 -11.75 -2.74
C ARG F 285 3.50 -10.62 -2.13
N HIS F 286 4.34 -10.95 -1.14
CA HIS F 286 5.08 -9.96 -0.39
C HIS F 286 6.40 -9.58 -1.04
N ASP F 287 6.84 -10.31 -2.06
CA ASP F 287 8.05 -9.98 -2.81
C ASP F 287 7.73 -9.32 -4.13
N LYS F 288 6.46 -9.00 -4.38
CA LYS F 288 6.02 -8.39 -5.63
C LYS F 288 5.70 -6.92 -5.40
N VAL F 289 5.99 -6.09 -6.39
CA VAL F 289 5.69 -4.66 -6.34
C VAL F 289 4.39 -4.44 -7.11
N TYR F 290 3.33 -4.09 -6.41
CA TYR F 290 2.03 -3.86 -7.03
C TYR F 290 1.94 -2.41 -7.50
N VAL F 291 1.44 -2.23 -8.72
CA VAL F 291 1.33 -0.92 -9.35
C VAL F 291 -0.15 -0.62 -9.55
N ILE F 292 -0.62 0.47 -8.95
CA ILE F 292 -2.00 0.93 -9.07
C ILE F 292 -1.99 2.19 -9.93
N GLY F 293 -2.85 2.21 -10.94
CA GLY F 293 -2.96 3.39 -11.78
C GLY F 293 -3.75 4.49 -11.11
N SER F 294 -3.09 5.60 -10.78
CA SER F 294 -3.79 6.71 -10.15
C SER F 294 -4.69 7.38 -11.18
N PHE F 295 -5.74 6.67 -11.58
CA PHE F 295 -6.60 7.07 -12.67
C PHE F 295 -8.04 7.03 -12.20
N VAL F 296 -8.77 8.12 -12.46
CA VAL F 296 -10.20 8.19 -12.18
C VAL F 296 -10.88 8.58 -13.48
N ASP F 297 -11.56 7.63 -14.11
CA ASP F 297 -12.21 7.84 -15.40
C ASP F 297 -13.71 7.61 -15.23
N LYS F 298 -14.43 8.67 -14.84
CA LYS F 298 -15.88 8.62 -14.88
C LYS F 298 -16.41 8.61 -16.31
N SER F 299 -15.55 8.91 -17.28
CA SER F 299 -15.80 8.62 -18.69
C SER F 299 -15.02 7.35 -19.01
N MET F 300 -15.74 6.25 -19.22
CA MET F 300 -15.11 4.94 -19.30
C MET F 300 -14.08 4.90 -20.42
N GLN F 301 -12.88 4.42 -20.10
CA GLN F 301 -11.81 4.20 -21.07
C GLN F 301 -11.18 2.84 -20.79
N PRO F 302 -11.90 1.75 -21.09
CA PRO F 302 -11.37 0.42 -20.77
C PRO F 302 -10.06 0.13 -21.49
N GLY F 303 -9.16 -0.58 -20.81
CA GLY F 303 -7.93 -1.03 -21.40
C GLY F 303 -6.78 -0.04 -21.37
N THR F 304 -6.99 1.16 -20.83
CA THR F 304 -5.92 2.15 -20.81
C THR F 304 -4.77 1.70 -19.91
N SER F 305 -5.08 1.31 -18.68
CA SER F 305 -4.04 0.81 -17.79
C SER F 305 -3.44 -0.48 -18.32
N LEU F 306 -4.28 -1.37 -18.88
CA LEU F 306 -3.76 -2.58 -19.49
C LEU F 306 -2.85 -2.26 -20.67
N ALA F 307 -3.26 -1.31 -21.51
CA ALA F 307 -2.42 -0.93 -22.63
C ALA F 307 -1.08 -0.38 -22.16
N LYS F 308 -1.11 0.48 -21.12
CA LYS F 308 0.14 1.03 -20.59
C LYS F 308 1.04 -0.08 -20.06
N ALA F 309 0.46 -1.03 -19.32
CA ALA F 309 1.26 -2.14 -18.80
C ALA F 309 1.80 -3.01 -19.92
N LYS F 310 1.10 -3.08 -21.05
CA LYS F 310 1.54 -3.94 -22.15
C LYS F 310 2.74 -3.34 -22.88
N ARG F 311 2.82 -2.00 -22.98
CA ARG F 311 3.97 -1.39 -23.62
C ARG F 311 5.25 -1.77 -22.90
N LEU F 312 5.24 -1.78 -21.57
CA LEU F 312 6.39 -2.21 -20.79
C LEU F 312 6.46 -3.73 -20.64
N ASN F 313 5.42 -4.46 -21.07
CA ASN F 313 5.40 -5.92 -21.01
C ASN F 313 5.40 -6.41 -19.57
N LEU F 314 4.61 -5.77 -18.72
CA LEU F 314 4.53 -6.11 -17.31
C LEU F 314 3.41 -7.10 -17.06
N ALA F 315 3.61 -7.98 -16.10
CA ALA F 315 2.56 -8.89 -15.68
C ALA F 315 1.41 -8.10 -15.08
N THR F 316 0.19 -8.54 -15.36
CA THR F 316 -1.02 -7.86 -14.90
C THR F 316 -1.92 -8.83 -14.16
N GLU F 317 -2.62 -8.31 -13.16
CA GLU F 317 -3.55 -9.10 -12.37
C GLU F 317 -4.80 -8.27 -12.11
N CYS F 318 -5.91 -8.95 -11.88
CA CYS F 318 -7.17 -8.31 -11.56
C CYS F 318 -7.72 -8.90 -10.27
N LEU F 319 -8.40 -8.06 -9.50
CA LEU F 319 -8.97 -8.51 -8.25
C LEU F 319 -10.08 -9.53 -8.51
N PRO F 320 -10.17 -10.58 -7.70
CA PRO F 320 -11.26 -11.56 -7.89
C PRO F 320 -12.56 -11.01 -7.34
N LEU F 321 -13.44 -10.59 -8.24
CA LEU F 321 -14.75 -10.07 -7.87
C LEU F 321 -15.89 -10.94 -8.37
N ASP F 322 -15.73 -11.62 -9.49
CA ASP F 322 -16.72 -12.60 -9.93
C ASP F 322 -16.63 -13.87 -9.10
N LYS F 323 -15.43 -14.23 -8.63
CA LYS F 323 -15.27 -15.45 -7.87
C LYS F 323 -15.93 -15.36 -6.50
N TYR F 324 -15.80 -14.21 -5.83
CA TYR F 324 -16.20 -14.07 -4.43
C TYR F 324 -17.47 -13.27 -4.23
N LEU F 325 -17.85 -12.41 -5.16
CA LEU F 325 -19.02 -11.55 -5.01
C LEU F 325 -19.97 -11.73 -6.17
N GLN F 326 -21.26 -11.71 -5.87
CA GLN F 326 -22.30 -11.65 -6.91
C GLN F 326 -22.46 -10.18 -7.27
N TRP F 327 -21.92 -9.79 -8.42
CA TRP F 327 -21.64 -8.37 -8.64
C TRP F 327 -22.91 -7.52 -8.72
N GLU F 328 -24.00 -8.12 -9.15
CA GLU F 328 -25.23 -7.31 -9.15
C GLU F 328 -25.08 -6.20 -10.18
N ILE F 329 -25.25 -4.94 -9.81
CA ILE F 329 -25.14 -3.79 -10.70
C ILE F 329 -24.06 -2.86 -10.17
N GLY F 330 -23.15 -2.46 -11.03
CA GLY F 330 -22.10 -1.54 -10.65
C GLY F 330 -20.95 -1.59 -11.62
N ASN F 331 -19.93 -0.80 -11.30
CA ASN F 331 -18.71 -0.73 -12.09
C ASN F 331 -17.60 -1.52 -11.42
N LYS F 332 -16.83 -2.26 -12.21
CA LYS F 332 -15.84 -3.18 -11.67
C LYS F 332 -14.53 -2.52 -11.31
N ASN F 333 -14.36 -1.23 -11.58
CA ASN F 333 -13.13 -0.51 -11.24
C ASN F 333 -13.36 0.26 -9.94
N LEU F 334 -12.61 -0.10 -8.90
CA LEU F 334 -12.74 0.53 -7.60
C LEU F 334 -11.90 1.79 -7.52
N THR F 335 -12.06 2.52 -6.42
CA THR F 335 -11.30 3.73 -6.19
C THR F 335 -9.93 3.40 -5.60
N LEU F 336 -9.05 4.40 -5.60
CA LEU F 336 -7.69 4.18 -5.10
C LEU F 336 -7.71 3.82 -3.61
N ASP F 337 -8.54 4.51 -2.83
CA ASP F 337 -8.61 4.23 -1.40
C ASP F 337 -9.09 2.80 -1.13
N GLN F 338 -10.12 2.37 -1.84
CA GLN F 338 -10.60 1.00 -1.68
C GLN F 338 -9.52 -0.01 -2.08
N MET F 339 -8.81 0.28 -3.17
CA MET F 339 -7.75 -0.61 -3.62
C MET F 339 -6.66 -0.75 -2.56
N ILE F 340 -6.21 0.38 -2.01
CA ILE F 340 -5.14 0.33 -1.02
C ILE F 340 -5.63 -0.37 0.25
N ARG F 341 -6.88 -0.15 0.63
CA ARG F 341 -7.40 -0.82 1.82
C ARG F 341 -7.46 -2.34 1.61
N ILE F 342 -7.90 -2.77 0.43
CA ILE F 342 -7.93 -4.20 0.12
C ILE F 342 -6.52 -4.78 0.19
N LEU F 343 -5.56 -4.08 -0.43
CA LEU F 343 -4.19 -4.58 -0.47
C LEU F 343 -3.58 -4.61 0.94
N LEU F 344 -3.91 -3.62 1.77
CA LEU F 344 -3.40 -3.61 3.14
C LEU F 344 -3.99 -4.74 3.95
N CYS F 345 -5.29 -5.02 3.76
CA CYS F 345 -5.90 -6.16 4.45
C CYS F 345 -5.25 -7.46 4.02
N LEU F 346 -4.97 -7.60 2.73
CA LEU F 346 -4.32 -8.83 2.24
C LEU F 346 -2.89 -8.95 2.78
N LYS F 347 -2.16 -7.83 2.85
CA LYS F 347 -0.77 -7.88 3.29
C LYS F 347 -0.67 -8.28 4.77
N ASN F 348 -1.69 -7.98 5.56
CA ASN F 348 -1.71 -8.33 6.98
C ASN F 348 -2.31 -9.69 7.25
N ASN F 349 -2.21 -10.62 6.30
CA ASN F 349 -2.70 -11.99 6.42
C ASN F 349 -4.22 -12.07 6.48
N GLY F 350 -4.91 -11.04 6.02
CA GLY F 350 -6.36 -11.12 5.91
C GLY F 350 -6.78 -12.02 4.76
N ASN F 351 -7.98 -12.59 4.88
CA ASN F 351 -8.50 -13.45 3.83
C ASN F 351 -9.13 -12.60 2.74
N TRP F 352 -9.73 -13.28 1.76
CA TRP F 352 -10.37 -12.55 0.66
C TRP F 352 -11.71 -11.96 1.07
N GLN F 353 -12.44 -12.60 1.98
CA GLN F 353 -13.69 -12.03 2.46
C GLN F 353 -13.44 -10.73 3.21
N GLU F 354 -12.52 -10.75 4.18
CA GLU F 354 -12.20 -9.55 4.92
C GLU F 354 -11.65 -8.47 4.01
N ALA F 355 -10.75 -8.84 3.09
CA ALA F 355 -10.17 -7.86 2.18
C ALA F 355 -11.23 -7.23 1.30
N LEU F 356 -12.16 -8.04 0.78
CA LEU F 356 -13.19 -7.56 -0.12
C LEU F 356 -14.38 -6.95 0.61
N GLN F 357 -14.37 -6.94 1.94
CA GLN F 357 -15.40 -6.19 2.66
C GLN F 357 -15.36 -4.71 2.33
N PHE F 358 -14.24 -4.22 1.80
CA PHE F 358 -14.12 -2.82 1.42
C PHE F 358 -14.77 -2.50 0.08
N VAL F 359 -15.17 -3.51 -0.70
CA VAL F 359 -15.91 -3.23 -1.92
C VAL F 359 -17.26 -2.60 -1.55
N PRO F 360 -17.68 -1.52 -2.19
CA PRO F 360 -18.96 -0.90 -1.81
C PRO F 360 -20.10 -1.90 -1.85
N LYS F 361 -20.91 -1.91 -0.79
CA LYS F 361 -21.99 -2.88 -0.71
C LYS F 361 -23.05 -2.63 -1.77
N ARG F 362 -23.26 -1.39 -2.17
CA ARG F 362 -24.29 -1.09 -3.15
C ARG F 362 -24.04 -1.78 -4.48
N LYS F 363 -22.80 -2.18 -4.75
CA LYS F 363 -22.48 -2.79 -6.04
C LYS F 363 -22.87 -4.26 -6.07
N HIS F 364 -22.31 -5.06 -5.18
CA HIS F 364 -22.63 -6.48 -5.12
C HIS F 364 -23.76 -6.72 -4.13
N THR F 365 -24.17 -7.99 -4.01
CA THR F 365 -25.24 -8.38 -3.10
C THR F 365 -24.81 -9.31 -1.98
N GLY F 366 -23.64 -9.93 -2.07
CA GLY F 366 -23.17 -10.79 -1.00
C GLY F 366 -21.91 -11.52 -1.41
N PHE F 367 -21.29 -12.15 -0.42
CA PHE F 367 -20.08 -12.93 -0.64
C PHE F 367 -20.48 -14.36 -1.01
N LEU F 368 -20.07 -14.80 -2.19
CA LEU F 368 -20.45 -16.12 -2.67
C LEU F 368 -20.00 -17.19 -1.68
N GLU F 369 -20.91 -18.10 -1.37
CA GLU F 369 -20.64 -19.16 -0.40
C GLU F 369 -20.01 -20.37 -1.07
PA NAD H . 31.92 8.29 7.84
O1A NAD H . 31.65 7.19 6.89
O2A NAD H . 32.22 9.65 7.32
O5B NAD H . 33.06 7.85 8.85
C5B NAD H . 33.62 6.54 8.69
C4B NAD H . 35.09 6.68 8.37
O4B NAD H . 35.75 5.44 8.68
C3B NAD H . 35.44 6.99 6.93
O3B NAD H . 36.47 7.95 6.87
C2B NAD H . 35.93 5.64 6.40
O2B NAD H . 36.89 5.74 5.37
C1B NAD H . 36.63 5.12 7.64
N9A NAD H . 36.78 3.69 7.63
C8A NAD H . 35.78 2.78 7.41
N7A NAD H . 36.19 1.54 7.47
C5A NAD H . 37.53 1.65 7.76
C6A NAD H . 38.52 0.68 7.96
N6A NAD H . 38.29 -0.63 7.89
N1A NAD H . 39.77 1.11 8.23
C2A NAD H . 39.99 2.42 8.30
N3A NAD H . 39.14 3.42 8.13
C4A NAD H . 37.91 2.96 7.86
O3 NAD H . 30.69 8.44 8.83
PN NAD H . 30.80 9.09 10.26
O1N NAD H . 29.46 9.51 10.72
O2N NAD H . 31.90 10.07 10.26
O5D NAD H . 31.26 7.82 11.09
C5D NAD H . 32.06 8.12 12.22
C4D NAD H . 31.78 7.09 13.29
O4D NAD H . 30.69 7.55 14.08
C3D NAD H . 31.39 5.70 12.78
O3D NAD H . 32.09 4.74 13.57
C2D NAD H . 29.90 5.66 13.09
O2D NAD H . 29.45 4.35 13.35
C1D NAD H . 29.80 6.50 14.33
N1N NAD H . 28.48 7.10 14.52
C2N NAD H . 27.96 7.92 13.59
C3N NAD H . 26.76 8.52 13.72
C7N NAD H . 26.26 9.44 12.64
O7N NAD H . 25.35 10.22 12.88
N7N NAD H . 26.88 9.39 11.47
C4N NAD H . 26.07 8.30 14.89
C5N NAD H . 26.58 7.48 15.85
C6N NAD H . 27.80 6.89 15.63
PA NAD I . 30.48 -24.02 30.57
O1A NAD I . 31.81 -24.07 29.93
O2A NAD I . 30.08 -25.10 31.50
O5B NAD I . 29.36 -23.84 29.45
C5B NAD I . 29.76 -23.36 28.15
C4B NAD I . 29.21 -24.32 27.12
O4B NAD I . 29.39 -23.76 25.80
C3B NAD I . 29.88 -25.69 27.07
O3B NAD I . 28.88 -26.70 27.03
C2B NAD I . 30.64 -25.67 25.75
O2B NAD I . 30.79 -26.94 25.17
C1B NAD I . 29.69 -24.82 24.93
N9A NAD I . 30.26 -24.29 23.72
C8A NAD I . 31.35 -23.46 23.61
N7A NAD I . 31.62 -23.15 22.36
C5A NAD I . 30.65 -23.79 21.63
C6A NAD I . 30.39 -23.85 20.24
N6A NAD I . 31.13 -23.22 19.33
N1A NAD I . 29.35 -24.58 19.84
C2A NAD I . 28.61 -25.21 20.76
N3A NAD I . 28.76 -25.23 22.07
C4A NAD I . 29.80 -24.50 22.45
O3 NAD I . 30.32 -22.64 31.33
PN NAD I . 28.93 -22.03 31.76
O1N NAD I . 29.11 -21.20 32.97
O2N NAD I . 27.91 -23.10 31.80
O5D NAD I . 28.63 -21.10 30.52
C5D NAD I . 27.30 -20.59 30.47
C4D NAD I . 27.30 -19.25 29.79
O4D NAD I . 27.12 -18.22 30.78
C3D NAD I . 28.58 -18.88 29.04
O3D NAD I . 28.22 -18.16 27.88
C2D NAD I . 29.29 -17.99 30.04
O2D NAD I . 30.18 -17.11 29.38
C1D NAD I . 28.12 -17.25 30.68
N1N NAD I . 28.41 -16.81 32.06
C2N NAD I . 28.85 -17.71 32.98
C3N NAD I . 29.07 -17.31 34.28
C7N NAD I . 29.57 -18.30 35.30
O7N NAD I . 29.50 -18.02 36.49
N7N NAD I . 30.01 -19.46 34.86
C4N NAD I . 28.81 -16.01 34.61
C5N NAD I . 28.37 -15.14 33.69
C6N NAD I . 28.18 -15.54 32.40
PA NAD J . -3.83 1.92 41.49
O1A NAD J . -4.22 3.31 41.83
O2A NAD J . -4.86 0.96 41.05
O5B NAD J . -3.02 1.30 42.72
C5B NAD J . -2.49 2.20 43.70
C4B NAD J . -2.93 1.73 45.05
O4B NAD J . -2.23 2.49 46.07
C3B NAD J . -4.41 1.90 45.37
O3B NAD J . -4.91 0.74 46.02
C2B NAD J . -4.43 3.09 46.33
O2B NAD J . -5.49 3.07 47.25
C1B NAD J . -3.13 2.83 47.07
N9A NAD J . -2.62 4.02 47.72
C8A NAD J . -2.43 5.24 47.15
N7A NAD J . -1.93 6.12 47.97
C5A NAD J . -1.77 5.43 49.16
C6A NAD J . -1.27 5.81 50.40
N6A NAD J . -0.83 7.04 50.65
N1A NAD J . -1.24 4.89 51.38
C2A NAD J . -1.68 3.66 51.10
N3A NAD J . -2.17 3.19 49.96
C4A NAD J . -2.19 4.13 49.01
O3 NAD J . -2.70 1.95 40.39
PN NAD J . -1.70 0.75 40.13
O1N NAD J . -1.13 0.88 38.76
O2N NAD J . -2.36 -0.51 40.52
O5D NAD J . -0.59 1.08 41.20
C5D NAD J . 0.50 0.15 41.25
C4D NAD J . 1.79 0.93 41.25
O4D NAD J . 2.43 0.75 39.99
C3D NAD J . 1.66 2.45 41.44
O3D NAD J . 2.72 2.89 42.27
C2D NAD J . 1.86 2.94 40.01
O2D NAD J . 2.33 4.27 39.97
C1D NAD J . 2.89 1.98 39.49
N1N NAD J . 2.86 1.86 38.02
C2N NAD J . 1.66 1.75 37.41
C3N NAD J . 1.64 1.62 36.04
C7N NAD J . 0.33 1.49 35.35
O7N NAD J . 0.30 1.31 34.14
N7N NAD J . -0.76 1.50 36.10
C4N NAD J . 2.79 1.59 35.33
C5N NAD J . 3.97 1.72 35.97
C6N NAD J . 4.00 1.85 37.33
PA NAD K . 29.41 21.60 49.94
O1A NAD K . 28.80 21.29 51.27
O2A NAD K . 30.55 22.53 49.87
O5B NAD K . 28.26 22.08 48.95
C5B NAD K . 26.92 22.24 49.47
C4B NAD K . 26.53 23.68 49.34
O4B NAD K . 25.07 23.76 49.32
C3B NAD K . 26.96 24.61 50.48
O3B NAD K . 27.44 25.84 49.96
C2B NAD K . 25.67 24.84 51.26
O2B NAD K . 25.62 26.08 51.91
C1B NAD K . 24.66 24.82 50.14
N9A NAD K . 23.32 24.52 50.59
C8A NAD K . 22.93 23.43 51.31
N7A NAD K . 21.65 23.41 51.57
C5A NAD K . 21.17 24.56 50.97
C6A NAD K . 19.88 25.10 50.89
N6A NAD K . 18.81 24.54 51.43
N1A NAD K . 19.72 26.26 50.21
C2A NAD K . 20.82 26.83 49.68
N3A NAD K . 22.08 26.41 49.69
C4A NAD K . 22.18 25.25 50.36
O3 NAD K . 29.83 20.24 49.28
PN NAD K . 30.01 19.98 47.72
O1N NAD K . 30.88 18.80 47.52
O2N NAD K . 30.37 21.26 47.06
O5D NAD K . 28.53 19.61 47.32
C5D NAD K . 28.16 19.99 45.99
C4D NAD K . 27.11 19.04 45.51
O4D NAD K . 27.75 17.90 44.94
C3D NAD K . 26.17 18.49 46.59
O3D NAD K . 24.84 18.56 46.07
C2D NAD K . 26.64 17.04 46.72
O2D NAD K . 25.59 16.19 47.13
C1D NAD K . 27.09 16.73 45.31
N1N NAD K . 28.10 15.65 45.26
C2N NAD K . 29.27 15.83 45.88
C3N NAD K . 30.21 14.92 45.74
C7N NAD K . 31.54 15.13 46.43
O7N NAD K . 32.50 14.44 46.08
N7N NAD K . 31.61 16.09 47.33
C4N NAD K . 30.00 13.82 45.01
C5N NAD K . 28.84 13.62 44.38
C6N NAD K . 27.88 14.58 44.51
ZN ZN L . -29.76 -23.15 -42.60
N SAH M . -10.14 1.72 -16.52
CA SAH M . -9.23 2.39 -15.58
CB SAH M . -9.56 2.03 -14.14
CG SAH M . -9.38 3.13 -13.16
SD SAH M . -9.56 2.46 -11.49
C SAH M . -7.84 1.88 -15.93
O SAH M . -7.50 1.88 -17.13
OXT SAH M . -7.17 1.48 -14.99
C5' SAH M . -8.10 3.00 -10.61
C4' SAH M . -7.10 1.90 -10.48
O4' SAH M . -7.53 0.96 -9.47
C3' SAH M . -6.99 1.04 -11.72
O3' SAH M . -6.12 1.70 -12.61
C2' SAH M . -6.34 -0.21 -11.14
O2' SAH M . -4.99 0.04 -10.86
C1' SAH M . -7.08 -0.33 -9.82
N9 SAH M . -8.24 -1.20 -9.87
C8 SAH M . -9.56 -0.84 -9.73
N7 SAH M . -10.37 -1.85 -9.80
C5 SAH M . -9.55 -2.94 -10.01
C6 SAH M . -9.82 -4.30 -10.17
N6 SAH M . -11.05 -4.80 -10.14
N1 SAH M . -8.77 -5.13 -10.34
C2 SAH M . -7.55 -4.61 -10.36
N3 SAH M . -7.17 -3.35 -10.22
C4 SAH M . -8.23 -2.55 -10.05
#